data_9Q9L
#
_entry.id   9Q9L
#
_cell.length_a   1.00
_cell.length_b   1.00
_cell.length_c   1.00
_cell.angle_alpha   90.00
_cell.angle_beta   90.00
_cell.angle_gamma   90.00
#
_symmetry.space_group_name_H-M   'P 1'
#
_entity_poly.entity_id   1
_entity_poly.type   'polypeptide(L)'
_entity_poly.pdbx_seq_one_letter_code
;MHQGAPSWGRRWFVVWALLGLTLGVLVASAAPSSPGTPGVAAATQAANGGPATPAPPALGAAPTGDPKPKKNKKPKNPTP
PRPAGDNATVAAGHATLREHLRDIKAENTDANFYVCPPPTGATVVQFEQPRRCPTRPEGQNYTEGIAVVFKENIAPYKFK
ATMYYKDVTVSQVWFGHRYSQFMGIFEDRAPVPFEEVIDKINAKGVCRSTAKYVRNNLETTAFHRDDHETDMELKPANAA
TRTSRGWHTTDLKYNPSRVEAFHRYGTTVNCIVEEVDARSVYPYDEFVLATGDFVYMSPFYGYREGSHTEHTSYAADRFK
QVDGFYARDLTTKARATAPTTRNLLTTPKFTVAWDWVPKRPSVCTMTKWQEVDEMLRSEYGGSFRFSSDAICTTFTTNLT
EYPLSRVDLGDCIGKDARDAMDRIFARRYNATHIKVGQPQYYLANGGFLIAYQPLLSNTLAELYVREHLREQSRKPPNPT
PPPPGASANASVERIKTTSSIEFARLQFTYNHIQRPVNDMLGRVAIAWCELCNHELTLWNEARKLNPNAIASVTVGRRVS
ARMLGDVMAVSTCVPVAADNVIVQNSMRISSRPGACYSRPLVSFRYEDQGPLVEGQLGENNELRLTRDAIEPCTVGHRRY
FTFGGGYVYFEEYAYSHQLSRADITTVSTFIDLNITMLEDHEFVPLEVYTRHEIKDSGLLDYTEVQRRVQLHDLRFADID
TVIHADANAAMFAGLGAFFEGMGDLGRAVGKVVMGIVGGVVSAVSGVSSFMSNPFGALAVGLLVLAGLAAAFFAFRYVMR
LQSNPMKALYPLTTKELKNPTNPDASGEGEEGGDFDEAKLAEAREMIRYMALVSAMERTEHKAKKKGTSALLSAKVTDMV
MRKRRNTNATQVPNKDGDADEDDLQLGSGSGTLEVLFQGPGGSGSAWSHPQFEKGGGSGGGSGGSAWSHPQFEK
;
_entity_poly.pdbx_strand_id   A,B,C
#
# COMPACT_ATOMS: atom_id res chain seq x y z
N VAL A 90 51.76 -23.09 -9.34
CA VAL A 90 52.20 -21.75 -8.91
C VAL A 90 51.03 -20.78 -8.88
N ALA A 91 51.05 -19.82 -7.96
CA ALA A 91 50.00 -18.83 -7.78
C ALA A 91 49.96 -17.70 -8.80
N ALA A 92 50.97 -17.55 -9.67
CA ALA A 92 51.05 -16.51 -10.67
C ALA A 92 49.83 -16.40 -11.58
N GLY A 93 49.28 -17.54 -12.03
CA GLY A 93 48.10 -17.58 -12.88
C GLY A 93 46.84 -17.11 -12.15
N HIS A 94 46.69 -17.50 -10.88
CA HIS A 94 45.59 -17.07 -10.05
C HIS A 94 45.65 -15.57 -9.80
N ALA A 95 46.85 -15.03 -9.53
CA ALA A 95 47.09 -13.62 -9.29
C ALA A 95 46.75 -12.75 -10.50
N THR A 96 47.23 -13.10 -11.71
CA THR A 96 46.90 -12.34 -12.89
C THR A 96 45.41 -12.47 -13.21
N LEU A 97 44.77 -13.60 -12.92
CA LEU A 97 43.35 -13.74 -13.10
C LEU A 97 42.59 -12.82 -12.15
N ARG A 98 43.06 -12.60 -10.92
CA ARG A 98 42.44 -11.63 -10.02
C ARG A 98 42.51 -10.24 -10.64
N GLU A 99 43.67 -9.87 -11.19
CA GLU A 99 43.88 -8.58 -11.82
C GLU A 99 42.94 -8.35 -13.01
N HIS A 100 42.80 -9.33 -13.91
CA HIS A 100 41.90 -9.23 -15.04
C HIS A 100 40.46 -9.08 -14.57
N LEU A 101 40.03 -9.87 -13.60
CA LEU A 101 38.68 -9.81 -13.05
C LEU A 101 38.40 -8.48 -12.39
N ARG A 102 39.37 -7.90 -11.68
CA ARG A 102 39.25 -6.60 -11.03
C ARG A 102 39.13 -5.49 -12.06
N ASP A 103 39.99 -5.47 -13.09
CA ASP A 103 39.95 -4.46 -14.13
C ASP A 103 38.64 -4.44 -14.90
N ILE A 104 38.06 -5.62 -15.17
CA ILE A 104 36.81 -5.78 -15.90
C ILE A 104 35.61 -5.25 -15.13
N LYS A 105 35.65 -5.22 -13.79
CA LYS A 105 34.58 -4.68 -12.95
C LYS A 105 34.82 -3.27 -12.45
N ALA A 106 36.06 -2.81 -12.39
CA ALA A 106 36.44 -1.48 -11.96
C ALA A 106 36.20 -0.39 -13.00
N GLU A 107 35.86 -0.76 -14.24
CA GLU A 107 35.59 0.15 -15.33
C GLU A 107 34.42 1.10 -15.05
N ASN A 108 34.47 2.30 -15.65
CA ASN A 108 33.44 3.32 -15.47
C ASN A 108 32.15 2.99 -16.21
N THR A 109 31.01 3.39 -15.62
CA THR A 109 29.67 3.24 -16.15
C THR A 109 28.76 4.29 -15.53
N ASP A 110 27.80 4.82 -16.30
CA ASP A 110 26.88 5.84 -15.87
C ASP A 110 25.55 5.81 -16.61
N ALA A 111 24.59 6.59 -16.13
CA ALA A 111 23.25 6.77 -16.67
C ALA A 111 22.76 8.18 -16.40
N ASN A 112 21.81 8.67 -17.20
CA ASN A 112 21.27 10.01 -17.06
C ASN A 112 20.25 10.15 -15.93
N PHE A 113 20.02 11.40 -15.52
CA PHE A 113 19.00 11.79 -14.57
C PHE A 113 17.79 12.27 -15.37
N TYR A 114 16.59 12.32 -14.78
CA TYR A 114 15.40 12.75 -15.49
C TYR A 114 14.53 13.70 -14.68
N VAL A 115 14.03 14.74 -15.35
CA VAL A 115 13.07 15.68 -14.78
C VAL A 115 11.73 15.30 -15.39
N CYS A 116 10.78 14.88 -14.55
CA CYS A 116 9.47 14.43 -14.99
C CYS A 116 8.38 15.44 -14.64
N PRO A 117 7.97 16.33 -15.55
CA PRO A 117 6.93 17.30 -15.29
C PRO A 117 5.58 16.61 -15.14
N PRO A 118 4.73 17.02 -14.19
CA PRO A 118 3.45 16.38 -13.95
C PRO A 118 2.47 16.54 -15.11
N PRO A 119 1.73 15.50 -15.50
CA PRO A 119 0.80 15.57 -16.62
C PRO A 119 -0.43 16.42 -16.33
N THR A 120 -0.86 17.20 -17.33
CA THR A 120 -1.99 18.11 -17.25
C THR A 120 -3.31 17.50 -17.69
N GLY A 121 -3.30 16.32 -18.30
CA GLY A 121 -4.49 15.63 -18.79
C GLY A 121 -4.74 15.76 -20.29
N ALA A 122 -3.79 16.31 -21.05
CA ALA A 122 -3.90 16.46 -22.49
C ALA A 122 -3.88 15.14 -23.26
N THR A 123 -3.35 14.08 -22.66
CA THR A 123 -3.28 12.73 -23.22
C THR A 123 -3.68 11.74 -22.14
N VAL A 124 -4.74 10.96 -22.37
CA VAL A 124 -5.25 9.97 -21.44
C VAL A 124 -5.48 8.62 -22.11
N VAL A 125 -5.38 7.54 -21.34
CA VAL A 125 -5.55 6.17 -21.79
C VAL A 125 -6.34 5.33 -20.80
N GLN A 126 -6.97 4.27 -21.29
CA GLN A 126 -7.73 3.31 -20.49
C GLN A 126 -7.14 1.91 -20.62
N PHE A 127 -7.46 1.04 -19.67
CA PHE A 127 -6.95 -0.32 -19.58
C PHE A 127 -7.97 -1.39 -19.88
N GLU A 128 -7.50 -2.63 -20.06
CA GLU A 128 -8.34 -3.80 -20.28
C GLU A 128 -8.94 -4.34 -18.99
N GLN A 129 -9.99 -5.16 -19.12
CA GLN A 129 -10.73 -5.75 -18.01
C GLN A 129 -10.92 -7.25 -18.14
N PRO A 130 -11.03 -7.99 -17.04
CA PRO A 130 -11.30 -9.43 -17.06
C PRO A 130 -12.62 -9.78 -17.72
N ARG A 131 -12.72 -10.99 -18.28
CA ARG A 131 -13.88 -11.50 -18.98
C ARG A 131 -14.45 -12.74 -18.31
N ARG A 132 -15.76 -13.00 -18.47
CA ARG A 132 -16.42 -14.18 -17.97
C ARG A 132 -15.96 -15.36 -18.81
N CYS A 133 -15.08 -16.20 -18.25
CA CYS A 133 -14.51 -17.34 -18.95
C CYS A 133 -15.43 -18.55 -18.90
N PRO A 134 -15.72 -19.24 -20.01
CA PRO A 134 -16.59 -20.40 -20.02
C PRO A 134 -16.06 -21.58 -19.22
N THR A 135 -16.96 -22.39 -18.65
CA THR A 135 -16.64 -23.58 -17.88
C THR A 135 -16.38 -24.82 -18.74
N ARG A 136 -16.90 -24.84 -19.97
CA ARG A 136 -16.81 -25.89 -20.97
C ARG A 136 -17.00 -25.32 -22.37
N PRO A 137 -16.55 -25.99 -23.44
CA PRO A 137 -16.68 -25.50 -24.80
C PRO A 137 -18.11 -25.17 -25.22
N GLU A 138 -18.30 -24.05 -25.91
CA GLU A 138 -19.59 -23.55 -26.36
C GLU A 138 -19.79 -23.51 -27.88
N GLY A 139 -18.79 -23.04 -28.63
CA GLY A 139 -18.85 -22.81 -30.05
C GLY A 139 -18.80 -24.01 -30.98
N GLN A 140 -19.23 -23.76 -32.22
CA GLN A 140 -19.28 -24.68 -33.35
C GLN A 140 -18.29 -24.29 -34.44
N ASN A 141 -18.05 -25.18 -35.40
CA ASN A 141 -17.19 -24.95 -36.55
C ASN A 141 -15.81 -24.39 -36.21
N TYR A 142 -15.15 -24.88 -35.16
CA TYR A 142 -13.82 -24.42 -34.79
C TYR A 142 -12.80 -24.65 -35.89
N THR A 143 -11.88 -23.70 -36.07
CA THR A 143 -10.83 -23.74 -37.07
C THR A 143 -9.64 -22.86 -36.69
N GLU A 144 -8.47 -23.16 -37.27
CA GLU A 144 -7.20 -22.47 -37.09
C GLU A 144 -6.88 -21.56 -38.27
N GLY A 145 -6.07 -20.51 -38.07
CA GLY A 145 -5.68 -19.63 -39.13
C GLY A 145 -4.70 -18.53 -38.74
N ILE A 146 -4.25 -17.79 -39.76
CA ILE A 146 -3.36 -16.64 -39.68
C ILE A 146 -4.23 -15.39 -39.78
N ALA A 147 -3.89 -14.32 -39.08
CA ALA A 147 -4.66 -13.08 -39.10
C ALA A 147 -3.83 -11.81 -39.03
N VAL A 148 -4.35 -10.74 -39.62
CA VAL A 148 -3.77 -9.41 -39.62
C VAL A 148 -4.88 -8.44 -39.23
N VAL A 149 -4.65 -7.60 -38.21
CA VAL A 149 -5.64 -6.68 -37.69
C VAL A 149 -5.29 -5.24 -38.03
N PHE A 150 -6.26 -4.51 -38.61
CA PHE A 150 -6.15 -3.11 -38.97
C PHE A 150 -7.04 -2.26 -38.08
N LYS A 151 -6.56 -1.05 -37.74
CA LYS A 151 -7.23 -0.07 -36.91
C LYS A 151 -7.39 1.23 -37.68
N GLU A 152 -8.43 2.03 -37.38
CA GLU A 152 -8.66 3.29 -38.05
C GLU A 152 -7.53 4.28 -37.83
N ASN A 153 -7.09 4.95 -38.90
CA ASN A 153 -6.01 5.93 -38.87
C ASN A 153 -6.50 7.33 -38.53
N ILE A 154 -6.19 7.80 -37.31
CA ILE A 154 -6.53 9.13 -36.84
C ILE A 154 -5.55 10.20 -37.28
N ALA A 155 -4.38 9.81 -37.82
CA ALA A 155 -3.33 10.67 -38.33
C ALA A 155 -3.03 11.89 -37.45
N PRO A 156 -2.37 11.73 -36.31
CA PRO A 156 -2.05 12.85 -35.44
C PRO A 156 -1.08 13.83 -36.10
N TYR A 157 -1.25 15.11 -35.80
CA TYR A 157 -0.45 16.23 -36.29
C TYR A 157 0.02 17.10 -35.15
N LYS A 158 1.33 17.12 -34.89
CA LYS A 158 1.97 17.88 -33.83
C LYS A 158 2.67 19.12 -34.37
N PHE A 159 2.53 20.25 -33.67
CA PHE A 159 3.13 21.52 -34.00
C PHE A 159 3.43 22.34 -32.75
N LYS A 160 3.98 23.55 -32.92
CA LYS A 160 4.37 24.45 -31.84
C LYS A 160 3.54 25.72 -31.82
N ALA A 161 3.13 26.19 -30.64
CA ALA A 161 2.32 27.38 -30.44
C ALA A 161 2.81 28.22 -29.26
N THR A 162 2.35 29.47 -29.17
CA THR A 162 2.72 30.42 -28.13
C THR A 162 1.50 31.08 -27.51
N MET A 163 1.44 31.17 -26.17
CA MET A 163 0.36 31.77 -25.41
C MET A 163 0.75 33.09 -24.76
N TYR A 164 -0.21 34.02 -24.62
CA TYR A 164 -0.02 35.31 -24.01
C TYR A 164 -1.20 35.68 -23.11
N TYR A 165 -0.95 36.06 -21.85
CA TYR A 165 -1.96 36.47 -20.91
C TYR A 165 -1.38 37.34 -19.81
N LYS A 166 -2.25 38.04 -19.06
CA LYS A 166 -1.91 38.91 -17.95
C LYS A 166 -2.70 38.55 -16.70
N ASP A 167 -1.97 38.38 -15.58
CA ASP A 167 -2.52 38.11 -14.27
C ASP A 167 -2.65 39.43 -13.50
N VAL A 168 -3.76 39.61 -12.78
CA VAL A 168 -4.09 40.81 -12.05
C VAL A 168 -4.54 40.49 -10.63
N THR A 169 -4.06 41.25 -9.64
CA THR A 169 -4.50 41.13 -8.25
C THR A 169 -4.81 42.51 -7.69
N VAL A 170 -5.83 42.61 -6.84
CA VAL A 170 -6.31 43.83 -6.22
C VAL A 170 -6.61 43.57 -4.75
N SER A 171 -6.21 44.50 -3.87
CA SER A 171 -6.46 44.42 -2.44
C SER A 171 -6.53 45.80 -1.82
N GLN A 172 -7.37 45.97 -0.79
CA GLN A 172 -7.57 47.23 -0.11
C GLN A 172 -6.44 47.52 0.88
N VAL A 173 -5.36 48.12 0.40
CA VAL A 173 -4.18 48.46 1.19
C VAL A 173 -4.35 49.75 2.00
N TRP A 174 -5.41 50.53 1.77
CA TRP A 174 -5.68 51.77 2.49
C TRP A 174 -5.86 51.58 3.99
N PHE A 175 -6.24 50.38 4.44
CA PHE A 175 -6.35 50.02 5.84
C PHE A 175 -4.99 49.91 6.54
N GLY A 176 -3.90 49.88 5.79
CA GLY A 176 -2.53 49.73 6.25
C GLY A 176 -2.05 48.30 6.07
N HIS A 177 -0.75 48.12 5.83
CA HIS A 177 -0.12 46.84 5.57
C HIS A 177 -0.35 45.78 6.66
N ARG A 178 -0.58 46.20 7.90
CA ARG A 178 -0.84 45.33 9.04
C ARG A 178 -2.30 44.90 9.19
N TYR A 179 -3.24 45.49 8.44
CA TYR A 179 -4.66 45.21 8.53
C TYR A 179 -5.33 44.86 7.21
N SER A 180 -4.72 45.17 6.07
CA SER A 180 -5.25 44.92 4.75
C SER A 180 -5.61 43.46 4.48
N GLN A 181 -4.88 42.50 5.05
CA GLN A 181 -5.13 41.08 4.89
C GLN A 181 -6.50 40.65 5.37
N PHE A 182 -7.09 41.34 6.34
CA PHE A 182 -8.43 41.03 6.86
C PHE A 182 -9.52 41.38 5.86
N MET A 183 -9.24 42.26 4.90
CA MET A 183 -10.17 42.66 3.85
C MET A 183 -10.14 41.74 2.64
N GLY A 184 -9.12 40.90 2.51
CA GLY A 184 -8.94 39.94 1.44
C GLY A 184 -8.29 40.48 0.17
N ILE A 185 -8.25 39.61 -0.85
CA ILE A 185 -7.67 39.84 -2.16
C ILE A 185 -8.63 39.35 -3.23
N PHE A 186 -8.64 40.03 -4.38
CA PHE A 186 -9.38 39.70 -5.59
C PHE A 186 -8.37 39.51 -6.71
N GLU A 187 -8.53 38.49 -7.56
CA GLU A 187 -7.62 38.23 -8.66
C GLU A 187 -8.31 37.71 -9.92
N ASP A 188 -7.69 37.96 -11.08
CA ASP A 188 -8.18 37.58 -12.40
C ASP A 188 -7.07 37.33 -13.41
N ARG A 189 -7.41 36.69 -14.54
CA ARG A 189 -6.55 36.33 -15.65
C ARG A 189 -7.23 36.78 -16.94
N ALA A 190 -6.54 37.57 -17.77
CA ALA A 190 -7.07 38.15 -19.00
C ALA A 190 -6.16 38.06 -20.22
N PRO A 191 -6.70 38.01 -21.43
CA PRO A 191 -5.93 37.93 -22.66
C PRO A 191 -5.23 39.23 -23.04
N VAL A 192 -4.17 39.12 -23.84
CA VAL A 192 -3.37 40.22 -24.36
C VAL A 192 -3.85 40.59 -25.76
N PRO A 193 -4.15 41.85 -26.08
CA PRO A 193 -4.59 42.25 -27.40
C PRO A 193 -3.48 42.20 -28.44
N PHE A 194 -3.84 41.95 -29.70
CA PHE A 194 -2.91 41.81 -30.82
C PHE A 194 -1.92 42.94 -30.98
N GLU A 195 -2.34 44.18 -30.72
CA GLU A 195 -1.51 45.37 -30.83
C GLU A 195 -0.31 45.31 -29.89
N GLU A 196 -0.49 44.84 -28.66
CA GLU A 196 0.59 44.70 -27.69
C GLU A 196 1.54 43.58 -28.09
N VAL A 197 1.03 42.49 -28.67
CA VAL A 197 1.85 41.37 -29.11
C VAL A 197 2.80 41.78 -30.22
N ILE A 198 2.31 42.49 -31.24
CA ILE A 198 3.10 42.90 -32.38
C ILE A 198 3.97 44.13 -32.11
N ASP A 199 3.41 45.16 -31.47
CA ASP A 199 4.10 46.43 -31.24
C ASP A 199 5.01 46.49 -30.02
N LYS A 200 4.86 45.61 -29.04
CA LYS A 200 5.67 45.61 -27.83
C LYS A 200 6.40 44.30 -27.57
N ILE A 201 5.71 43.17 -27.55
CA ILE A 201 6.33 41.90 -27.23
C ILE A 201 7.29 41.44 -28.30
N ASN A 202 6.87 41.36 -29.58
CA ASN A 202 7.75 40.97 -30.66
C ASN A 202 8.81 42.02 -30.98
N ALA A 203 8.46 43.30 -30.82
CA ALA A 203 9.34 44.42 -31.13
C ALA A 203 10.48 44.65 -30.15
N LYS A 204 10.24 44.53 -28.84
CA LYS A 204 11.24 44.79 -27.81
C LYS A 204 11.31 43.81 -26.65
N GLY A 205 10.23 43.07 -26.37
CA GLY A 205 10.17 42.12 -25.26
C GLY A 205 9.63 42.73 -23.97
N VAL A 206 8.61 43.58 -24.09
CA VAL A 206 8.00 44.28 -22.98
C VAL A 206 6.48 44.33 -23.02
N CYS A 207 5.84 44.64 -21.90
CA CYS A 207 4.40 44.78 -21.74
C CYS A 207 4.06 46.13 -21.11
N ARG A 208 2.85 46.67 -21.32
CA ARG A 208 2.39 47.98 -20.89
C ARG A 208 2.11 48.25 -19.42
N SER A 209 2.24 47.30 -18.49
CA SER A 209 1.96 47.49 -17.07
C SER A 209 0.55 47.89 -16.68
N THR A 210 -0.45 47.63 -17.54
CA THR A 210 -1.85 47.93 -17.33
C THR A 210 -2.73 46.87 -18.00
N ALA A 211 -3.94 46.65 -17.49
CA ALA A 211 -4.88 45.66 -17.99
C ALA A 211 -6.32 45.98 -17.65
N LYS A 212 -7.27 45.38 -18.37
CA LYS A 212 -8.70 45.51 -18.13
C LYS A 212 -9.24 44.22 -17.52
N TYR A 213 -10.07 44.33 -16.49
CA TYR A 213 -10.68 43.23 -15.78
C TYR A 213 -12.14 43.50 -15.47
N VAL A 214 -12.90 42.47 -15.11
CA VAL A 214 -14.31 42.57 -14.79
C VAL A 214 -14.57 42.19 -13.33
N ARG A 215 -15.28 43.06 -12.61
CA ARG A 215 -15.71 42.90 -11.23
C ARG A 215 -17.01 43.67 -11.04
N ASN A 216 -17.94 43.15 -10.24
CA ASN A 216 -19.24 43.73 -10.01
C ASN A 216 -20.00 44.00 -11.31
N ASN A 217 -19.84 43.10 -12.28
CA ASN A 217 -20.41 43.10 -13.61
C ASN A 217 -20.01 44.28 -14.51
N LEU A 218 -18.90 44.95 -14.21
CA LEU A 218 -18.39 46.10 -14.96
C LEU A 218 -16.88 46.00 -15.20
N GLU A 219 -16.41 46.64 -16.27
CA GLU A 219 -15.00 46.70 -16.63
C GLU A 219 -14.26 47.81 -15.88
N THR A 220 -13.05 47.49 -15.40
CA THR A 220 -12.18 48.38 -14.66
C THR A 220 -10.74 48.21 -15.12
N THR A 221 -9.93 49.26 -15.06
CA THR A 221 -8.53 49.24 -15.45
C THR A 221 -7.60 49.14 -14.25
N ALA A 222 -6.67 48.19 -14.32
CA ALA A 222 -5.63 47.91 -13.33
C ALA A 222 -4.32 48.56 -13.72
N PHE A 223 -3.45 48.81 -12.73
CA PHE A 223 -2.15 49.44 -12.88
C PHE A 223 -1.11 48.81 -11.97
N HIS A 224 0.06 48.44 -12.51
CA HIS A 224 1.13 47.84 -11.75
C HIS A 224 1.60 48.77 -10.64
N ARG A 225 1.45 48.37 -9.38
CA ARG A 225 1.79 49.14 -8.19
C ARG A 225 1.13 50.52 -8.16
N ASP A 226 -0.03 50.64 -8.81
CA ASP A 226 -0.81 51.84 -8.95
C ASP A 226 -0.14 52.97 -9.72
N ASP A 227 0.93 52.67 -10.46
CA ASP A 227 1.71 53.60 -11.27
C ASP A 227 1.27 53.66 -12.73
N HIS A 228 1.75 54.67 -13.47
CA HIS A 228 1.43 54.90 -14.86
C HIS A 228 2.01 53.86 -15.82
N GLU A 229 1.44 53.79 -17.03
CA GLU A 229 1.82 52.89 -18.10
C GLU A 229 3.31 52.89 -18.38
N THR A 230 3.95 51.72 -18.26
CA THR A 230 5.40 51.56 -18.39
C THR A 230 5.78 50.23 -19.04
N ASP A 231 6.84 50.21 -19.83
CA ASP A 231 7.35 49.03 -20.50
C ASP A 231 8.09 48.11 -19.54
N MET A 232 7.45 47.03 -19.08
CA MET A 232 8.03 46.05 -18.18
C MET A 232 8.82 44.99 -18.93
N GLU A 233 10.05 44.69 -18.51
CA GLU A 233 10.93 43.72 -19.15
C GLU A 233 10.60 42.26 -18.83
N LEU A 234 10.47 41.43 -19.86
CA LEU A 234 10.24 40.00 -19.74
C LEU A 234 11.53 39.26 -19.42
N LYS A 235 11.50 38.45 -18.35
CA LYS A 235 12.62 37.69 -17.83
C LYS A 235 12.38 36.19 -17.93
N PRO A 236 13.36 35.35 -18.22
CA PRO A 236 13.17 33.91 -18.32
C PRO A 236 12.82 33.24 -17.00
N ALA A 237 11.94 32.24 -17.05
CA ALA A 237 11.56 31.44 -15.90
C ALA A 237 12.70 30.47 -15.58
N ASN A 238 13.15 30.43 -14.32
CA ASN A 238 14.29 29.63 -13.94
C ASN A 238 14.10 28.12 -14.01
N ALA A 239 12.97 27.59 -13.55
CA ALA A 239 12.71 26.16 -13.53
C ALA A 239 12.26 25.54 -14.85
N ALA A 240 11.92 26.35 -15.86
CA ALA A 240 11.46 25.88 -17.15
C ALA A 240 12.53 25.08 -17.90
N THR A 241 12.09 23.98 -18.53
CA THR A 241 12.91 23.03 -19.28
C THR A 241 13.53 23.63 -20.54
N ARG A 242 14.40 22.89 -21.23
CA ARG A 242 15.06 23.32 -22.45
C ARG A 242 14.06 23.71 -23.53
N THR A 243 13.02 22.88 -23.67
CA THR A 243 11.85 23.02 -24.52
C THR A 243 10.69 23.53 -23.66
N SER A 244 9.57 23.96 -24.24
CA SER A 244 8.44 24.49 -23.47
C SER A 244 8.83 25.62 -22.52
N ARG A 245 9.61 26.58 -23.03
CA ARG A 245 10.12 27.75 -22.33
C ARG A 245 9.04 28.74 -21.91
N GLY A 246 9.37 29.63 -20.98
CA GLY A 246 8.46 30.65 -20.48
C GLY A 246 9.17 31.89 -19.93
N TRP A 247 8.46 33.02 -19.92
CA TRP A 247 8.94 34.31 -19.47
C TRP A 247 7.88 35.04 -18.63
N HIS A 248 8.30 35.84 -17.65
CA HIS A 248 7.46 36.58 -16.73
C HIS A 248 8.01 37.98 -16.51
N THR A 249 7.19 38.95 -16.09
CA THR A 249 7.65 40.29 -15.77
C THR A 249 8.04 40.47 -14.31
N THR A 250 7.48 39.68 -13.37
CA THR A 250 7.76 39.73 -11.96
C THR A 250 8.28 38.39 -11.43
N ASP A 251 8.92 38.39 -10.27
CA ASP A 251 9.55 37.21 -9.68
C ASP A 251 8.80 36.56 -8.52
N LEU A 252 7.57 36.97 -8.21
CA LEU A 252 6.77 36.43 -7.13
C LEU A 252 6.40 34.95 -7.26
N LYS A 253 6.50 34.39 -8.46
CA LYS A 253 6.23 32.98 -8.73
C LYS A 253 7.28 32.07 -8.10
N TYR A 254 8.50 32.56 -7.88
CA TYR A 254 9.60 31.82 -7.28
C TYR A 254 10.07 32.35 -5.94
N ASN A 255 10.04 33.66 -5.69
CA ASN A 255 10.47 34.25 -4.44
C ASN A 255 9.47 34.09 -3.31
N PRO A 256 9.89 33.85 -2.06
CA PRO A 256 9.01 33.68 -0.94
C PRO A 256 8.32 34.94 -0.45
N SER A 257 8.75 36.13 -0.88
CA SER A 257 8.19 37.41 -0.49
C SER A 257 6.72 37.61 -0.83
N ARG A 258 6.12 36.73 -1.64
CA ARG A 258 4.71 36.74 -2.02
C ARG A 258 3.76 36.74 -0.82
N VAL A 259 4.20 36.22 0.33
CA VAL A 259 3.43 36.18 1.56
C VAL A 259 3.08 37.56 2.09
N GLU A 260 3.83 38.60 1.71
CA GLU A 260 3.61 39.98 2.08
C GLU A 260 3.40 40.92 0.89
N ALA A 261 3.96 40.63 -0.28
CA ALA A 261 3.86 41.46 -1.47
C ALA A 261 2.43 41.78 -1.89
N PHE A 262 1.51 40.82 -1.83
CA PHE A 262 0.11 41.04 -2.18
C PHE A 262 -0.62 41.97 -1.22
N HIS A 263 -0.07 42.21 -0.03
CA HIS A 263 -0.59 43.11 0.98
C HIS A 263 0.19 44.42 1.04
N ARG A 264 1.27 44.56 0.27
CA ARG A 264 2.15 45.71 0.23
C ARG A 264 1.74 46.76 -0.82
N TYR A 265 1.07 46.35 -1.88
CA TYR A 265 0.61 47.20 -2.97
C TYR A 265 -0.87 46.99 -3.25
N GLY A 266 -1.58 48.05 -3.61
CA GLY A 266 -3.01 48.02 -3.88
C GLY A 266 -3.43 47.23 -5.11
N THR A 267 -2.56 47.15 -6.13
CA THR A 267 -2.81 46.42 -7.36
C THR A 267 -1.51 45.94 -8.00
N THR A 268 -1.53 44.73 -8.56
CA THR A 268 -0.42 44.11 -9.25
C THR A 268 -0.84 43.63 -10.63
N VAL A 269 0.09 43.67 -11.59
CA VAL A 269 -0.10 43.22 -12.95
C VAL A 269 1.16 42.50 -13.40
N ASN A 270 1.04 41.29 -13.93
CA ASN A 270 2.14 40.47 -14.40
C ASN A 270 1.84 39.88 -15.77
N CYS A 271 2.75 40.07 -16.73
CA CYS A 271 2.65 39.61 -18.10
C CYS A 271 3.36 38.27 -18.28
N ILE A 272 2.69 37.29 -18.89
CA ILE A 272 3.21 35.95 -19.11
C ILE A 272 3.29 35.62 -20.59
N VAL A 273 4.31 34.86 -20.98
CA VAL A 273 4.55 34.35 -22.32
C VAL A 273 5.04 32.92 -22.20
N GLU A 274 4.47 31.96 -22.96
CA GLU A 274 4.84 30.57 -22.89
C GLU A 274 4.86 29.88 -24.25
N GLU A 275 5.87 29.03 -24.49
CA GLU A 275 5.95 28.18 -25.66
C GLU A 275 5.37 26.82 -25.28
N VAL A 276 4.53 26.22 -26.13
CA VAL A 276 3.89 24.95 -25.84
C VAL A 276 3.68 24.09 -27.09
N ASP A 277 3.65 22.78 -26.87
CA ASP A 277 3.32 21.82 -27.91
C ASP A 277 1.83 21.83 -28.14
N ALA A 278 1.40 21.53 -29.37
CA ALA A 278 0.00 21.45 -29.75
C ALA A 278 -0.23 20.21 -30.61
N ARG A 279 -1.42 19.60 -30.52
CA ARG A 279 -1.79 18.41 -31.26
C ARG A 279 -3.21 18.49 -31.80
N SER A 280 -3.39 17.98 -33.02
CA SER A 280 -4.66 17.87 -33.72
C SER A 280 -4.75 16.51 -34.39
N VAL A 281 -5.95 15.96 -34.54
CA VAL A 281 -6.22 14.66 -35.16
C VAL A 281 -7.36 14.79 -36.16
N TYR A 282 -7.47 13.86 -37.12
CA TYR A 282 -8.50 13.86 -38.13
C TYR A 282 -9.89 14.00 -37.52
N PRO A 283 -10.81 14.78 -38.07
CA PRO A 283 -10.74 15.57 -39.29
C PRO A 283 -10.03 16.92 -39.21
N TYR A 284 -9.29 17.21 -38.14
CA TYR A 284 -8.55 18.44 -37.91
C TYR A 284 -9.40 19.70 -37.75
N ASP A 285 -10.51 19.61 -37.02
CA ASP A 285 -11.41 20.72 -36.76
C ASP A 285 -11.11 21.49 -35.47
N GLU A 286 -10.20 20.99 -34.63
CA GLU A 286 -9.79 21.59 -33.37
C GLU A 286 -8.42 21.08 -32.93
N PHE A 287 -7.86 21.65 -31.86
CA PHE A 287 -6.59 21.22 -31.30
C PHE A 287 -6.49 21.46 -29.79
N VAL A 288 -5.51 20.82 -29.16
CA VAL A 288 -5.20 20.94 -27.75
C VAL A 288 -3.79 21.48 -27.54
N LEU A 289 -3.58 22.13 -26.40
CA LEU A 289 -2.32 22.70 -25.96
C LEU A 289 -1.75 21.89 -24.79
N ALA A 290 -0.43 21.93 -24.57
CA ALA A 290 0.24 21.23 -23.50
C ALA A 290 -0.24 21.55 -22.09
N THR A 291 -0.99 22.64 -21.91
CA THR A 291 -1.61 23.07 -20.67
C THR A 291 -2.89 22.32 -20.34
N GLY A 292 -3.43 21.56 -21.29
CA GLY A 292 -4.67 20.80 -21.17
C GLY A 292 -5.90 21.50 -21.72
N ASP A 293 -5.74 22.68 -22.34
CA ASP A 293 -6.80 23.48 -22.92
C ASP A 293 -7.09 23.16 -24.39
N PHE A 294 -8.34 23.33 -24.81
CA PHE A 294 -8.83 23.12 -26.16
C PHE A 294 -9.03 24.43 -26.90
N VAL A 295 -8.93 24.39 -28.23
CA VAL A 295 -9.13 25.50 -29.14
C VAL A 295 -9.99 25.04 -30.31
N TYR A 296 -11.22 25.55 -30.41
CA TYR A 296 -12.20 25.16 -31.41
C TYR A 296 -12.04 25.84 -32.76
N MET A 297 -10.92 25.56 -33.43
CA MET A 297 -10.57 26.07 -34.75
C MET A 297 -9.56 25.15 -35.41
N SER A 298 -9.65 24.93 -36.72
CA SER A 298 -8.68 24.09 -37.42
C SER A 298 -7.30 24.73 -37.45
N PRO A 299 -6.21 24.02 -37.17
CA PRO A 299 -4.87 24.59 -37.23
C PRO A 299 -4.46 25.02 -38.63
N PHE A 300 -5.12 24.52 -39.66
CA PHE A 300 -4.85 24.86 -41.06
C PHE A 300 -5.64 26.06 -41.57
N TYR A 301 -6.57 26.60 -40.77
CA TYR A 301 -7.39 27.74 -41.14
C TYR A 301 -6.61 29.02 -41.39
N GLY A 302 -7.17 29.94 -42.18
CA GLY A 302 -6.59 31.21 -42.54
C GLY A 302 -7.38 31.94 -43.61
N TYR A 303 -6.81 32.99 -44.22
CA TYR A 303 -7.43 33.73 -45.30
C TYR A 303 -6.94 33.30 -46.68
N ARG A 304 -5.82 32.59 -46.76
CA ARG A 304 -5.22 32.09 -47.98
C ARG A 304 -6.06 31.02 -48.65
N GLU A 305 -5.69 30.64 -49.88
CA GLU A 305 -6.35 29.63 -50.68
C GLU A 305 -6.58 28.32 -49.92
N GLY A 306 -7.80 27.79 -50.01
CA GLY A 306 -8.23 26.57 -49.34
C GLY A 306 -8.43 26.68 -47.84
N SER A 307 -7.51 27.33 -47.11
CA SER A 307 -7.54 27.48 -45.68
C SER A 307 -8.82 28.07 -45.12
N HIS A 308 -9.43 29.04 -45.81
CA HIS A 308 -10.65 29.70 -45.38
C HIS A 308 -11.90 28.84 -45.34
N THR A 309 -11.87 27.62 -45.90
CA THR A 309 -13.02 26.72 -45.89
C THR A 309 -13.13 25.90 -44.60
N GLU A 310 -12.05 25.81 -43.81
CA GLU A 310 -12.01 25.01 -42.60
C GLU A 310 -12.93 25.47 -41.48
N HIS A 311 -13.20 24.56 -40.54
CA HIS A 311 -14.08 24.77 -39.41
C HIS A 311 -13.54 25.75 -38.37
N THR A 312 -14.43 26.58 -37.82
CA THR A 312 -14.17 27.56 -36.79
C THR A 312 -15.39 27.76 -35.90
N SER A 313 -15.19 28.05 -34.62
CA SER A 313 -16.24 28.30 -33.66
C SER A 313 -16.12 29.62 -32.90
N TYR A 314 -15.25 30.52 -33.39
CA TYR A 314 -15.00 31.85 -32.83
C TYR A 314 -15.38 32.92 -33.84
N ALA A 315 -15.87 34.07 -33.37
CA ALA A 315 -16.25 35.19 -34.21
C ALA A 315 -15.09 35.73 -35.05
N ALA A 316 -15.38 36.30 -36.22
CA ALA A 316 -14.39 36.81 -37.14
C ALA A 316 -13.43 37.83 -36.56
N ASP A 317 -13.89 38.66 -35.62
CA ASP A 317 -13.08 39.67 -34.95
C ASP A 317 -11.97 39.08 -34.07
N ARG A 318 -12.19 37.89 -33.51
CA ARG A 318 -11.24 37.22 -32.64
C ARG A 318 -10.04 36.60 -33.35
N PHE A 319 -9.99 36.57 -34.68
CA PHE A 319 -8.91 36.02 -35.47
C PHE A 319 -8.27 37.06 -36.38
N LYS A 320 -6.96 36.94 -36.61
CA LYS A 320 -6.17 37.82 -37.47
C LYS A 320 -4.95 37.09 -38.01
N GLN A 321 -4.57 37.34 -39.26
CA GLN A 321 -3.41 36.76 -39.91
C GLN A 321 -2.41 37.82 -40.34
N VAL A 322 -1.12 37.50 -40.30
CA VAL A 322 -0.01 38.38 -40.66
C VAL A 322 0.96 37.69 -41.61
N ASP A 323 1.32 38.37 -42.69
CA ASP A 323 2.28 37.89 -43.69
C ASP A 323 3.60 38.63 -43.55
N GLY A 324 4.72 37.97 -43.86
CA GLY A 324 6.05 38.55 -43.77
C GLY A 324 6.51 38.85 -42.35
N PHE A 325 6.03 38.07 -41.38
CA PHE A 325 6.37 38.20 -39.96
C PHE A 325 7.78 37.71 -39.66
N TYR A 326 8.42 38.28 -38.64
CA TYR A 326 9.75 37.94 -38.18
C TYR A 326 9.78 37.74 -36.67
N ALA A 327 10.16 36.54 -36.24
CA ALA A 327 10.29 36.21 -34.83
C ALA A 327 11.55 36.84 -34.23
N ARG A 328 11.57 36.96 -32.90
CA ARG A 328 12.67 37.50 -32.12
C ARG A 328 12.71 36.74 -30.79
N ASP A 329 13.77 35.98 -30.54
CA ASP A 329 13.88 35.20 -29.31
C ASP A 329 14.11 36.10 -28.12
N LEU A 330 13.26 36.00 -27.09
CA LEU A 330 13.33 36.79 -25.88
C LEU A 330 14.59 36.56 -25.05
N THR A 331 15.27 35.41 -25.15
CA THR A 331 16.48 35.16 -24.38
C THR A 331 17.72 35.77 -25.03
N THR A 332 17.94 35.54 -26.33
CA THR A 332 19.10 36.02 -27.07
C THR A 332 18.92 37.42 -27.65
N LYS A 333 17.67 37.89 -27.76
CA LYS A 333 17.27 39.17 -28.33
C LYS A 333 17.58 39.30 -29.81
N ALA A 334 17.92 38.21 -30.48
CA ALA A 334 18.22 38.14 -31.90
C ALA A 334 16.98 37.90 -32.75
N ARG A 335 16.89 38.54 -33.91
CA ARG A 335 15.79 38.42 -34.85
C ARG A 335 16.01 37.31 -35.87
N ALA A 336 14.93 36.69 -36.34
CA ALA A 336 14.93 35.61 -37.32
C ALA A 336 15.49 36.02 -38.67
N THR A 337 15.98 35.03 -39.43
CA THR A 337 16.59 35.20 -40.74
C THR A 337 15.66 35.11 -41.94
N ALA A 338 14.43 34.62 -41.79
CA ALA A 338 13.49 34.44 -42.88
C ALA A 338 12.05 34.75 -42.50
N PRO A 339 11.23 35.28 -43.41
CA PRO A 339 9.84 35.62 -43.16
C PRO A 339 8.92 34.41 -43.11
N THR A 340 7.81 34.52 -42.38
CA THR A 340 6.79 33.51 -42.23
C THR A 340 5.39 34.11 -42.17
N THR A 341 4.35 33.26 -42.11
CA THR A 341 2.97 33.66 -41.96
C THR A 341 2.51 33.29 -40.56
N ARG A 342 1.95 34.24 -39.81
CA ARG A 342 1.55 34.07 -38.42
C ARG A 342 0.05 34.21 -38.21
N ASN A 343 -0.58 33.24 -37.56
CA ASN A 343 -1.98 33.26 -37.18
C ASN A 343 -2.08 33.73 -35.73
N LEU A 344 -3.10 34.51 -35.38
CA LEU A 344 -3.37 34.99 -34.04
C LEU A 344 -4.85 34.86 -33.73
N LEU A 345 -5.18 34.37 -32.53
CA LEU A 345 -6.54 34.12 -32.07
C LEU A 345 -6.70 34.53 -30.61
N THR A 346 -7.81 35.19 -30.26
CA THR A 346 -8.10 35.63 -28.91
C THR A 346 -9.21 34.83 -28.25
N THR A 347 -8.85 33.99 -27.27
CA THR A 347 -9.76 33.18 -26.48
C THR A 347 -10.12 33.97 -25.22
N PRO A 348 -11.27 33.76 -24.57
CA PRO A 348 -11.65 34.52 -23.39
C PRO A 348 -10.67 34.59 -22.23
N LYS A 349 -9.74 33.64 -22.07
CA LYS A 349 -8.75 33.60 -21.01
C LYS A 349 -7.31 33.83 -21.44
N PHE A 350 -6.97 33.76 -22.73
CA PHE A 350 -5.62 33.96 -23.23
C PHE A 350 -5.60 34.17 -24.74
N THR A 351 -4.50 34.70 -25.28
CA THR A 351 -4.28 34.87 -26.70
C THR A 351 -3.32 33.79 -27.16
N VAL A 352 -3.48 33.24 -28.36
CA VAL A 352 -2.65 32.18 -28.90
C VAL A 352 -2.22 32.45 -30.33
N ALA A 353 -0.99 32.09 -30.69
CA ALA A 353 -0.42 32.28 -32.01
C ALA A 353 0.40 31.10 -32.49
N TRP A 354 0.42 30.87 -33.80
CA TRP A 354 1.15 29.80 -34.46
C TRP A 354 1.47 30.11 -35.92
N ASP A 355 2.45 29.41 -36.48
CA ASP A 355 2.85 29.56 -37.87
C ASP A 355 1.92 28.79 -38.79
N TRP A 356 1.43 29.43 -39.85
CA TRP A 356 0.53 28.81 -40.81
C TRP A 356 1.24 28.01 -41.88
N VAL A 357 0.62 26.91 -42.30
CA VAL A 357 1.05 25.99 -43.35
C VAL A 357 -0.16 25.40 -44.06
N PRO A 358 -0.05 25.03 -45.34
CA PRO A 358 -1.14 24.42 -46.08
C PRO A 358 -1.47 23.03 -45.57
N LYS A 359 -2.72 22.60 -45.75
CA LYS A 359 -3.21 21.29 -45.33
C LYS A 359 -2.44 20.17 -46.00
N ARG A 360 -1.94 19.21 -45.20
CA ARG A 360 -1.16 18.08 -45.67
C ARG A 360 -1.95 17.09 -46.49
N PRO A 361 -1.33 16.29 -47.37
CA PRO A 361 -2.01 15.31 -48.20
C PRO A 361 -2.70 14.19 -47.45
N SER A 362 -3.60 13.48 -48.14
CA SER A 362 -4.36 12.36 -47.61
C SER A 362 -3.52 11.10 -47.44
N VAL A 363 -4.00 10.15 -46.64
CA VAL A 363 -3.36 8.90 -46.29
C VAL A 363 -4.35 7.74 -46.22
N CYS A 364 -3.86 6.49 -46.16
CA CYS A 364 -4.67 5.31 -46.05
C CYS A 364 -5.53 5.35 -44.80
N THR A 365 -6.82 5.00 -44.93
CA THR A 365 -7.82 5.04 -43.88
C THR A 365 -7.57 4.15 -42.68
N MET A 366 -6.80 3.06 -42.84
CA MET A 366 -6.49 2.14 -41.77
C MET A 366 -5.03 1.74 -41.78
N THR A 367 -4.48 1.48 -40.60
CA THR A 367 -3.10 1.09 -40.38
C THR A 367 -3.03 -0.25 -39.67
N LYS A 368 -2.03 -1.06 -40.01
CA LYS A 368 -1.79 -2.35 -39.40
C LYS A 368 -1.45 -2.17 -37.93
N TRP A 369 -2.23 -2.82 -37.05
CA TRP A 369 -2.01 -2.77 -35.62
C TRP A 369 -1.23 -3.99 -35.14
N GLN A 370 -1.61 -5.19 -35.58
CA GLN A 370 -1.00 -6.44 -35.18
C GLN A 370 -1.01 -7.49 -36.29
N GLU A 371 -0.01 -8.38 -36.24
CA GLU A 371 0.14 -9.56 -37.07
C GLU A 371 0.09 -10.74 -36.11
N VAL A 372 -0.91 -11.61 -36.24
CA VAL A 372 -1.11 -12.73 -35.35
C VAL A 372 -0.78 -14.05 -36.04
N ASP A 373 0.26 -14.72 -35.55
CA ASP A 373 0.71 -16.00 -36.09
C ASP A 373 -0.32 -17.11 -35.91
N GLU A 374 -1.03 -17.14 -34.78
CA GLU A 374 -1.99 -18.17 -34.44
C GLU A 374 -3.29 -17.57 -33.88
N MET A 375 -4.39 -17.74 -34.61
CA MET A 375 -5.70 -17.26 -34.23
C MET A 375 -6.78 -18.29 -34.52
N LEU A 376 -7.64 -18.55 -33.53
CA LEU A 376 -8.77 -19.47 -33.63
C LEU A 376 -10.06 -18.73 -33.93
N ARG A 377 -10.92 -19.34 -34.76
CA ARG A 377 -12.23 -18.83 -35.10
C ARG A 377 -13.29 -19.88 -34.77
N SER A 378 -14.43 -19.44 -34.24
CA SER A 378 -15.57 -20.28 -33.91
C SER A 378 -16.87 -19.52 -34.15
N GLU A 379 -17.97 -20.26 -34.30
CA GLU A 379 -19.30 -19.73 -34.53
C GLU A 379 -20.21 -20.03 -33.35
N TYR A 380 -20.85 -19.01 -32.79
CA TYR A 380 -21.74 -19.14 -31.64
C TYR A 380 -22.75 -18.01 -31.56
N GLY A 381 -24.00 -18.32 -31.20
CA GLY A 381 -25.06 -17.34 -31.03
C GLY A 381 -25.33 -16.46 -32.25
N GLY A 382 -25.10 -16.98 -33.47
CA GLY A 382 -25.30 -16.24 -34.69
C GLY A 382 -24.24 -15.17 -34.95
N SER A 383 -22.99 -15.42 -34.55
CA SER A 383 -21.85 -14.53 -34.71
C SER A 383 -20.53 -15.29 -34.69
N PHE A 384 -19.49 -14.72 -35.32
CA PHE A 384 -18.14 -15.24 -35.29
C PHE A 384 -17.41 -14.67 -34.08
N ARG A 385 -16.51 -15.47 -33.49
CA ARG A 385 -15.69 -15.10 -32.37
C ARG A 385 -14.24 -15.47 -32.68
N PHE A 386 -13.30 -14.53 -32.50
CA PHE A 386 -11.89 -14.73 -32.74
C PHE A 386 -11.06 -14.57 -31.48
N SER A 387 -10.06 -15.42 -31.28
CA SER A 387 -9.19 -15.38 -30.11
C SER A 387 -7.79 -15.87 -30.38
N SER A 388 -6.84 -15.43 -29.54
CA SER A 388 -5.42 -15.75 -29.62
C SER A 388 -4.74 -15.56 -28.27
N ASP A 389 -3.57 -16.16 -28.08
CA ASP A 389 -2.76 -16.00 -26.89
C ASP A 389 -1.95 -14.70 -26.92
N ALA A 390 -1.73 -14.14 -28.10
CA ALA A 390 -0.95 -12.93 -28.30
C ALA A 390 -1.60 -11.66 -27.76
N ILE A 391 -2.93 -11.59 -27.76
CA ILE A 391 -3.71 -10.44 -27.32
C ILE A 391 -4.93 -10.89 -26.53
N CYS A 392 -5.17 -10.28 -25.37
CA CYS A 392 -6.26 -10.66 -24.49
C CYS A 392 -7.66 -10.22 -24.91
N THR A 393 -7.80 -9.50 -26.02
CA THR A 393 -9.09 -9.05 -26.55
C THR A 393 -9.72 -10.11 -27.45
N THR A 394 -11.02 -10.34 -27.29
CA THR A 394 -11.80 -11.25 -28.12
C THR A 394 -12.66 -10.44 -29.08
N PHE A 395 -12.55 -10.67 -30.39
CA PHE A 395 -13.31 -9.96 -31.40
C PHE A 395 -14.61 -10.68 -31.74
N THR A 396 -15.68 -9.94 -31.95
CA THR A 396 -16.99 -10.45 -32.30
C THR A 396 -17.46 -9.81 -33.60
N THR A 397 -18.04 -10.59 -34.52
CA THR A 397 -18.46 -10.12 -35.83
C THR A 397 -19.65 -10.86 -36.41
N ASN A 398 -20.39 -10.24 -37.33
CA ASN A 398 -21.48 -10.85 -38.06
C ASN A 398 -20.97 -11.92 -39.02
N LEU A 399 -21.84 -12.81 -39.49
CA LEU A 399 -21.49 -13.91 -40.38
C LEU A 399 -21.08 -13.49 -41.79
N THR A 400 -21.57 -12.35 -42.30
CA THR A 400 -21.28 -11.88 -43.64
C THR A 400 -19.89 -11.26 -43.79
N GLU A 401 -19.22 -11.59 -44.90
CA GLU A 401 -17.90 -11.07 -45.23
C GLU A 401 -18.01 -9.65 -45.80
N TYR A 402 -17.10 -8.76 -45.44
CA TYR A 402 -17.10 -7.38 -45.91
C TYR A 402 -16.45 -7.23 -47.28
N PRO A 403 -17.06 -6.53 -48.24
CA PRO A 403 -16.52 -6.33 -49.57
C PRO A 403 -15.46 -5.23 -49.59
N LEU A 404 -14.24 -5.54 -49.15
CA LEU A 404 -13.13 -4.62 -49.08
C LEU A 404 -12.83 -3.90 -50.40
N SER A 405 -12.97 -4.59 -51.53
CA SER A 405 -12.73 -4.05 -52.86
C SER A 405 -13.60 -2.86 -53.21
N ARG A 406 -14.73 -2.66 -52.53
CA ARG A 406 -15.64 -1.55 -52.70
C ARG A 406 -15.08 -0.25 -52.15
N VAL A 407 -14.08 -0.32 -51.25
CA VAL A 407 -13.50 0.84 -50.59
C VAL A 407 -11.99 0.97 -50.74
N ASP A 408 -11.20 -0.13 -50.69
CA ASP A 408 -9.76 -0.09 -50.81
C ASP A 408 -9.29 -0.11 -52.27
N LEU A 409 -9.74 0.87 -53.05
CA LEU A 409 -9.40 1.01 -54.46
C LEU A 409 -7.91 1.20 -54.69
N GLY A 410 -7.19 1.77 -53.72
CA GLY A 410 -5.76 1.97 -53.77
C GLY A 410 -4.94 0.78 -53.30
N ASP A 411 -5.58 -0.30 -52.83
CA ASP A 411 -4.99 -1.53 -52.34
C ASP A 411 -4.02 -1.34 -51.17
N CYS A 412 -4.19 -0.27 -50.38
CA CYS A 412 -3.34 0.07 -49.26
C CYS A 412 -3.51 -0.86 -48.06
N ILE A 413 -4.64 -1.54 -47.93
CA ILE A 413 -4.93 -2.51 -46.89
C ILE A 413 -4.66 -3.90 -47.44
N GLY A 414 -5.22 -4.20 -48.63
CA GLY A 414 -5.10 -5.49 -49.28
C GLY A 414 -3.67 -5.96 -49.54
N LYS A 415 -2.82 -5.12 -50.15
CA LYS A 415 -1.45 -5.50 -50.46
C LYS A 415 -0.64 -5.87 -49.24
N ASP A 416 -0.76 -5.07 -48.18
CA ASP A 416 -0.05 -5.27 -46.92
C ASP A 416 -0.47 -6.57 -46.24
N ALA A 417 -1.76 -6.91 -46.28
CA ALA A 417 -2.27 -8.13 -45.69
C ALA A 417 -1.72 -9.39 -46.38
N ARG A 418 -1.74 -9.44 -47.72
CA ARG A 418 -1.25 -10.57 -48.48
C ARG A 418 0.22 -10.85 -48.19
N ASP A 419 1.05 -9.80 -48.18
CA ASP A 419 2.47 -9.90 -47.92
C ASP A 419 2.77 -10.46 -46.53
N ALA A 420 2.11 -9.93 -45.50
CA ALA A 420 2.30 -10.37 -44.13
C ALA A 420 1.91 -11.82 -43.92
N MET A 421 0.75 -12.25 -44.44
CA MET A 421 0.28 -13.61 -44.29
C MET A 421 1.24 -14.62 -44.92
N ASP A 422 1.85 -14.31 -46.07
CA ASP A 422 2.79 -15.21 -46.70
C ASP A 422 4.10 -15.35 -45.93
N ARG A 423 4.61 -14.27 -45.31
CA ARG A 423 5.80 -14.34 -44.50
C ARG A 423 5.56 -15.21 -43.27
N ILE A 424 4.42 -15.05 -42.60
CA ILE A 424 4.04 -15.82 -41.44
C ILE A 424 3.93 -17.29 -41.79
N PHE A 425 3.28 -17.60 -42.93
CA PHE A 425 3.11 -18.96 -43.38
C PHE A 425 4.45 -19.64 -43.63
N ALA A 426 5.37 -18.97 -44.34
CA ALA A 426 6.69 -19.50 -44.64
C ALA A 426 7.54 -19.71 -43.38
N ARG A 427 7.44 -18.82 -42.39
CA ARG A 427 8.19 -18.87 -41.15
C ARG A 427 7.75 -19.98 -40.19
N ARG A 428 6.49 -20.40 -40.16
CA ARG A 428 5.99 -21.37 -39.21
C ARG A 428 5.11 -22.51 -39.70
N TYR A 429 4.32 -22.33 -40.75
CA TYR A 429 3.31 -23.30 -41.15
C TYR A 429 3.58 -24.11 -42.41
N ASN A 430 4.44 -23.63 -43.32
CA ASN A 430 4.74 -24.27 -44.58
C ASN A 430 5.09 -25.75 -44.53
N ALA A 431 5.71 -26.23 -43.45
CA ALA A 431 6.11 -27.62 -43.29
C ALA A 431 5.10 -28.53 -42.59
N THR A 432 4.00 -28.00 -42.03
CA THR A 432 3.05 -28.78 -41.25
C THR A 432 1.58 -28.54 -41.52
N HIS A 433 1.22 -27.48 -42.27
CA HIS A 433 -0.16 -27.13 -42.58
C HIS A 433 -0.33 -26.76 -44.05
N ILE A 434 -1.60 -26.67 -44.48
CA ILE A 434 -2.02 -26.30 -45.83
C ILE A 434 -3.08 -25.22 -45.78
N LYS A 435 -3.09 -24.34 -46.79
CA LYS A 435 -4.06 -23.27 -46.93
C LYS A 435 -5.37 -23.83 -47.45
N VAL A 436 -6.49 -23.51 -46.78
CA VAL A 436 -7.80 -24.02 -47.16
C VAL A 436 -8.43 -23.27 -48.33
N GLY A 437 -8.30 -21.94 -48.39
CA GLY A 437 -8.86 -21.11 -49.43
C GLY A 437 -8.30 -19.69 -49.40
N GLN A 438 -8.89 -18.78 -50.18
CA GLN A 438 -8.48 -17.40 -50.27
C GLN A 438 -8.79 -16.59 -49.01
N PRO A 439 -8.10 -15.48 -48.74
CA PRO A 439 -8.36 -14.65 -47.58
C PRO A 439 -9.76 -14.07 -47.51
N GLN A 440 -10.20 -13.74 -46.29
CA GLN A 440 -11.51 -13.19 -45.97
C GLN A 440 -11.38 -11.93 -45.13
N TYR A 441 -12.34 -11.00 -45.22
CA TYR A 441 -12.35 -9.75 -44.51
C TYR A 441 -13.60 -9.54 -43.66
N TYR A 442 -13.44 -9.10 -42.41
CA TYR A 442 -14.53 -8.92 -41.47
C TYR A 442 -14.38 -7.67 -40.62
N LEU A 443 -15.46 -6.91 -40.41
CA LEU A 443 -15.49 -5.73 -39.57
C LEU A 443 -15.99 -6.08 -38.17
N ALA A 444 -15.09 -6.08 -37.19
CA ALA A 444 -15.38 -6.41 -35.80
C ALA A 444 -15.87 -5.23 -34.98
N ASN A 445 -16.63 -5.52 -33.93
CA ASN A 445 -17.14 -4.54 -32.99
C ASN A 445 -15.99 -3.74 -32.40
N GLY A 446 -16.19 -2.43 -32.20
CA GLY A 446 -15.18 -1.52 -31.71
C GLY A 446 -14.41 -0.80 -32.81
N GLY A 447 -14.64 -1.13 -34.08
CA GLY A 447 -14.02 -0.47 -35.22
C GLY A 447 -12.69 -1.05 -35.70
N PHE A 448 -12.58 -2.37 -35.80
CA PHE A 448 -11.40 -3.06 -36.30
C PHE A 448 -11.75 -3.82 -37.57
N LEU A 449 -10.76 -4.01 -38.46
CA LEU A 449 -10.89 -4.78 -39.67
C LEU A 449 -9.93 -5.95 -39.58
N ILE A 450 -10.44 -7.19 -39.69
CA ILE A 450 -9.68 -8.41 -39.58
C ILE A 450 -9.56 -9.11 -40.93
N ALA A 451 -8.32 -9.36 -41.37
CA ALA A 451 -8.00 -10.12 -42.56
C ALA A 451 -7.63 -11.52 -42.07
N TYR A 452 -8.36 -12.56 -42.49
CA TYR A 452 -8.20 -13.92 -42.01
C TYR A 452 -7.88 -14.93 -43.11
N GLN A 453 -7.07 -15.95 -42.78
CA GLN A 453 -6.63 -17.02 -43.64
C GLN A 453 -6.75 -18.37 -42.92
N PRO A 454 -7.73 -19.22 -43.23
CA PRO A 454 -7.89 -20.51 -42.60
C PRO A 454 -6.85 -21.52 -43.06
N LEU A 455 -6.49 -22.45 -42.15
CA LEU A 455 -5.52 -23.50 -42.33
C LEU A 455 -6.01 -24.86 -41.83
N LEU A 456 -5.34 -25.93 -42.27
CA LEU A 456 -5.54 -27.30 -41.87
C LEU A 456 -4.18 -27.95 -41.64
N SER A 457 -4.00 -28.68 -40.53
CA SER A 457 -2.77 -29.41 -40.27
C SER A 457 -2.72 -30.66 -41.15
N ASN A 458 -1.53 -31.12 -41.53
CA ASN A 458 -1.38 -32.29 -42.37
C ASN A 458 -2.08 -33.52 -41.80
N THR A 459 -1.97 -33.72 -40.49
CA THR A 459 -2.57 -34.81 -39.74
C THR A 459 -4.10 -34.81 -39.78
N LEU A 460 -4.73 -33.64 -39.87
CA LEU A 460 -6.17 -33.50 -39.96
C LEU A 460 -6.65 -33.53 -41.40
N ALA A 461 -5.90 -32.93 -42.33
CA ALA A 461 -6.23 -32.89 -43.74
C ALA A 461 -6.39 -34.30 -44.33
N GLU A 462 -5.52 -35.23 -43.94
CA GLU A 462 -5.61 -36.61 -44.42
C GLU A 462 -6.88 -37.33 -43.98
N LEU A 463 -7.55 -36.88 -42.92
CA LEU A 463 -8.81 -37.48 -42.48
C LEU A 463 -9.92 -37.12 -43.48
N TYR A 464 -9.93 -35.88 -43.96
CA TYR A 464 -10.86 -35.44 -44.98
C TYR A 464 -10.55 -36.17 -46.29
N VAL A 465 -9.28 -36.41 -46.60
CA VAL A 465 -8.87 -37.13 -47.79
C VAL A 465 -9.36 -38.57 -47.75
N ARG A 466 -9.06 -39.34 -46.70
CA ARG A 466 -9.51 -40.72 -46.61
C ARG A 466 -11.02 -40.83 -46.55
N GLU A 467 -11.72 -39.90 -45.91
CA GLU A 467 -13.18 -39.92 -45.87
C GLU A 467 -13.75 -39.63 -47.26
N HIS A 468 -13.16 -38.70 -48.01
CA HIS A 468 -13.57 -38.41 -49.37
C HIS A 468 -13.30 -39.59 -50.29
N LEU A 469 -12.20 -40.34 -50.07
CA LEU A 469 -11.89 -41.54 -50.83
C LEU A 469 -12.89 -42.64 -50.52
N ARG A 470 -13.29 -42.83 -49.26
CA ARG A 470 -14.31 -43.79 -48.87
C ARG A 470 -15.64 -43.43 -49.51
N GLU A 471 -16.01 -42.14 -49.51
CA GLU A 471 -17.21 -41.64 -50.13
C GLU A 471 -17.18 -41.87 -51.64
N GLN A 472 -16.05 -41.59 -52.30
CA GLN A 472 -15.84 -41.79 -53.72
C GLN A 472 -15.97 -43.26 -54.12
N SER A 473 -15.49 -44.19 -53.30
CA SER A 473 -15.61 -45.61 -53.53
C SER A 473 -17.01 -46.14 -53.25
N ARG A 474 -17.72 -45.56 -52.27
CA ARG A 474 -19.08 -45.92 -51.89
C ARG A 474 -20.13 -45.44 -52.88
N LYS A 475 -19.93 -44.26 -53.48
CA LYS A 475 -20.78 -43.61 -54.45
C LYS A 475 -20.87 -44.36 -55.77
N ILE A 501 -7.83 -31.70 -54.08
CA ILE A 501 -9.24 -31.65 -53.66
C ILE A 501 -9.57 -30.31 -53.03
N GLU A 502 -10.76 -29.75 -53.26
CA GLU A 502 -11.17 -28.48 -52.70
C GLU A 502 -11.67 -28.61 -51.27
N PHE A 503 -10.75 -28.60 -50.31
CA PHE A 503 -11.04 -28.71 -48.89
C PHE A 503 -12.11 -27.75 -48.39
N ALA A 504 -12.24 -26.57 -49.01
CA ALA A 504 -13.23 -25.57 -48.68
C ALA A 504 -14.66 -26.08 -48.72
N ARG A 505 -14.95 -27.14 -49.48
CA ARG A 505 -16.26 -27.75 -49.59
C ARG A 505 -16.52 -28.82 -48.54
N LEU A 506 -15.44 -29.39 -47.97
CA LEU A 506 -15.48 -30.49 -47.03
C LEU A 506 -15.31 -30.10 -45.57
N GLN A 507 -14.66 -28.98 -45.27
CA GLN A 507 -14.27 -28.55 -43.94
C GLN A 507 -15.28 -28.77 -42.82
N PHE A 508 -16.57 -28.46 -43.00
CA PHE A 508 -17.57 -28.62 -41.96
C PHE A 508 -18.66 -29.64 -42.26
N THR A 509 -18.52 -30.48 -43.28
CA THR A 509 -19.52 -31.46 -43.65
C THR A 509 -19.42 -32.78 -42.90
N TYR A 510 -18.20 -33.28 -42.64
CA TYR A 510 -17.97 -34.53 -41.94
C TYR A 510 -18.03 -34.36 -40.43
N ASN A 511 -19.26 -34.39 -39.90
CA ASN A 511 -19.60 -34.18 -38.50
C ASN A 511 -18.74 -34.94 -37.50
N HIS A 512 -18.46 -36.23 -37.75
CA HIS A 512 -17.65 -37.04 -36.86
C HIS A 512 -16.18 -36.63 -36.79
N ILE A 513 -15.68 -35.83 -37.73
CA ILE A 513 -14.34 -35.30 -37.73
C ILE A 513 -14.34 -33.97 -36.97
N GLN A 514 -15.38 -33.16 -37.14
CA GLN A 514 -15.49 -31.86 -36.51
C GLN A 514 -15.71 -31.92 -34.99
N ARG A 515 -16.43 -32.93 -34.47
CA ARG A 515 -16.67 -33.04 -33.04
C ARG A 515 -15.40 -33.12 -32.21
N PRO A 516 -14.42 -33.97 -32.51
CA PRO A 516 -13.15 -34.00 -31.81
C PRO A 516 -12.40 -32.67 -31.89
N VAL A 517 -12.50 -31.98 -33.03
CA VAL A 517 -11.85 -30.69 -33.24
C VAL A 517 -12.49 -29.62 -32.37
N ASN A 518 -13.81 -29.55 -32.29
CA ASN A 518 -14.52 -28.59 -31.46
C ASN A 518 -14.11 -28.74 -29.99
N ASP A 519 -13.95 -29.97 -29.51
CA ASP A 519 -13.54 -30.25 -28.15
C ASP A 519 -12.09 -29.85 -27.90
N MET A 520 -11.17 -30.32 -28.76
CA MET A 520 -9.76 -30.06 -28.65
C MET A 520 -9.40 -28.58 -28.73
N LEU A 521 -9.96 -27.84 -29.70
CA LEU A 521 -9.71 -26.41 -29.83
C LEU A 521 -10.47 -25.59 -28.80
N GLY A 522 -11.66 -26.02 -28.38
CA GLY A 522 -12.41 -25.33 -27.34
C GLY A 522 -11.63 -25.28 -26.04
N ARG A 523 -10.94 -26.36 -25.70
CA ARG A 523 -10.09 -26.45 -24.52
C ARG A 523 -8.91 -25.48 -24.60
N VAL A 524 -8.31 -25.31 -25.78
CA VAL A 524 -7.22 -24.37 -25.99
C VAL A 524 -7.69 -22.94 -25.78
N ALA A 525 -8.83 -22.57 -26.35
CA ALA A 525 -9.39 -21.23 -26.22
C ALA A 525 -9.67 -20.87 -24.77
N ILE A 526 -10.19 -21.82 -23.98
CA ILE A 526 -10.46 -21.63 -22.57
C ILE A 526 -9.17 -21.45 -21.78
N ALA A 527 -8.12 -22.22 -22.06
CA ALA A 527 -6.85 -22.10 -21.38
C ALA A 527 -6.24 -20.70 -21.52
N TRP A 528 -6.30 -20.11 -22.72
CA TRP A 528 -5.81 -18.76 -22.98
C TRP A 528 -6.62 -17.72 -22.23
N CYS A 529 -7.95 -17.87 -22.19
CA CYS A 529 -8.86 -16.99 -21.50
C CYS A 529 -8.59 -16.93 -20.00
N GLU A 530 -8.37 -18.06 -19.35
CA GLU A 530 -8.06 -18.10 -17.92
C GLU A 530 -6.72 -17.45 -17.61
N LEU A 531 -5.72 -17.64 -18.47
CA LEU A 531 -4.39 -17.06 -18.31
C LEU A 531 -4.42 -15.54 -18.42
N CYS A 532 -5.20 -14.97 -19.35
CA CYS A 532 -5.33 -13.54 -19.49
C CYS A 532 -5.94 -12.91 -18.24
N ASN A 533 -6.98 -13.50 -17.66
CA ASN A 533 -7.60 -12.98 -16.45
C ASN A 533 -6.61 -12.93 -15.29
N HIS A 534 -5.73 -13.92 -15.18
CA HIS A 534 -4.72 -13.99 -14.13
C HIS A 534 -3.70 -12.87 -14.26
N GLU A 535 -3.12 -12.68 -15.45
CA GLU A 535 -2.14 -11.63 -15.68
C GLU A 535 -2.70 -10.22 -15.60
N LEU A 536 -3.89 -9.96 -16.18
CA LEU A 536 -4.51 -8.65 -16.10
C LEU A 536 -4.78 -8.22 -14.67
N THR A 537 -5.19 -9.17 -13.82
CA THR A 537 -5.49 -8.89 -12.43
C THR A 537 -4.25 -8.44 -11.66
N LEU A 538 -3.10 -9.07 -11.86
CA LEU A 538 -1.87 -8.68 -11.20
C LEU A 538 -1.33 -7.35 -11.73
N TRP A 539 -1.37 -7.16 -13.05
CA TRP A 539 -0.86 -5.96 -13.69
C TRP A 539 -1.66 -4.72 -13.33
N ASN A 540 -3.00 -4.82 -13.29
CA ASN A 540 -3.85 -3.70 -12.92
C ASN A 540 -3.73 -3.29 -11.46
N GLU A 541 -3.22 -4.13 -10.56
CA GLU A 541 -3.00 -3.77 -9.18
C GLU A 541 -1.65 -3.07 -9.05
N ALA A 542 -0.60 -3.57 -9.68
CA ALA A 542 0.71 -2.93 -9.66
C ALA A 542 0.64 -1.52 -10.24
N ARG A 543 -0.20 -1.29 -11.24
CA ARG A 543 -0.42 -0.01 -11.88
C ARG A 543 -0.83 1.08 -10.90
N LYS A 544 -1.60 0.75 -9.86
CA LYS A 544 -2.04 1.70 -8.86
C LYS A 544 -0.96 2.07 -7.86
N LEU A 545 -0.04 1.15 -7.56
CA LEU A 545 1.04 1.38 -6.62
C LEU A 545 2.18 2.21 -7.20
N ASN A 546 2.54 2.00 -8.46
CA ASN A 546 3.64 2.69 -9.11
C ASN A 546 3.35 2.97 -10.58
N PRO A 547 2.60 4.03 -10.91
CA PRO A 547 2.25 4.35 -12.28
C PRO A 547 3.44 4.60 -13.21
N ASN A 548 4.48 5.30 -12.74
CA ASN A 548 5.64 5.61 -13.57
C ASN A 548 6.39 4.39 -14.07
N ALA A 549 6.60 3.38 -13.22
CA ALA A 549 7.31 2.17 -13.61
C ALA A 549 6.53 1.34 -14.63
N ILE A 550 5.25 1.12 -14.38
CA ILE A 550 4.38 0.33 -15.24
C ILE A 550 4.22 0.99 -16.61
N ALA A 551 4.02 2.30 -16.66
CA ALA A 551 3.88 3.02 -17.90
C ALA A 551 5.19 3.03 -18.69
N SER A 552 6.33 3.26 -18.05
CA SER A 552 7.62 3.28 -18.71
C SER A 552 7.96 1.95 -19.37
N VAL A 553 7.65 0.83 -18.72
CA VAL A 553 7.87 -0.51 -19.25
C VAL A 553 6.96 -0.81 -20.43
N THR A 554 5.74 -0.27 -20.43
CA THR A 554 4.76 -0.46 -21.49
C THR A 554 5.13 0.29 -22.75
N VAL A 555 5.52 1.56 -22.64
CA VAL A 555 5.86 2.42 -23.75
C VAL A 555 7.29 2.25 -24.24
N GLY A 556 8.21 1.77 -23.40
CA GLY A 556 9.59 1.54 -23.75
C GLY A 556 10.52 2.73 -23.61
N ARG A 557 10.17 3.73 -22.80
CA ARG A 557 10.92 4.94 -22.51
C ARG A 557 10.45 5.56 -21.21
N ARG A 558 11.22 6.46 -20.59
CA ARG A 558 10.82 7.11 -19.35
C ARG A 558 9.67 8.08 -19.60
N VAL A 559 8.57 7.91 -18.86
CA VAL A 559 7.38 8.73 -18.92
C VAL A 559 6.87 9.04 -17.52
N SER A 560 6.11 10.13 -17.38
CA SER A 560 5.46 10.53 -16.16
C SER A 560 3.98 10.18 -16.27
N ALA A 561 3.40 9.55 -15.25
CA ALA A 561 2.02 9.12 -15.26
C ALA A 561 1.27 9.51 -13.98
N ARG A 562 -0.04 9.72 -14.09
CA ARG A 562 -0.91 10.10 -13.00
C ARG A 562 -2.32 9.55 -13.18
N MET A 563 -2.96 9.10 -12.10
CA MET A 563 -4.30 8.55 -12.13
C MET A 563 -5.36 9.61 -11.86
N LEU A 564 -6.14 9.99 -12.88
CA LEU A 564 -7.20 10.98 -12.80
C LEU A 564 -8.55 10.32 -12.53
N GLY A 565 -8.59 9.47 -11.50
CA GLY A 565 -9.77 8.69 -11.14
C GLY A 565 -9.61 7.29 -11.73
N ASP A 566 -10.44 6.93 -12.69
CA ASP A 566 -10.45 5.62 -13.30
C ASP A 566 -9.73 5.51 -14.64
N VAL A 567 -8.92 6.50 -15.01
CA VAL A 567 -8.10 6.57 -16.21
C VAL A 567 -6.74 7.17 -15.90
N MET A 568 -5.76 6.97 -16.77
CA MET A 568 -4.39 7.46 -16.59
C MET A 568 -4.01 8.55 -17.59
N ALA A 569 -3.31 9.59 -17.11
CA ALA A 569 -2.78 10.68 -17.89
C ALA A 569 -1.26 10.53 -18.00
N VAL A 570 -0.66 10.83 -19.16
CA VAL A 570 0.76 10.66 -19.39
C VAL A 570 1.47 11.79 -20.14
N SER A 571 2.77 11.95 -19.90
CA SER A 571 3.65 12.92 -20.52
C SER A 571 5.10 12.43 -20.55
N THR A 572 5.97 13.05 -21.34
CA THR A 572 7.37 12.68 -21.46
C THR A 572 8.28 13.40 -20.47
N CYS A 573 9.30 12.70 -19.96
CA CYS A 573 10.32 13.24 -19.09
C CYS A 573 11.48 13.77 -19.91
N VAL A 574 12.28 14.71 -19.40
CA VAL A 574 13.43 15.29 -20.08
C VAL A 574 14.73 14.87 -19.41
N PRO A 575 15.74 14.38 -20.13
CA PRO A 575 16.99 13.93 -19.56
C PRO A 575 17.98 15.04 -19.23
N VAL A 576 18.82 14.78 -18.22
CA VAL A 576 19.87 15.64 -17.70
C VAL A 576 21.15 14.83 -17.55
N ALA A 577 22.28 15.37 -18.02
CA ALA A 577 23.58 14.73 -17.97
C ALA A 577 24.12 14.60 -16.55
N ALA A 578 24.76 13.46 -16.25
CA ALA A 578 25.26 13.12 -14.93
C ALA A 578 26.28 14.07 -14.32
N ASP A 579 27.06 14.82 -15.11
CA ASP A 579 28.05 15.75 -14.62
C ASP A 579 27.49 17.13 -14.29
N ASN A 580 26.24 17.42 -14.64
CA ASN A 580 25.56 18.68 -14.35
C ASN A 580 24.77 18.64 -13.05
N VAL A 581 24.92 17.62 -12.22
CA VAL A 581 24.22 17.42 -10.95
C VAL A 581 25.19 17.37 -9.78
N ILE A 582 24.85 18.04 -8.67
CA ILE A 582 25.62 18.12 -7.45
C ILE A 582 24.74 17.81 -6.25
N VAL A 583 25.24 16.99 -5.31
CA VAL A 583 24.54 16.59 -4.10
C VAL A 583 25.11 17.30 -2.87
N GLN A 584 24.26 17.70 -1.92
CA GLN A 584 24.64 18.40 -0.72
C GLN A 584 25.03 17.46 0.43
N ASN A 585 25.89 17.92 1.33
CA ASN A 585 26.44 17.12 2.40
C ASN A 585 25.57 16.82 3.62
N SER A 586 24.44 17.49 3.84
CA SER A 586 23.61 17.28 5.01
C SER A 586 22.12 17.20 4.71
N MET A 587 21.40 16.40 5.51
CA MET A 587 19.97 16.19 5.43
C MET A 587 19.21 16.80 6.60
N ARG A 588 19.88 17.50 7.52
CA ARG A 588 19.26 18.14 8.67
C ARG A 588 18.71 19.52 8.32
N ILE A 589 17.56 19.88 8.89
CA ILE A 589 16.93 21.18 8.69
C ILE A 589 17.32 22.07 9.86
N SER A 590 17.98 23.20 9.59
CA SER A 590 18.47 24.11 10.61
C SER A 590 17.40 24.92 11.34
N SER A 591 16.32 25.32 10.67
CA SER A 591 15.26 26.14 11.24
C SER A 591 14.34 25.43 12.22
N ARG A 592 14.19 24.11 12.15
CA ARG A 592 13.35 23.30 13.01
C ARG A 592 14.10 22.03 13.42
N PRO A 593 14.80 22.03 14.55
CA PRO A 593 15.65 20.94 15.00
C PRO A 593 15.11 19.52 15.03
N GLY A 594 13.80 19.32 15.15
CA GLY A 594 13.21 17.99 15.17
C GLY A 594 13.05 17.31 13.82
N ALA A 595 13.14 18.04 12.71
CA ALA A 595 12.93 17.53 11.36
C ALA A 595 14.19 17.34 10.53
N CYS A 596 14.12 16.39 9.61
CA CYS A 596 15.16 15.98 8.68
C CYS A 596 14.55 15.64 7.32
N TYR A 597 15.32 15.74 6.23
CA TYR A 597 14.85 15.37 4.91
C TYR A 597 14.90 13.86 4.71
N SER A 598 13.92 13.29 3.99
CA SER A 598 13.87 11.87 3.73
C SER A 598 14.90 11.38 2.70
N ARG A 599 15.18 12.19 1.68
CA ARG A 599 16.13 11.94 0.61
C ARG A 599 17.03 13.14 0.41
N PRO A 600 18.25 13.00 -0.14
CA PRO A 600 19.21 14.07 -0.28
C PRO A 600 18.78 15.27 -1.13
N LEU A 601 19.32 16.45 -0.81
CA LEU A 601 19.10 17.66 -1.58
C LEU A 601 20.12 17.77 -2.71
N VAL A 602 19.71 18.32 -3.85
CA VAL A 602 20.55 18.47 -5.02
C VAL A 602 20.39 19.83 -5.68
N SER A 603 21.36 20.14 -6.55
CA SER A 603 21.45 21.34 -7.37
C SER A 603 21.90 20.91 -8.76
N PHE A 604 21.30 21.44 -9.83
CA PHE A 604 21.64 21.04 -11.18
C PHE A 604 21.38 22.11 -12.24
N ARG A 605 21.75 21.82 -13.49
CA ARG A 605 21.56 22.67 -14.66
C ARG A 605 20.97 21.87 -15.81
N TYR A 606 20.09 22.47 -16.62
CA TYR A 606 19.55 21.82 -17.80
C TYR A 606 20.53 21.78 -18.96
N GLU A 607 21.43 22.76 -19.04
CA GLU A 607 22.47 22.91 -20.05
C GLU A 607 23.80 23.23 -19.37
N ASP A 608 24.92 22.96 -20.03
CA ASP A 608 26.26 23.15 -19.48
C ASP A 608 26.59 24.57 -19.01
N GLN A 609 25.92 25.59 -19.54
CA GLN A 609 26.14 26.99 -19.22
C GLN A 609 24.94 27.68 -18.55
N GLY A 610 23.86 26.96 -18.27
CA GLY A 610 22.67 27.54 -17.67
C GLY A 610 22.74 27.84 -16.19
N PRO A 611 21.75 28.55 -15.64
CA PRO A 611 21.67 28.85 -14.21
C PRO A 611 21.31 27.62 -13.40
N LEU A 612 21.61 27.63 -12.10
CA LEU A 612 21.32 26.53 -11.19
C LEU A 612 19.86 26.47 -10.78
N VAL A 613 19.36 25.24 -10.63
CA VAL A 613 18.03 24.86 -10.20
C VAL A 613 18.17 23.99 -8.95
N GLU A 614 17.28 24.15 -7.98
CA GLU A 614 17.28 23.40 -6.74
C GLU A 614 16.21 22.32 -6.67
N GLY A 615 16.54 21.16 -6.11
CA GLY A 615 15.62 20.05 -5.98
C GLY A 615 15.99 19.03 -4.91
N GLN A 616 15.34 17.86 -4.98
CA GLN A 616 15.53 16.73 -4.09
C GLN A 616 15.62 15.45 -4.91
N LEU A 617 16.51 14.54 -4.53
CA LEU A 617 16.73 13.29 -5.23
C LEU A 617 15.59 12.31 -5.04
N GLY A 618 14.87 11.97 -6.12
CA GLY A 618 13.80 11.00 -6.12
C GLY A 618 14.31 9.59 -6.37
N GLU A 619 13.38 8.64 -6.57
CA GLU A 619 13.70 7.26 -6.87
C GLU A 619 14.12 7.08 -8.32
N ASN A 620 15.04 6.15 -8.59
CA ASN A 620 15.51 5.80 -9.91
C ASN A 620 15.96 6.98 -10.79
N ASN A 621 16.87 7.79 -10.27
CA ASN A 621 17.46 8.95 -10.91
C ASN A 621 16.52 10.10 -11.25
N GLU A 622 15.31 10.16 -10.67
CA GLU A 622 14.40 11.26 -10.88
C GLU A 622 14.80 12.48 -10.06
N LEU A 623 14.72 13.68 -10.62
CA LEU A 623 14.99 14.94 -9.95
C LEU A 623 13.69 15.64 -9.65
N ARG A 624 13.30 15.75 -8.38
CA ARG A 624 12.09 16.42 -7.95
C ARG A 624 12.39 17.89 -7.67
N LEU A 625 11.48 18.81 -7.99
CA LEU A 625 11.68 20.24 -7.79
C LEU A 625 11.05 20.83 -6.54
N THR A 626 10.38 20.03 -5.72
CA THR A 626 9.60 20.47 -4.57
C THR A 626 10.26 20.57 -3.20
N ARG A 627 11.24 19.74 -2.84
CA ARG A 627 11.85 19.70 -1.52
C ARG A 627 10.85 19.56 -0.38
N ASP A 628 9.91 18.61 -0.52
CA ASP A 628 8.83 18.36 0.42
C ASP A 628 8.86 17.02 1.14
N ALA A 629 9.86 16.16 0.93
CA ALA A 629 9.98 14.89 1.63
C ALA A 629 10.76 15.11 2.92
N ILE A 630 10.03 15.18 4.04
CA ILE A 630 10.51 15.46 5.39
C ILE A 630 9.99 14.43 6.37
N GLU A 631 10.75 14.13 7.43
CA GLU A 631 10.48 13.17 8.48
C GLU A 631 11.07 13.62 9.81
N PRO A 632 10.64 13.09 10.96
CA PRO A 632 11.25 13.41 12.23
C PRO A 632 12.60 12.69 12.33
N CYS A 633 13.63 13.35 12.89
CA CYS A 633 14.96 12.78 12.98
C CYS A 633 15.03 11.61 13.95
N THR A 634 15.76 10.55 13.57
CA THR A 634 15.97 9.32 14.31
C THR A 634 17.42 9.09 14.70
N VAL A 635 17.71 8.04 15.48
CA VAL A 635 19.06 7.63 15.84
C VAL A 635 19.41 6.31 15.16
N GLY A 636 20.68 6.16 14.75
CA GLY A 636 21.17 4.97 14.07
C GLY A 636 20.80 4.92 12.59
N HIS A 637 20.63 6.08 11.94
CA HIS A 637 20.26 6.21 10.55
C HIS A 637 21.36 5.84 9.57
N ARG A 638 21.05 5.00 8.57
CA ARG A 638 21.94 4.55 7.51
C ARG A 638 21.15 4.39 6.22
N ARG A 639 21.62 4.90 5.08
CA ARG A 639 20.93 4.81 3.81
C ARG A 639 21.86 4.78 2.60
N TYR A 640 21.43 4.08 1.55
CA TYR A 640 22.08 3.99 0.25
C TYR A 640 21.09 4.52 -0.78
N PHE A 641 21.46 5.55 -1.54
CA PHE A 641 20.60 6.12 -2.56
C PHE A 641 21.19 5.95 -3.95
N THR A 642 20.38 5.53 -4.92
CA THR A 642 20.80 5.36 -6.30
C THR A 642 21.18 6.72 -6.88
N PHE A 643 22.37 6.85 -7.47
CA PHE A 643 22.85 8.11 -8.00
C PHE A 643 23.78 7.93 -9.19
N GLY A 644 23.27 8.22 -10.40
CA GLY A 644 24.02 8.21 -11.64
C GLY A 644 24.81 6.95 -11.96
N GLY A 645 24.20 5.76 -11.86
CA GLY A 645 24.86 4.51 -12.15
C GLY A 645 25.70 3.93 -11.00
N GLY A 646 25.60 4.50 -9.81
CA GLY A 646 26.26 4.08 -8.59
C GLY A 646 25.37 4.36 -7.38
N TYR A 647 25.96 4.45 -6.19
CA TYR A 647 25.25 4.73 -4.95
C TYR A 647 25.99 5.72 -4.07
N VAL A 648 25.27 6.53 -3.29
CA VAL A 648 25.82 7.44 -2.30
C VAL A 648 25.41 6.96 -0.92
N TYR A 649 26.35 6.91 0.03
CA TYR A 649 26.11 6.43 1.38
C TYR A 649 26.06 7.56 2.41
N PHE A 650 24.96 7.61 3.16
CA PHE A 650 24.69 8.57 4.21
C PHE A 650 24.48 7.86 5.55
N GLU A 651 24.97 8.46 6.63
CA GLU A 651 24.78 7.97 7.99
C GLU A 651 24.60 9.13 8.96
N GLU A 652 23.67 8.97 9.89
CA GLU A 652 23.30 9.98 10.87
C GLU A 652 23.01 11.34 10.25
N TYR A 653 22.28 11.32 9.13
CA TYR A 653 21.85 12.45 8.32
C TYR A 653 22.97 13.25 7.67
N ALA A 654 24.16 12.68 7.48
CA ALA A 654 25.30 13.30 6.84
C ALA A 654 25.97 12.41 5.79
N TYR A 655 26.52 13.02 4.74
CA TYR A 655 27.19 12.33 3.65
C TYR A 655 28.51 11.69 4.08
N SER A 656 28.94 10.62 3.40
CA SER A 656 30.19 9.95 3.71
C SER A 656 31.04 9.59 2.48
N HIS A 657 30.53 8.79 1.54
CA HIS A 657 31.26 8.38 0.35
C HIS A 657 30.33 7.83 -0.74
N GLN A 658 30.91 7.49 -1.89
CA GLN A 658 30.23 6.98 -3.07
C GLN A 658 30.74 5.59 -3.46
N LEU A 659 29.87 4.75 -4.04
CA LEU A 659 30.14 3.39 -4.47
C LEU A 659 29.72 3.14 -5.91
N SER A 660 30.34 2.13 -6.53
CA SER A 660 30.00 1.64 -7.85
C SER A 660 28.97 0.53 -7.73
N ARG A 661 28.14 0.31 -8.76
CA ARG A 661 27.15 -0.74 -8.77
C ARG A 661 27.76 -2.14 -8.70
N ALA A 662 29.07 -2.26 -8.93
CA ALA A 662 29.83 -3.50 -8.84
C ALA A 662 30.32 -3.83 -7.43
N ASP A 663 30.21 -2.91 -6.47
CA ASP A 663 30.67 -3.09 -5.10
C ASP A 663 29.72 -3.85 -4.19
N ILE A 664 28.49 -4.16 -4.64
CA ILE A 664 27.46 -4.83 -3.89
C ILE A 664 27.04 -6.11 -4.61
N THR A 665 26.83 -7.21 -3.88
CA THR A 665 26.41 -8.47 -4.47
C THR A 665 24.97 -8.41 -4.96
N THR A 666 24.65 -9.14 -6.03
CA THR A 666 23.34 -9.11 -6.66
C THR A 666 22.59 -10.43 -6.55
N VAL A 667 21.31 -10.39 -6.16
CA VAL A 667 20.43 -11.55 -6.14
C VAL A 667 19.88 -11.72 -7.56
N SER A 668 20.79 -12.08 -8.47
CA SER A 668 20.62 -12.19 -9.90
C SER A 668 19.62 -13.20 -10.45
N THR A 669 18.96 -13.98 -9.60
CA THR A 669 17.95 -14.98 -9.95
C THR A 669 16.83 -14.96 -8.92
N PHE A 670 15.65 -15.48 -9.27
CA PHE A 670 14.53 -15.54 -8.36
C PHE A 670 14.78 -16.45 -7.16
N ILE A 671 15.72 -17.40 -7.27
CA ILE A 671 16.16 -18.32 -6.24
C ILE A 671 17.67 -18.46 -6.29
N ASP A 672 18.36 -18.35 -5.15
CA ASP A 672 19.79 -18.55 -4.96
C ASP A 672 20.10 -18.74 -3.48
N LEU A 673 20.71 -19.87 -3.11
CA LEU A 673 20.97 -20.27 -1.74
C LEU A 673 22.36 -19.98 -1.17
N ASN A 674 23.31 -19.49 -1.97
CA ASN A 674 24.69 -19.27 -1.57
C ASN A 674 25.00 -18.08 -0.68
N ILE A 675 24.01 -17.33 -0.16
CA ILE A 675 24.26 -16.18 0.68
C ILE A 675 24.77 -16.59 2.06
N THR A 676 25.77 -15.88 2.58
CA THR A 676 26.41 -16.11 3.86
C THR A 676 26.12 -15.01 4.88
N MET A 677 24.90 -15.05 5.42
CA MET A 677 24.38 -14.14 6.43
C MET A 677 24.93 -14.40 7.81
N LEU A 678 24.63 -13.49 8.75
CA LEU A 678 24.98 -13.52 10.16
C LEU A 678 23.73 -13.34 11.01
N GLU A 679 23.81 -13.68 12.31
CA GLU A 679 22.73 -13.43 13.25
C GLU A 679 23.00 -12.08 13.90
N ASP A 680 22.45 -11.01 13.31
CA ASP A 680 22.63 -9.64 13.76
C ASP A 680 22.25 -9.38 15.21
N HIS A 681 22.97 -8.46 15.86
CA HIS A 681 22.81 -8.06 17.24
C HIS A 681 22.91 -6.54 17.36
N GLU A 682 21.86 -5.85 17.80
CA GLU A 682 21.84 -4.40 17.87
C GLU A 682 22.72 -3.76 18.93
N PHE A 683 23.50 -2.76 18.50
CA PHE A 683 24.37 -1.92 19.29
C PHE A 683 23.64 -0.59 19.48
N VAL A 684 22.57 -0.63 20.29
CA VAL A 684 21.65 0.46 20.54
C VAL A 684 22.26 1.69 21.20
N PRO A 685 21.99 2.92 20.71
CA PRO A 685 22.47 4.14 21.33
C PRO A 685 21.79 4.41 22.67
N LEU A 686 22.49 5.06 23.59
CA LEU A 686 21.98 5.34 24.93
C LEU A 686 20.83 6.34 24.97
N GLU A 687 20.74 7.24 23.99
CA GLU A 687 19.70 8.25 23.87
C GLU A 687 18.29 7.68 23.79
N VAL A 688 18.15 6.42 23.37
CA VAL A 688 16.88 5.71 23.31
C VAL A 688 16.30 5.51 24.69
N TYR A 689 17.15 5.42 25.72
CA TYR A 689 16.77 5.22 27.10
C TYR A 689 16.75 6.51 27.92
N THR A 690 17.74 7.38 27.77
CA THR A 690 17.86 8.62 28.51
C THR A 690 16.96 9.76 28.02
N ARG A 691 16.84 9.95 26.70
CA ARG A 691 16.10 11.02 26.06
C ARG A 691 14.85 10.56 25.31
N HIS A 692 14.56 9.26 25.33
CA HIS A 692 13.45 8.60 24.67
C HIS A 692 13.35 8.89 23.17
N GLU A 693 14.50 8.98 22.49
CA GLU A 693 14.57 9.20 21.05
C GLU A 693 14.19 7.95 20.26
N ILE A 694 13.63 8.14 19.06
CA ILE A 694 13.20 7.07 18.19
C ILE A 694 14.33 6.46 17.37
N LYS A 695 14.40 5.12 17.37
CA LYS A 695 15.36 4.29 16.67
C LYS A 695 14.94 4.09 15.23
N ASP A 696 15.86 4.22 14.27
CA ASP A 696 15.61 4.03 12.86
C ASP A 696 15.13 2.62 12.53
N SER A 697 14.32 2.47 11.48
CA SER A 697 13.75 1.21 11.02
C SER A 697 13.63 1.09 9.51
N GLY A 698 14.40 1.86 8.74
CA GLY A 698 14.35 1.83 7.28
C GLY A 698 13.02 2.32 6.71
N LEU A 699 12.79 2.06 5.43
CA LEU A 699 11.57 2.43 4.74
C LEU A 699 10.39 1.61 5.26
N LEU A 700 9.19 2.20 5.25
CA LEU A 700 7.98 1.54 5.72
C LEU A 700 7.51 0.46 4.74
N ASP A 701 6.98 -0.64 5.26
CA ASP A 701 6.38 -1.72 4.49
C ASP A 701 4.87 -1.67 4.65
N TYR A 702 4.10 -2.50 3.94
CA TYR A 702 2.65 -2.41 4.02
C TYR A 702 2.08 -2.67 5.40
N THR A 703 2.66 -3.57 6.19
CA THR A 703 2.21 -3.86 7.53
C THR A 703 2.51 -2.69 8.46
N GLU A 704 3.69 -2.08 8.34
CA GLU A 704 4.07 -0.92 9.14
C GLU A 704 3.21 0.29 8.82
N VAL A 705 2.86 0.52 7.56
CA VAL A 705 2.02 1.63 7.15
C VAL A 705 0.65 1.51 7.82
N GLN A 706 -0.02 0.36 7.74
CA GLN A 706 -1.32 0.22 8.38
C GLN A 706 -1.22 0.27 9.91
N ARG A 707 -0.10 -0.11 10.51
CA ARG A 707 0.09 0.00 11.95
C ARG A 707 0.13 1.46 12.40
N ARG A 708 0.76 2.35 11.64
CA ARG A 708 0.81 3.77 11.95
C ARG A 708 -0.51 4.48 11.71
N VAL A 709 -1.26 4.12 10.66
CA VAL A 709 -2.56 4.71 10.40
C VAL A 709 -3.51 4.41 11.56
N GLN A 710 -3.48 3.18 12.10
CA GLN A 710 -4.29 2.79 13.24
C GLN A 710 -3.89 3.51 14.52
N LEU A 711 -2.63 3.95 14.64
CA LEU A 711 -2.15 4.69 15.78
C LEU A 711 -2.57 6.15 15.72
N HIS A 712 -2.59 6.77 14.53
CA HIS A 712 -3.03 8.14 14.38
C HIS A 712 -4.52 8.28 14.62
N ASP A 713 -5.37 7.35 14.17
CA ASP A 713 -6.79 7.47 14.41
C ASP A 713 -7.16 7.25 15.87
N LEU A 714 -6.29 6.64 16.67
CA LEU A 714 -6.45 6.50 18.10
C LEU A 714 -6.18 7.83 18.78
N ARG A 715 -5.16 8.58 18.33
CA ARG A 715 -4.84 9.90 18.87
C ARG A 715 -5.94 10.91 18.60
N PHE A 716 -6.51 10.92 17.39
CA PHE A 716 -7.62 11.80 17.10
C PHE A 716 -8.85 11.44 17.93
N ALA A 717 -9.11 10.15 18.18
CA ALA A 717 -10.21 9.74 19.01
C ALA A 717 -10.06 10.24 20.45
N ASP A 718 -8.85 10.22 21.00
CA ASP A 718 -8.58 10.73 22.35
C ASP A 718 -8.75 12.24 22.42
N ILE A 719 -8.46 12.99 21.35
CA ILE A 719 -8.67 14.42 21.28
C ILE A 719 -10.16 14.73 21.23
N ASP A 720 -10.95 13.97 20.48
CA ASP A 720 -12.39 14.16 20.39
C ASP A 720 -13.08 13.99 21.74
N THR A 721 -12.66 12.99 22.53
CA THR A 721 -13.22 12.77 23.86
C THR A 721 -13.02 13.98 24.75
N VAL A 722 -11.84 14.62 24.69
CA VAL A 722 -11.51 15.79 25.48
C VAL A 722 -12.34 17.02 25.12
N ILE A 723 -12.63 17.28 23.84
CA ILE A 723 -13.42 18.42 23.43
C ILE A 723 -14.93 18.19 23.53
N HIS A 724 -15.43 16.97 23.38
CA HIS A 724 -16.84 16.66 23.51
C HIS A 724 -17.29 16.72 24.97
N ALA A 725 -16.48 16.19 25.89
CA ALA A 725 -16.74 16.22 27.32
C ALA A 725 -16.35 17.56 27.93
N ASP A 726 -16.75 17.79 29.19
CA ASP A 726 -16.44 19.00 29.93
C ASP A 726 -16.37 18.72 31.44
N ALA A 727 -15.70 19.60 32.18
CA ALA A 727 -15.47 19.47 33.60
C ALA A 727 -16.70 19.31 34.49
N ASN A 728 -17.87 19.81 34.07
CA ASN A 728 -19.08 19.71 34.84
C ASN A 728 -19.69 18.32 34.84
N ALA A 729 -19.37 17.48 33.85
CA ALA A 729 -19.88 16.12 33.75
C ALA A 729 -19.57 15.30 35.00
N ALA A 730 -18.37 15.45 35.57
CA ALA A 730 -17.97 14.76 36.79
C ALA A 730 -18.79 15.19 37.99
N MET A 731 -19.12 16.48 38.08
CA MET A 731 -19.93 17.06 39.14
C MET A 731 -21.37 16.57 39.02
N PHE A 732 -21.96 16.63 37.82
CA PHE A 732 -23.30 16.16 37.56
C PHE A 732 -23.44 14.67 37.85
N ALA A 733 -22.44 13.87 37.51
CA ALA A 733 -22.42 12.44 37.79
C ALA A 733 -22.37 12.18 39.30
N GLY A 734 -21.56 12.93 40.04
CA GLY A 734 -21.44 12.83 41.49
C GLY A 734 -22.75 13.16 42.19
N LEU A 735 -23.43 14.22 41.77
CA LEU A 735 -24.72 14.64 42.29
C LEU A 735 -25.79 13.60 41.98
N GLY A 736 -25.86 13.14 40.73
CA GLY A 736 -26.83 12.14 40.30
C GLY A 736 -26.72 10.83 41.06
N ALA A 737 -25.50 10.34 41.29
CA ALA A 737 -25.23 9.13 42.04
C ALA A 737 -25.67 9.23 43.49
N PHE A 738 -25.60 10.43 44.07
CA PHE A 738 -26.04 10.69 45.44
C PHE A 738 -27.54 10.74 45.54
N PHE A 739 -28.22 11.43 44.62
CA PHE A 739 -29.67 11.57 44.63
C PHE A 739 -30.43 10.31 44.25
N GLU A 740 -29.99 9.52 43.27
CA GLU A 740 -30.71 8.32 42.88
C GLU A 740 -30.83 7.28 44.00
N GLY A 741 -29.88 7.27 44.93
CA GLY A 741 -29.85 6.39 46.08
C GLY A 741 -30.78 6.80 47.22
N MET A 742 -31.38 8.00 47.15
CA MET A 742 -32.28 8.55 48.15
C MET A 742 -33.75 8.44 47.75
N GLY A 743 -34.07 7.74 46.66
CA GLY A 743 -35.42 7.49 46.19
C GLY A 743 -36.26 8.70 45.86
N ASP A 744 -37.51 8.72 46.31
CA ASP A 744 -38.47 9.80 46.09
C ASP A 744 -37.97 11.13 46.61
N LEU A 745 -37.42 11.15 47.83
CA LEU A 745 -36.83 12.33 48.42
C LEU A 745 -35.62 12.78 47.61
N GLY A 746 -34.84 11.80 47.11
CA GLY A 746 -33.69 12.02 46.25
C GLY A 746 -34.04 12.78 44.99
N ARG A 747 -35.14 12.41 44.31
CA ARG A 747 -35.61 13.10 43.12
C ARG A 747 -36.23 14.44 43.45
N ALA A 748 -37.00 14.54 44.54
CA ALA A 748 -37.64 15.77 44.98
C ALA A 748 -36.64 16.88 45.28
N VAL A 749 -35.48 16.54 45.85
CA VAL A 749 -34.39 17.47 46.13
C VAL A 749 -33.49 17.62 44.92
N GLY A 750 -33.12 16.52 44.27
CA GLY A 750 -32.25 16.52 43.10
C GLY A 750 -32.73 17.38 41.95
N LYS A 751 -34.04 17.40 41.66
CA LYS A 751 -34.62 18.19 40.59
C LYS A 751 -34.42 19.70 40.76
N VAL A 752 -34.45 20.21 41.99
CA VAL A 752 -34.23 21.62 42.28
C VAL A 752 -32.74 21.93 42.40
N VAL A 753 -31.95 21.05 43.01
CA VAL A 753 -30.52 21.22 43.15
C VAL A 753 -29.84 21.28 41.79
N MET A 754 -30.23 20.40 40.85
CA MET A 754 -29.69 20.38 39.50
C MET A 754 -30.00 21.68 38.76
N GLY A 755 -31.15 22.30 39.03
CA GLY A 755 -31.58 23.54 38.44
C GLY A 755 -30.74 24.73 38.88
N ILE A 756 -30.49 24.88 40.18
CA ILE A 756 -29.67 25.97 40.71
C ILE A 756 -28.21 25.81 40.31
N VAL A 757 -27.65 24.60 40.33
CA VAL A 757 -26.29 24.35 39.91
C VAL A 757 -26.14 24.71 38.43
N GLY A 758 -27.13 24.38 37.60
CA GLY A 758 -27.17 24.74 36.20
C GLY A 758 -27.17 26.26 36.01
N GLY A 759 -27.88 26.99 36.88
CA GLY A 759 -27.93 28.43 36.89
C GLY A 759 -26.58 29.06 37.20
N VAL A 760 -25.83 28.47 38.14
CA VAL A 760 -24.51 28.92 38.53
C VAL A 760 -23.48 28.75 37.42
N VAL A 761 -23.33 27.53 36.88
CA VAL A 761 -22.35 27.27 35.83
C VAL A 761 -22.63 28.06 34.56
N SER A 762 -23.90 28.29 34.21
CA SER A 762 -24.27 29.07 33.05
C SER A 762 -23.97 30.55 33.26
N ALA A 763 -24.19 31.09 34.47
CA ALA A 763 -23.88 32.46 34.78
C ALA A 763 -22.39 32.73 34.72
N VAL A 764 -21.58 31.84 35.31
CA VAL A 764 -20.12 31.91 35.30
C VAL A 764 -19.60 31.84 33.87
N SER A 765 -20.16 30.96 33.05
CA SER A 765 -19.78 30.81 31.65
C SER A 765 -20.05 32.08 30.85
N GLY A 766 -21.15 32.78 31.14
CA GLY A 766 -21.52 34.02 30.47
C GLY A 766 -20.53 35.15 30.72
N VAL A 767 -20.18 35.42 31.98
CA VAL A 767 -19.22 36.46 32.31
C VAL A 767 -17.82 36.10 31.84
N SER A 768 -17.45 34.82 31.85
CA SER A 768 -16.17 34.35 31.35
C SER A 768 -16.06 34.58 29.85
N SER A 769 -17.13 34.31 29.11
CA SER A 769 -17.21 34.49 27.67
C SER A 769 -17.11 35.96 27.26
N PHE A 770 -17.68 36.87 28.04
CA PHE A 770 -17.63 38.30 27.77
C PHE A 770 -16.22 38.85 27.69
N MET A 771 -15.31 38.35 28.52
CA MET A 771 -13.91 38.76 28.56
C MET A 771 -13.10 38.31 27.35
N SER A 772 -13.65 37.50 26.44
CA SER A 772 -12.97 37.08 25.23
C SER A 772 -12.79 38.24 24.26
N ASN A 773 -13.71 39.21 24.28
CA ASN A 773 -13.67 40.42 23.47
C ASN A 773 -12.69 41.40 24.08
N PRO A 774 -11.78 42.01 23.33
CA PRO A 774 -10.82 42.98 23.86
C PRO A 774 -11.47 44.13 24.62
N PHE A 775 -12.62 44.64 24.17
CA PHE A 775 -13.34 45.70 24.85
C PHE A 775 -13.95 45.22 26.15
N GLY A 776 -14.37 43.95 26.22
CA GLY A 776 -14.91 43.34 27.43
C GLY A 776 -13.81 43.20 28.46
N ALA A 777 -12.64 42.70 28.05
CA ALA A 777 -11.46 42.57 28.88
C ALA A 777 -10.98 43.92 29.38
N LEU A 778 -11.02 44.94 28.53
CA LEU A 778 -10.65 46.30 28.88
C LEU A 778 -11.60 46.91 29.90
N ALA A 779 -12.92 46.76 29.72
CA ALA A 779 -13.92 47.31 30.61
C ALA A 779 -13.75 46.82 32.05
N VAL A 780 -13.57 45.51 32.25
CA VAL A 780 -13.36 44.95 33.58
C VAL A 780 -12.00 45.35 34.14
N GLY A 781 -10.98 45.48 33.29
CA GLY A 781 -9.65 45.91 33.67
C GLY A 781 -9.64 47.35 34.19
N LEU A 782 -10.37 48.25 33.53
CA LEU A 782 -10.50 49.63 33.91
C LEU A 782 -11.29 49.77 35.22
N LEU A 783 -12.32 48.95 35.41
CA LEU A 783 -13.12 48.96 36.62
C LEU A 783 -12.31 48.58 37.85
N VAL A 784 -11.53 47.51 37.79
CA VAL A 784 -10.70 47.11 38.92
C VAL A 784 -9.58 48.10 39.18
N LEU A 785 -9.01 48.72 38.14
CA LEU A 785 -7.99 49.74 38.26
C LEU A 785 -8.54 50.97 38.99
N ALA A 786 -9.76 51.40 38.63
CA ALA A 786 -10.43 52.50 39.27
C ALA A 786 -10.73 52.19 40.74
N GLY A 787 -11.14 50.94 41.01
CA GLY A 787 -11.42 50.46 42.35
C GLY A 787 -10.19 50.48 43.24
N LEU A 788 -9.04 50.06 42.71
CA LEU A 788 -7.77 50.07 43.40
C LEU A 788 -7.35 51.51 43.76
N ALA A 789 -7.48 52.43 42.81
CA ALA A 789 -7.15 53.83 43.03
C ALA A 789 -8.04 54.44 44.11
N ALA A 790 -9.34 54.15 44.09
CA ALA A 790 -10.31 54.62 45.07
C ALA A 790 -10.01 54.05 46.46
N ALA A 791 -9.71 52.75 46.53
CA ALA A 791 -9.41 52.05 47.77
C ALA A 791 -8.18 52.60 48.46
N PHE A 792 -7.04 52.71 47.76
CA PHE A 792 -5.82 53.23 48.36
C PHE A 792 -5.95 54.70 48.73
N PHE A 793 -6.65 55.52 47.95
CA PHE A 793 -6.86 56.92 48.28
C PHE A 793 -7.65 57.06 49.58
N ALA A 794 -8.77 56.36 49.69
CA ALA A 794 -9.61 56.38 50.87
C ALA A 794 -8.88 55.80 52.09
N PHE A 795 -8.11 54.73 51.92
CA PHE A 795 -7.33 54.13 52.99
C PHE A 795 -6.29 55.11 53.54
N ARG A 796 -5.56 55.79 52.66
CA ARG A 796 -4.58 56.79 53.05
C ARG A 796 -5.27 57.97 53.73
N TYR A 797 -6.45 58.38 53.24
CA TYR A 797 -7.23 59.45 53.82
C TYR A 797 -7.66 59.13 55.26
N VAL A 798 -8.25 57.97 55.52
CA VAL A 798 -8.64 57.61 56.87
C VAL A 798 -7.42 57.45 57.77
N MET A 799 -6.26 57.09 57.23
CA MET A 799 -5.03 57.01 57.99
C MET A 799 -4.61 58.38 58.49
N ARG A 800 -4.93 59.46 57.77
CA ARG A 800 -4.68 60.83 58.19
C ARG A 800 -5.55 61.15 59.40
N LEU A 801 -6.83 60.79 59.35
CA LEU A 801 -7.79 61.00 60.42
C LEU A 801 -7.39 60.23 61.67
N GLN A 802 -6.91 58.99 61.48
CA GLN A 802 -6.42 58.11 62.53
C GLN A 802 -5.18 58.69 63.19
N SER A 803 -4.32 59.37 62.42
CA SER A 803 -3.13 60.04 62.90
C SER A 803 -3.48 61.26 63.73
N ASN A 804 -4.36 62.14 63.23
CA ASN A 804 -4.83 63.33 63.92
C ASN A 804 -6.20 63.76 63.40
N PRO A 805 -7.22 63.92 64.24
CA PRO A 805 -8.55 64.30 63.80
C PRO A 805 -8.72 65.71 63.27
N MET A 806 -7.78 66.64 63.46
CA MET A 806 -7.89 67.99 62.98
C MET A 806 -7.70 68.16 61.47
N LYS A 807 -7.06 67.18 60.82
CA LYS A 807 -6.73 67.18 59.41
C LYS A 807 -7.95 67.21 58.50
N VAL B 90 -10.34 7.83 -55.93
CA VAL B 90 -11.51 8.61 -55.49
C VAL B 90 -11.69 8.51 -53.98
N ALA B 91 -12.16 9.58 -53.34
CA ALA B 91 -12.35 9.66 -51.90
C ALA B 91 -13.58 8.93 -51.35
N ALA B 92 -14.59 8.62 -52.17
CA ALA B 92 -15.82 7.99 -51.75
C ALA B 92 -15.66 6.70 -50.95
N GLY B 93 -14.74 5.82 -51.34
CA GLY B 93 -14.47 4.58 -50.64
C GLY B 93 -13.91 4.81 -49.24
N HIS B 94 -12.94 5.72 -49.12
CA HIS B 94 -12.34 6.11 -47.86
C HIS B 94 -13.35 6.77 -46.93
N ALA B 95 -14.19 7.65 -47.47
CA ALA B 95 -15.23 8.36 -46.75
C ALA B 95 -16.31 7.44 -46.20
N THR B 96 -16.85 6.53 -47.02
CA THR B 96 -17.86 5.59 -46.58
C THR B 96 -17.30 4.62 -45.55
N LEU B 97 -16.01 4.27 -45.64
CA LEU B 97 -15.36 3.43 -44.65
C LEU B 97 -15.30 4.14 -43.30
N ARG B 98 -15.14 5.47 -43.25
CA ARG B 98 -15.19 6.21 -42.00
C ARG B 98 -16.56 6.07 -41.37
N GLU B 99 -17.63 6.18 -42.17
CA GLU B 99 -19.00 6.06 -41.71
C GLU B 99 -19.28 4.69 -41.10
N HIS B 100 -18.84 3.62 -41.76
CA HIS B 100 -19.01 2.26 -41.25
C HIS B 100 -18.29 2.10 -39.91
N LEU B 101 -17.05 2.57 -39.80
CA LEU B 101 -16.27 2.47 -38.58
C LEU B 101 -16.88 3.28 -37.44
N ARG B 102 -17.41 4.46 -37.72
CA ARG B 102 -18.08 5.31 -36.75
C ARG B 102 -19.36 4.66 -36.23
N ASP B 103 -20.19 4.11 -37.11
CA ASP B 103 -21.42 3.45 -36.73
C ASP B 103 -21.19 2.21 -35.89
N ILE B 104 -20.13 1.44 -36.19
CA ILE B 104 -19.78 0.23 -35.46
C ILE B 104 -19.29 0.56 -34.06
N LYS B 105 -18.43 1.56 -33.87
CA LYS B 105 -17.93 1.92 -32.55
C LYS B 105 -18.92 2.66 -31.68
N ALA B 106 -19.84 3.42 -32.29
CA ALA B 106 -20.87 4.19 -31.59
C ALA B 106 -22.06 3.38 -31.09
N GLU B 107 -22.06 2.05 -31.26
CA GLU B 107 -23.12 1.16 -30.82
C GLU B 107 -23.37 1.22 -29.33
N ASN B 108 -24.63 1.02 -28.92
CA ASN B 108 -25.02 1.04 -27.52
C ASN B 108 -24.53 -0.18 -26.75
N THR B 109 -24.02 0.05 -25.54
CA THR B 109 -23.52 -0.97 -24.62
C THR B 109 -23.60 -0.46 -23.19
N ASP B 110 -23.89 -1.35 -22.23
CA ASP B 110 -24.03 -1.04 -20.83
C ASP B 110 -23.69 -2.23 -19.92
N ALA B 111 -23.58 -1.95 -18.62
CA ALA B 111 -23.30 -2.91 -17.58
C ALA B 111 -24.05 -2.52 -16.31
N ASN B 112 -24.37 -3.51 -15.46
CA ASN B 112 -25.09 -3.29 -14.22
C ASN B 112 -24.23 -2.71 -13.10
N PHE B 113 -24.91 -2.14 -12.11
CA PHE B 113 -24.32 -1.66 -10.87
C PHE B 113 -24.49 -2.75 -9.82
N TYR B 114 -23.71 -2.73 -8.74
CA TYR B 114 -23.80 -3.73 -7.70
C TYR B 114 -23.76 -3.15 -6.29
N VAL B 115 -24.62 -3.68 -5.41
CA VAL B 115 -24.62 -3.34 -4.00
C VAL B 115 -23.97 -4.52 -3.31
N CYS B 116 -22.78 -4.32 -2.74
CA CYS B 116 -22.01 -5.35 -2.07
C CYS B 116 -22.07 -5.18 -0.56
N PRO B 117 -22.94 -5.91 0.16
CA PRO B 117 -23.04 -5.80 1.60
C PRO B 117 -21.80 -6.37 2.30
N PRO B 118 -21.48 -5.93 3.53
CA PRO B 118 -20.33 -6.42 4.25
C PRO B 118 -20.55 -7.82 4.80
N PRO B 119 -19.59 -8.75 4.65
CA PRO B 119 -19.73 -10.11 5.14
C PRO B 119 -19.66 -10.21 6.66
N THR B 120 -20.52 -11.04 7.25
CA THR B 120 -20.66 -11.24 8.68
C THR B 120 -19.79 -12.35 9.26
N GLY B 121 -19.16 -13.18 8.41
CA GLY B 121 -18.32 -14.29 8.82
C GLY B 121 -19.00 -15.65 8.80
N ALA B 122 -20.20 -15.77 8.21
CA ALA B 122 -20.91 -17.03 8.11
C ALA B 122 -20.27 -18.02 7.15
N THR B 123 -19.46 -17.54 6.19
CA THR B 123 -18.70 -18.32 5.23
C THR B 123 -17.27 -17.82 5.24
N VAL B 124 -16.31 -18.69 5.57
CA VAL B 124 -14.90 -18.38 5.71
C VAL B 124 -14.04 -19.38 4.95
N VAL B 125 -12.95 -18.91 4.34
CA VAL B 125 -12.01 -19.72 3.58
C VAL B 125 -10.55 -19.37 3.85
N GLN B 126 -9.65 -20.30 3.54
CA GLN B 126 -8.21 -20.14 3.67
C GLN B 126 -7.50 -20.42 2.35
N PHE B 127 -6.20 -20.11 2.29
CA PHE B 127 -5.39 -20.23 1.09
C PHE B 127 -4.14 -21.10 1.28
N GLU B 128 -3.54 -21.48 0.15
CA GLU B 128 -2.32 -22.28 0.11
C GLU B 128 -1.09 -21.49 0.51
N GLN B 129 -0.03 -22.22 0.91
CA GLN B 129 1.24 -21.70 1.35
C GLN B 129 2.43 -22.26 0.56
N PRO B 130 3.53 -21.52 0.42
CA PRO B 130 4.72 -22.01 -0.25
C PRO B 130 5.32 -23.23 0.44
N ARG B 131 5.99 -24.09 -0.33
CA ARG B 131 6.60 -25.33 0.13
C ARG B 131 8.12 -25.32 0.02
N ARG B 132 8.81 -26.11 0.85
CA ARG B 132 10.25 -26.27 0.81
C ARG B 132 10.60 -27.08 -0.42
N CYS B 133 11.14 -26.43 -1.45
CA CYS B 133 11.49 -27.06 -2.72
C CYS B 133 12.87 -27.70 -2.69
N PRO B 134 13.05 -28.95 -3.13
CA PRO B 134 14.34 -29.61 -3.12
C PRO B 134 15.36 -28.97 -4.06
N THR B 135 16.65 -29.07 -3.72
CA THR B 135 17.77 -28.55 -4.48
C THR B 135 18.22 -29.44 -5.62
N ARG B 136 17.92 -30.75 -5.53
CA ARG B 136 18.24 -31.81 -6.47
C ARG B 136 17.26 -32.97 -6.31
N PRO B 137 17.12 -33.89 -7.25
CA PRO B 137 16.22 -35.03 -7.13
C PRO B 137 16.49 -35.89 -5.91
N GLU B 138 15.43 -36.45 -5.31
CA GLU B 138 15.51 -37.26 -4.11
C GLU B 138 14.70 -38.56 -4.13
N GLY B 139 13.60 -38.63 -4.89
CA GLY B 139 12.73 -39.78 -4.95
C GLY B 139 13.25 -40.98 -5.74
N GLN B 140 12.53 -42.09 -5.63
CA GLN B 140 12.78 -43.36 -6.29
C GLN B 140 11.55 -43.82 -7.06
N ASN B 141 11.75 -44.74 -8.02
CA ASN B 141 10.70 -45.34 -8.82
C ASN B 141 9.76 -44.34 -9.47
N TYR B 142 10.28 -43.25 -10.06
CA TYR B 142 9.46 -42.26 -10.73
C TYR B 142 8.69 -42.85 -11.91
N THR B 143 7.45 -42.41 -12.10
CA THR B 143 6.55 -42.86 -13.16
C THR B 143 5.50 -41.81 -13.51
N GLU B 144 4.92 -41.89 -14.71
CA GLU B 144 3.88 -41.03 -15.23
C GLU B 144 2.51 -41.70 -15.19
N GLY B 145 1.43 -40.91 -15.16
CA GLY B 145 0.09 -41.45 -15.16
C GLY B 145 -1.03 -40.41 -15.21
N ILE B 146 -2.26 -40.92 -15.30
CA ILE B 146 -3.50 -40.17 -15.29
C ILE B 146 -4.12 -40.32 -13.91
N ALA B 147 -4.77 -39.28 -13.38
CA ALA B 147 -5.38 -39.33 -12.07
C ALA B 147 -6.71 -38.60 -11.95
N VAL B 148 -7.53 -39.03 -10.99
CA VAL B 148 -8.82 -38.45 -10.67
C VAL B 148 -8.87 -38.33 -9.15
N VAL B 149 -9.23 -37.15 -8.63
CA VAL B 149 -9.24 -36.88 -7.21
C VAL B 149 -10.65 -36.62 -6.69
N PHE B 150 -11.00 -37.25 -5.57
CA PHE B 150 -12.28 -37.15 -4.90
C PHE B 150 -12.16 -36.57 -3.50
N LYS B 151 -13.15 -35.78 -3.10
CA LYS B 151 -13.26 -35.15 -1.79
C LYS B 151 -14.48 -35.68 -1.04
N GLU B 152 -14.47 -35.59 0.29
CA GLU B 152 -15.60 -35.96 1.11
C GLU B 152 -16.79 -35.05 0.82
N ASN B 153 -17.97 -35.63 0.60
CA ASN B 153 -19.18 -34.89 0.31
C ASN B 153 -19.89 -34.41 1.57
N ILE B 154 -19.87 -33.10 1.83
CA ILE B 154 -20.52 -32.47 2.96
C ILE B 154 -21.99 -32.18 2.73
N ALA B 155 -22.46 -32.25 1.48
CA ALA B 155 -23.84 -32.04 1.06
C ALA B 155 -24.52 -30.84 1.70
N PRO B 156 -24.19 -29.60 1.33
CA PRO B 156 -24.81 -28.42 1.91
C PRO B 156 -26.30 -28.34 1.58
N TYR B 157 -27.08 -27.79 2.52
CA TYR B 157 -28.51 -27.61 2.46
C TYR B 157 -28.89 -26.19 2.87
N LYS B 158 -29.47 -25.43 1.95
CA LYS B 158 -29.86 -24.04 2.13
C LYS B 158 -31.37 -23.87 2.20
N PHE B 159 -31.84 -23.00 3.09
CA PHE B 159 -33.24 -22.71 3.32
C PHE B 159 -33.44 -21.29 3.84
N LYS B 160 -34.70 -20.85 4.03
CA LYS B 160 -35.07 -19.55 4.53
C LYS B 160 -35.56 -19.61 5.96
N ALA B 161 -35.24 -18.60 6.77
CA ALA B 161 -35.64 -18.46 8.16
C ALA B 161 -36.04 -17.04 8.51
N THR B 162 -36.72 -16.85 9.64
CA THR B 162 -37.19 -15.55 10.10
C THR B 162 -36.87 -15.34 11.57
N MET B 163 -36.25 -14.20 11.93
CA MET B 163 -35.88 -13.84 13.28
C MET B 163 -36.78 -12.77 13.88
N TYR B 164 -37.01 -12.82 15.19
CA TYR B 164 -37.82 -11.88 15.94
C TYR B 164 -37.15 -11.49 17.26
N TYR B 165 -36.98 -10.20 17.52
CA TYR B 165 -36.38 -9.68 18.74
C TYR B 165 -36.85 -8.27 19.04
N LYS B 166 -36.68 -7.83 20.28
CA LYS B 166 -37.03 -6.51 20.77
C LYS B 166 -35.84 -5.85 21.44
N ASP B 167 -35.51 -4.64 20.99
CA ASP B 167 -34.45 -3.81 21.54
C ASP B 167 -35.05 -2.88 22.59
N VAL B 168 -34.35 -2.75 23.73
CA VAL B 168 -34.76 -1.96 24.87
C VAL B 168 -33.68 -0.94 25.23
N THR B 169 -34.09 0.30 25.50
CA THR B 169 -33.23 1.40 25.88
C THR B 169 -33.84 2.16 27.05
N VAL B 170 -33.04 2.43 28.08
CA VAL B 170 -33.45 3.11 29.31
C VAL B 170 -32.44 4.19 29.68
N SER B 171 -32.92 5.38 30.06
CA SER B 171 -32.09 6.50 30.47
C SER B 171 -32.83 7.38 31.46
N GLN B 172 -32.12 7.95 32.45
CA GLN B 172 -32.69 8.79 33.48
C GLN B 172 -32.95 10.20 32.97
N VAL B 173 -34.17 10.45 32.48
CA VAL B 173 -34.59 11.73 31.94
C VAL B 173 -35.09 12.70 33.01
N TRP B 174 -35.35 12.24 34.24
CA TRP B 174 -35.83 13.07 35.35
C TRP B 174 -34.89 14.21 35.72
N PHE B 175 -33.60 14.13 35.38
CA PHE B 175 -32.63 15.19 35.56
C PHE B 175 -32.84 16.38 34.63
N GLY B 176 -33.68 16.21 33.60
CA GLY B 176 -33.99 17.18 32.57
C GLY B 176 -33.34 16.77 31.25
N HIS B 177 -34.02 17.06 30.14
CA HIS B 177 -33.58 16.71 28.79
C HIS B 177 -32.19 17.25 28.43
N ARG B 178 -31.79 18.38 29.01
CA ARG B 178 -30.49 19.00 28.82
C ARG B 178 -29.37 18.42 29.68
N TYR B 179 -29.66 17.53 30.63
CA TYR B 179 -28.69 16.95 31.54
C TYR B 179 -28.66 15.43 31.60
N SER B 180 -29.69 14.74 31.09
CA SER B 180 -29.80 13.30 31.10
C SER B 180 -28.59 12.55 30.56
N GLN B 181 -27.89 13.10 29.56
CA GLN B 181 -26.71 12.50 28.97
C GLN B 181 -25.58 12.24 29.97
N PHE B 182 -25.46 13.05 31.03
CA PHE B 182 -24.46 12.87 32.06
C PHE B 182 -24.71 11.66 32.95
N MET B 183 -25.94 11.14 32.96
CA MET B 183 -26.35 9.98 33.72
C MET B 183 -26.24 8.68 32.94
N GLY B 184 -25.99 8.73 31.64
CA GLY B 184 -25.82 7.58 30.77
C GLY B 184 -27.10 6.93 30.25
N ILE B 185 -26.94 5.78 29.59
CA ILE B 185 -27.96 4.97 28.97
C ILE B 185 -27.67 3.50 29.22
N PHE B 186 -28.72 2.68 29.32
CA PHE B 186 -28.71 1.24 29.45
C PHE B 186 -29.38 0.63 28.23
N GLU B 187 -28.81 -0.44 27.66
CA GLU B 187 -29.29 -1.11 26.47
C GLU B 187 -29.34 -2.62 26.60
N ASP B 188 -30.34 -3.26 25.97
CA ASP B 188 -30.51 -4.70 25.94
C ASP B 188 -31.31 -5.16 24.73
N ARG B 189 -31.26 -6.48 24.43
CA ARG B 189 -31.91 -7.16 23.34
C ARG B 189 -32.57 -8.42 23.88
N ALA B 190 -33.87 -8.63 23.62
CA ALA B 190 -34.64 -9.74 24.13
C ALA B 190 -35.49 -10.48 23.11
N PRO B 191 -35.75 -11.78 23.30
CA PRO B 191 -36.56 -12.58 22.41
C PRO B 191 -38.05 -12.30 22.50
N VAL B 192 -38.76 -12.42 21.38
CA VAL B 192 -40.20 -12.24 21.28
C VAL B 192 -40.90 -13.58 21.51
N PRO B 193 -41.80 -13.72 22.49
CA PRO B 193 -42.49 -14.97 22.78
C PRO B 193 -43.46 -15.41 21.69
N PHE B 194 -43.69 -16.72 21.58
CA PHE B 194 -44.51 -17.35 20.57
C PHE B 194 -45.92 -16.78 20.43
N GLU B 195 -46.55 -16.42 21.55
CA GLU B 195 -47.89 -15.87 21.59
C GLU B 195 -47.98 -14.56 20.81
N GLU B 196 -46.99 -13.68 20.94
CA GLU B 196 -46.94 -12.42 20.24
C GLU B 196 -46.69 -12.63 18.74
N VAL B 197 -45.88 -13.63 18.37
CA VAL B 197 -45.60 -13.94 16.98
C VAL B 197 -46.85 -14.41 16.25
N ILE B 198 -47.60 -15.36 16.83
CA ILE B 198 -48.79 -15.91 16.21
C ILE B 198 -50.01 -15.00 16.31
N ASP B 199 -50.26 -14.38 17.47
CA ASP B 199 -51.44 -13.58 17.71
C ASP B 199 -51.36 -12.11 17.29
N LYS B 200 -50.17 -11.54 17.14
CA LYS B 200 -50.01 -10.14 16.77
C LYS B 200 -49.25 -9.94 15.47
N ILE B 201 -48.06 -10.53 15.32
CA ILE B 201 -47.24 -10.32 14.15
C ILE B 201 -47.84 -10.98 12.91
N ASN B 202 -48.14 -12.28 12.93
CA ASN B 202 -48.74 -12.95 11.79
C ASN B 202 -50.17 -12.51 11.52
N ALA B 203 -50.93 -12.16 12.56
CA ALA B 203 -52.32 -11.74 12.45
C ALA B 203 -52.54 -10.33 11.93
N LYS B 204 -51.75 -9.34 12.34
CA LYS B 204 -51.93 -7.95 11.97
C LYS B 204 -50.67 -7.15 11.62
N GLY B 205 -49.47 -7.62 11.96
CA GLY B 205 -48.23 -6.91 11.70
C GLY B 205 -47.89 -5.87 12.76
N VAL B 206 -48.15 -6.19 14.03
CA VAL B 206 -47.93 -5.32 15.17
C VAL B 206 -47.28 -6.00 16.36
N CYS B 207 -46.69 -5.23 17.29
CA CYS B 207 -46.07 -5.68 18.52
C CYS B 207 -46.65 -4.97 19.72
N ARG B 208 -46.54 -5.53 20.93
CA ARG B 208 -47.12 -5.03 22.17
C ARG B 208 -46.55 -3.79 22.83
N SER B 209 -45.44 -3.17 22.38
CA SER B 209 -44.83 -2.00 22.99
C SER B 209 -44.24 -2.14 24.39
N THR B 210 -44.13 -3.37 24.92
CA THR B 210 -43.58 -3.68 26.23
C THR B 210 -42.68 -4.91 26.16
N ALA B 211 -41.71 -5.02 27.07
CA ALA B 211 -40.74 -6.10 27.12
C ALA B 211 -40.19 -6.33 28.52
N LYS B 212 -39.71 -7.54 28.80
CA LYS B 212 -39.08 -7.93 30.05
C LYS B 212 -37.57 -8.00 29.86
N TYR B 213 -36.81 -7.44 30.79
CA TYR B 213 -35.35 -7.40 30.76
C TYR B 213 -34.75 -7.64 32.13
N VAL B 214 -33.42 -7.80 32.17
CA VAL B 214 -32.66 -8.03 33.39
C VAL B 214 -31.58 -6.97 33.54
N ARG B 215 -31.51 -6.36 34.73
CA ARG B 215 -30.55 -5.35 35.13
C ARG B 215 -30.31 -5.47 36.63
N ASN B 216 -29.08 -5.26 37.09
CA ASN B 216 -28.71 -5.39 38.49
C ASN B 216 -29.10 -6.74 39.08
N ASN B 217 -28.99 -7.79 38.27
CA ASN B 217 -29.32 -9.17 38.56
C ASN B 217 -30.78 -9.46 38.92
N LEU B 218 -31.72 -8.62 38.49
CA LEU B 218 -33.15 -8.77 38.70
C LEU B 218 -33.96 -8.42 37.46
N GLU B 219 -35.18 -8.93 37.36
CA GLU B 219 -36.09 -8.68 36.26
C GLU B 219 -36.82 -7.35 36.38
N THR B 220 -37.18 -6.73 35.26
CA THR B 220 -37.89 -5.47 35.16
C THR B 220 -38.64 -5.39 33.84
N THR B 221 -39.77 -4.66 33.79
CA THR B 221 -40.58 -4.48 32.61
C THR B 221 -40.42 -3.07 32.04
N ALA B 222 -40.13 -2.98 30.74
CA ALA B 222 -39.98 -1.74 29.98
C ALA B 222 -41.26 -1.37 29.23
N PHE B 223 -41.37 -0.10 28.85
CA PHE B 223 -42.50 0.46 28.14
C PHE B 223 -42.10 1.52 27.13
N HIS B 224 -42.71 1.51 25.94
CA HIS B 224 -42.43 2.49 24.91
C HIS B 224 -42.90 3.87 25.32
N ARG B 225 -41.99 4.84 25.40
CA ARG B 225 -42.23 6.23 25.78
C ARG B 225 -42.95 6.38 27.11
N ASP B 226 -42.72 5.44 28.04
CA ASP B 226 -43.31 5.38 29.36
C ASP B 226 -44.82 5.19 29.39
N ASP B 227 -45.46 4.92 28.25
CA ASP B 227 -46.88 4.74 28.09
C ASP B 227 -47.36 3.30 28.30
N HIS B 228 -48.67 3.09 28.31
CA HIS B 228 -49.31 1.80 28.47
C HIS B 228 -49.20 0.90 27.24
N GLU B 229 -49.51 -0.39 27.40
CA GLU B 229 -49.47 -1.38 26.34
C GLU B 229 -50.36 -1.00 25.16
N THR B 230 -49.83 -1.07 23.94
CA THR B 230 -50.49 -0.71 22.70
C THR B 230 -49.83 -1.38 21.50
N ASP B 231 -50.59 -1.64 20.44
CA ASP B 231 -50.14 -2.25 19.21
C ASP B 231 -49.37 -1.27 18.32
N MET B 232 -48.08 -1.52 18.07
CA MET B 232 -47.24 -0.72 17.20
C MET B 232 -47.05 -1.39 15.85
N GLU B 233 -47.28 -0.69 14.74
CA GLU B 233 -47.16 -1.24 13.40
C GLU B 233 -45.73 -1.30 12.84
N LEU B 234 -45.40 -2.43 12.24
CA LEU B 234 -44.13 -2.72 11.59
C LEU B 234 -44.06 -2.07 10.21
N LYS B 235 -42.95 -1.38 9.93
CA LYS B 235 -42.67 -0.63 8.72
C LYS B 235 -41.43 -1.16 8.00
N PRO B 236 -41.39 -1.22 6.67
CA PRO B 236 -40.24 -1.72 5.95
C PRO B 236 -38.98 -0.88 6.11
N ALA B 237 -37.81 -1.52 6.19
CA ALA B 237 -36.52 -0.85 6.26
C ALA B 237 -36.17 -0.32 4.87
N ASN B 238 -35.66 0.91 4.77
CA ASN B 238 -35.40 1.52 3.48
C ASN B 238 -34.20 0.97 2.70
N ALA B 239 -33.06 0.72 3.35
CA ALA B 239 -31.86 0.23 2.69
C ALA B 239 -31.80 -1.27 2.43
N ALA B 240 -32.75 -2.06 2.95
CA ALA B 240 -32.77 -3.49 2.76
C ALA B 240 -32.96 -3.90 1.31
N THR B 241 -32.24 -4.93 0.87
CA THR B 241 -32.24 -5.46 -0.49
C THR B 241 -33.55 -6.10 -0.90
N ARG B 242 -33.68 -6.55 -2.16
CA ARG B 242 -34.87 -7.20 -2.67
C ARG B 242 -35.21 -8.44 -1.85
N THR B 243 -34.21 -9.30 -1.68
CA THR B 243 -34.20 -10.47 -0.82
C THR B 243 -33.72 -10.04 0.57
N SER B 244 -33.77 -10.89 1.59
CA SER B 244 -33.31 -10.54 2.93
C SER B 244 -33.98 -9.29 3.50
N ARG B 245 -35.31 -9.21 3.36
CA ARG B 245 -36.17 -8.12 3.80
C ARG B 245 -36.18 -7.96 5.31
N GLY B 246 -36.54 -6.76 5.80
CA GLY B 246 -36.63 -6.45 7.21
C GLY B 246 -37.63 -5.34 7.52
N TRP B 247 -38.17 -5.37 8.75
CA TRP B 247 -39.16 -4.43 9.25
C TRP B 247 -38.84 -3.97 10.68
N HIS B 248 -39.20 -2.74 11.03
CA HIS B 248 -38.97 -2.13 12.33
C HIS B 248 -40.19 -1.33 12.78
N THR B 249 -40.37 -1.07 14.07
CA THR B 249 -41.45 -0.24 14.55
C THR B 249 -41.08 1.24 14.62
N THR B 250 -39.80 1.59 14.77
CA THR B 250 -39.29 2.95 14.80
C THR B 250 -38.24 3.17 13.72
N ASP B 251 -37.85 4.42 13.47
CA ASP B 251 -36.93 4.79 12.40
C ASP B 251 -35.60 5.39 12.82
N LEU B 252 -35.15 5.17 14.06
CA LEU B 252 -33.92 5.71 14.61
C LEU B 252 -32.64 5.27 13.92
N LYS B 253 -32.63 4.14 13.19
CA LYS B 253 -31.49 3.67 12.45
C LYS B 253 -31.15 4.56 11.27
N TYR B 254 -32.13 5.28 10.71
CA TYR B 254 -31.98 6.17 9.57
C TYR B 254 -32.13 7.64 9.89
N ASN B 255 -33.02 8.02 10.81
CA ASN B 255 -33.26 9.40 11.19
C ASN B 255 -32.19 9.96 12.11
N PRO B 256 -31.76 11.22 11.93
CA PRO B 256 -30.74 11.84 12.77
C PRO B 256 -31.21 12.21 14.18
N SER B 257 -32.51 12.15 14.45
CA SER B 257 -33.13 12.45 15.74
C SER B 257 -32.55 11.67 16.91
N ARG B 258 -31.91 10.53 16.65
CA ARG B 258 -31.24 9.68 17.63
C ARG B 258 -30.23 10.40 18.51
N VAL B 259 -29.72 11.57 18.09
CA VAL B 259 -28.80 12.39 18.86
C VAL B 259 -29.41 12.91 20.15
N GLU B 260 -30.73 13.02 20.23
CA GLU B 260 -31.48 13.48 21.38
C GLU B 260 -32.65 12.60 21.79
N ALA B 261 -33.21 11.78 20.90
CA ALA B 261 -34.35 10.92 21.17
C ALA B 261 -34.18 10.00 22.38
N PHE B 262 -32.99 9.44 22.60
CA PHE B 262 -32.71 8.58 23.73
C PHE B 262 -32.81 9.28 25.08
N HIS B 263 -32.78 10.61 25.11
CA HIS B 263 -32.91 11.45 26.28
C HIS B 263 -34.24 12.21 26.31
N ARG B 264 -35.11 12.01 25.32
CA ARG B 264 -36.41 12.62 25.21
C ARG B 264 -37.48 11.87 25.99
N TYR B 265 -37.26 10.58 26.22
CA TYR B 265 -38.13 9.65 26.93
C TYR B 265 -37.31 8.77 27.87
N GLY B 266 -37.90 8.34 28.99
CA GLY B 266 -37.21 7.53 29.98
C GLY B 266 -36.94 6.09 29.55
N THR B 267 -37.80 5.53 28.71
CA THR B 267 -37.72 4.18 28.18
C THR B 267 -38.28 4.11 26.77
N THR B 268 -37.60 3.34 25.90
CA THR B 268 -37.99 3.10 24.52
C THR B 268 -37.81 1.63 24.19
N VAL B 269 -38.72 1.12 23.34
CA VAL B 269 -38.78 -0.26 22.90
C VAL B 269 -39.02 -0.29 21.39
N ASN B 270 -38.28 -1.12 20.66
CA ASN B 270 -38.39 -1.27 19.23
C ASN B 270 -38.44 -2.74 18.83
N CYS B 271 -39.46 -3.14 18.09
CA CYS B 271 -39.70 -4.49 17.62
C CYS B 271 -39.08 -4.71 16.24
N ILE B 272 -38.34 -5.80 16.05
CA ILE B 272 -37.64 -6.12 14.82
C ILE B 272 -38.07 -7.47 14.26
N VAL B 273 -38.17 -7.57 12.93
CA VAL B 273 -38.51 -8.77 12.19
C VAL B 273 -37.63 -8.83 10.95
N GLU B 274 -36.94 -9.94 10.68
CA GLU B 274 -36.03 -10.06 9.56
C GLU B 274 -36.06 -11.43 8.88
N GLU B 275 -36.03 -11.46 7.55
CA GLU B 275 -35.91 -12.67 6.75
C GLU B 275 -34.44 -12.88 6.43
N VAL B 276 -33.92 -14.11 6.61
CA VAL B 276 -32.53 -14.42 6.39
C VAL B 276 -32.32 -15.80 5.78
N ASP B 277 -31.17 -15.98 5.13
CA ASP B 277 -30.74 -17.27 4.60
C ASP B 277 -30.18 -18.11 5.75
N ALA B 278 -30.31 -19.43 5.64
CA ALA B 278 -29.78 -20.39 6.60
C ALA B 278 -29.11 -21.55 5.86
N ARG B 279 -28.07 -22.14 6.46
CA ARG B 279 -27.33 -23.25 5.88
C ARG B 279 -26.97 -24.29 6.92
N SER B 280 -27.03 -25.56 6.51
CA SER B 280 -26.66 -26.73 7.28
C SER B 280 -25.88 -27.71 6.42
N VAL B 281 -24.95 -28.47 7.00
CA VAL B 281 -24.11 -29.45 6.33
C VAL B 281 -24.14 -30.77 7.08
N TYR B 282 -23.82 -31.88 6.41
CA TYR B 282 -23.81 -33.20 7.01
C TYR B 282 -22.99 -33.24 8.29
N PRO B 283 -23.43 -33.92 9.35
CA PRO B 283 -24.62 -34.74 9.49
C PRO B 283 -25.94 -34.02 9.78
N TYR B 284 -26.02 -32.70 9.57
CA TYR B 284 -27.19 -31.87 9.78
C TYR B 284 -27.68 -31.77 11.21
N ASP B 285 -26.77 -31.67 12.18
CA ASP B 285 -27.06 -31.55 13.60
C ASP B 285 -27.23 -30.13 14.11
N GLU B 286 -26.91 -29.12 13.30
CA GLU B 286 -27.01 -27.70 13.59
C GLU B 286 -27.05 -26.86 12.31
N PHE B 287 -27.27 -25.55 12.42
CA PHE B 287 -27.27 -24.63 11.30
C PHE B 287 -26.82 -23.23 11.66
N VAL B 288 -26.50 -22.42 10.64
CA VAL B 288 -26.10 -21.03 10.76
C VAL B 288 -27.04 -20.11 10.02
N LEU B 289 -27.11 -18.85 10.46
CA LEU B 289 -27.91 -17.78 9.89
C LEU B 289 -27.02 -16.73 9.21
N ALA B 290 -27.55 -15.97 8.25
CA ALA B 290 -26.84 -14.94 7.54
C ALA B 290 -26.25 -13.84 8.41
N THR B 291 -26.69 -13.71 9.66
CA THR B 291 -26.20 -12.78 10.65
C THR B 291 -24.89 -13.23 11.28
N GLY B 292 -24.46 -14.46 11.04
CA GLY B 292 -23.25 -15.06 11.57
C GLY B 292 -23.45 -15.87 12.85
N ASP B 293 -24.70 -16.10 13.26
CA ASP B 293 -25.08 -16.83 14.46
C ASP B 293 -25.40 -18.30 14.21
N PHE B 294 -25.12 -19.15 15.19
CA PHE B 294 -25.35 -20.58 15.18
C PHE B 294 -26.60 -20.98 15.95
N VAL B 295 -27.21 -22.11 15.59
CA VAL B 295 -28.38 -22.70 16.22
C VAL B 295 -28.15 -24.19 16.37
N TYR B 296 -28.05 -24.68 17.60
CA TYR B 296 -27.77 -26.06 17.95
C TYR B 296 -28.98 -26.99 17.94
N MET B 297 -29.58 -27.17 16.76
CA MET B 297 -30.71 -28.04 16.52
C MET B 297 -30.76 -28.43 15.04
N SER B 298 -31.14 -29.67 14.72
CA SER B 298 -31.25 -30.09 13.34
C SER B 298 -32.39 -29.37 12.62
N PRO B 299 -32.21 -28.84 11.41
CA PRO B 299 -33.29 -28.18 10.69
C PRO B 299 -34.43 -29.11 10.33
N PHE B 300 -34.23 -30.43 10.36
CA PHE B 300 -35.22 -31.45 10.07
C PHE B 300 -36.01 -31.90 11.29
N TYR B 301 -35.64 -31.45 12.50
CA TYR B 301 -36.31 -31.81 13.74
C TYR B 301 -37.77 -31.39 13.80
N GLY B 302 -38.57 -32.08 14.61
CA GLY B 302 -39.99 -31.82 14.80
C GLY B 302 -40.66 -32.88 15.65
N TYR B 303 -42.00 -32.92 15.66
CA TYR B 303 -42.78 -33.92 16.38
C TYR B 303 -43.29 -35.05 15.49
N ARG B 304 -43.27 -34.86 14.16
CA ARG B 304 -43.70 -35.81 13.16
C ARG B 304 -42.79 -37.02 13.05
N GLU B 305 -43.21 -38.02 12.29
CA GLU B 305 -42.48 -39.26 12.05
C GLU B 305 -41.04 -39.03 11.63
N GLY B 306 -40.10 -39.72 12.29
CA GLY B 306 -38.67 -39.63 12.07
C GLY B 306 -38.02 -38.35 12.58
N SER B 307 -38.63 -37.18 12.38
CA SER B 307 -38.12 -35.88 12.77
C SER B 307 -37.73 -35.78 14.24
N HIS B 308 -38.50 -36.39 15.15
CA HIS B 308 -38.26 -36.35 16.58
C HIS B 308 -37.00 -37.07 17.07
N THR B 309 -36.34 -37.86 16.23
CA THR B 309 -35.12 -38.58 16.60
C THR B 309 -33.85 -37.75 16.47
N GLU B 310 -33.90 -36.64 15.73
CA GLU B 310 -32.75 -35.79 15.47
C GLU B 310 -32.16 -35.06 16.67
N HIS B 311 -30.92 -34.60 16.49
CA HIS B 311 -30.14 -33.88 17.50
C HIS B 311 -30.69 -32.51 17.86
N THR B 312 -30.67 -32.20 19.15
CA THR B 312 -31.10 -30.93 19.75
C THR B 312 -30.30 -30.64 21.01
N SER B 313 -30.06 -29.36 21.32
CA SER B 313 -29.33 -28.91 22.49
C SER B 313 -30.08 -27.88 23.33
N TYR B 314 -31.37 -27.68 23.10
CA TYR B 314 -32.23 -26.77 23.80
C TYR B 314 -33.34 -27.52 24.53
N ALA B 315 -33.81 -26.98 25.66
CA ALA B 315 -34.87 -27.56 26.48
C ALA B 315 -36.18 -27.73 25.72
N ALA B 316 -37.01 -28.68 26.16
CA ALA B 316 -38.27 -29.02 25.52
C ALA B 316 -39.29 -27.89 25.43
N ASP B 317 -39.31 -26.94 26.35
CA ASP B 317 -40.23 -25.81 26.35
C ASP B 317 -39.85 -24.71 25.38
N ARG B 318 -38.58 -24.65 24.94
CA ARG B 318 -38.07 -23.67 24.01
C ARG B 318 -38.44 -23.95 22.55
N PHE B 319 -39.08 -25.08 22.24
CA PHE B 319 -39.49 -25.45 20.89
C PHE B 319 -40.99 -25.68 20.80
N LYS B 320 -41.56 -25.39 19.62
CA LYS B 320 -42.97 -25.55 19.29
C LYS B 320 -43.14 -25.76 17.79
N GLN B 321 -44.14 -26.56 17.39
CA GLN B 321 -44.47 -26.83 16.01
C GLN B 321 -45.95 -26.58 15.76
N VAL B 322 -46.28 -25.88 14.67
CA VAL B 322 -47.64 -25.50 14.30
C VAL B 322 -47.99 -26.03 12.90
N ASP B 323 -49.10 -26.76 12.80
CA ASP B 323 -49.64 -27.29 11.56
C ASP B 323 -50.73 -26.39 11.00
N GLY B 324 -50.90 -26.37 9.68
CA GLY B 324 -51.92 -25.57 9.02
C GLY B 324 -51.70 -24.06 9.09
N PHE B 325 -50.45 -23.62 9.23
CA PHE B 325 -50.06 -22.23 9.33
C PHE B 325 -50.10 -21.53 7.97
N TYR B 326 -50.49 -20.26 7.96
CA TYR B 326 -50.56 -19.40 6.78
C TYR B 326 -49.79 -18.11 6.99
N ALA B 327 -48.81 -17.85 6.11
CA ALA B 327 -48.00 -16.65 6.12
C ALA B 327 -48.77 -15.43 5.64
N ARG B 328 -48.25 -14.23 5.94
CA ARG B 328 -48.82 -12.95 5.54
C ARG B 328 -47.69 -11.95 5.34
N ASP B 329 -47.56 -11.39 4.14
CA ASP B 329 -46.49 -10.44 3.85
C ASP B 329 -46.75 -9.11 4.55
N LEU B 330 -45.79 -8.64 5.34
CA LEU B 330 -45.90 -7.38 6.07
C LEU B 330 -45.94 -6.17 5.15
N THR B 331 -45.46 -6.29 3.90
CA THR B 331 -45.44 -5.24 2.89
C THR B 331 -46.78 -5.11 2.18
N THR B 332 -47.28 -6.18 1.57
CA THR B 332 -48.51 -6.20 0.79
C THR B 332 -49.77 -6.47 1.60
N LYS B 333 -49.64 -6.95 2.84
CA LYS B 333 -50.71 -7.32 3.76
C LYS B 333 -51.57 -8.49 3.27
N ALA B 334 -51.15 -9.16 2.20
CA ALA B 334 -51.82 -10.31 1.62
C ALA B 334 -51.43 -11.60 2.32
N ARG B 335 -52.39 -12.51 2.48
CA ARG B 335 -52.21 -13.81 3.11
C ARG B 335 -51.92 -14.91 2.10
N ALA B 336 -51.18 -15.94 2.50
CA ALA B 336 -50.82 -17.09 1.68
C ALA B 336 -52.03 -17.90 1.23
N THR B 337 -51.87 -18.64 0.12
CA THR B 337 -52.91 -19.45 -0.49
C THR B 337 -52.97 -20.91 -0.06
N ALA B 338 -51.92 -21.45 0.56
CA ALA B 338 -51.85 -22.85 0.97
C ALA B 338 -51.26 -23.03 2.37
N PRO B 339 -51.67 -24.07 3.11
CA PRO B 339 -51.19 -24.35 4.46
C PRO B 339 -49.77 -24.90 4.48
N THR B 340 -49.10 -24.75 5.62
CA THR B 340 -47.73 -25.18 5.86
C THR B 340 -47.53 -25.63 7.31
N THR B 341 -46.37 -26.21 7.61
CA THR B 341 -45.97 -26.61 8.95
C THR B 341 -44.82 -25.70 9.37
N ARG B 342 -44.96 -24.98 10.49
CA ARG B 342 -44.03 -24.00 10.98
C ARG B 342 -43.36 -24.40 12.29
N ASN B 343 -42.02 -24.40 12.32
CA ASN B 343 -41.22 -24.66 13.50
C ASN B 343 -40.91 -23.33 14.17
N LEU B 344 -40.86 -23.28 15.50
CA LEU B 344 -40.52 -22.11 16.28
C LEU B 344 -39.58 -22.49 17.42
N LEU B 345 -38.53 -21.69 17.63
CA LEU B 345 -37.51 -21.94 18.64
C LEU B 345 -37.10 -20.65 19.34
N THR B 346 -36.91 -20.69 20.66
CA THR B 346 -36.52 -19.55 21.46
C THR B 346 -35.08 -19.64 21.95
N THR B 347 -34.18 -18.85 21.37
CA THR B 347 -32.78 -18.74 21.75
C THR B 347 -32.64 -17.65 22.82
N PRO B 348 -31.61 -17.63 23.66
CA PRO B 348 -31.45 -16.61 24.68
C PRO B 348 -31.42 -15.14 24.25
N LYS B 349 -31.30 -14.83 22.97
CA LYS B 349 -31.24 -13.46 22.47
C LYS B 349 -32.19 -13.10 21.34
N PHE B 350 -32.95 -14.05 20.80
CA PHE B 350 -33.93 -13.87 19.75
C PHE B 350 -34.73 -15.15 19.54
N THR B 351 -35.86 -15.10 18.82
CA THR B 351 -36.58 -16.30 18.44
C THR B 351 -36.48 -16.47 16.94
N VAL B 352 -36.55 -17.72 16.46
CA VAL B 352 -36.40 -18.06 15.06
C VAL B 352 -37.45 -19.06 14.62
N ALA B 353 -37.93 -18.91 13.38
CA ALA B 353 -38.93 -19.77 12.78
C ALA B 353 -38.58 -20.16 11.35
N TRP B 354 -39.00 -21.35 10.92
CA TRP B 354 -38.78 -21.89 9.59
C TRP B 354 -39.82 -22.92 9.21
N ASP B 355 -40.00 -23.16 7.91
CA ASP B 355 -40.94 -24.15 7.40
C ASP B 355 -40.34 -25.54 7.47
N TRP B 356 -41.06 -26.51 8.03
CA TRP B 356 -40.60 -27.89 8.17
C TRP B 356 -40.82 -28.73 6.92
N VAL B 357 -39.87 -29.61 6.63
CA VAL B 357 -39.84 -30.57 5.54
C VAL B 357 -39.13 -31.84 5.99
N PRO B 358 -39.48 -33.01 5.45
CA PRO B 358 -38.83 -34.27 5.81
C PRO B 358 -37.39 -34.33 5.33
N LYS B 359 -36.56 -35.12 6.03
CA LYS B 359 -35.16 -35.30 5.73
C LYS B 359 -34.95 -35.88 4.34
N ARG B 360 -34.14 -35.21 3.52
CA ARG B 360 -33.85 -35.60 2.15
C ARG B 360 -33.09 -36.92 2.07
N PRO B 361 -33.20 -37.68 0.96
CA PRO B 361 -32.51 -38.94 0.79
C PRO B 361 -30.99 -38.85 0.84
N SER B 362 -30.34 -39.97 1.17
CA SER B 362 -28.88 -40.07 1.24
C SER B 362 -28.23 -39.97 -0.12
N VAL B 363 -26.98 -39.50 -0.17
CA VAL B 363 -26.17 -39.31 -1.36
C VAL B 363 -24.80 -39.94 -1.23
N CYS B 364 -24.07 -40.05 -2.34
CA CYS B 364 -22.74 -40.64 -2.38
C CYS B 364 -21.76 -39.90 -1.47
N THR B 365 -20.92 -40.67 -0.77
CA THR B 365 -19.96 -40.20 0.22
C THR B 365 -18.85 -39.30 -0.31
N MET B 366 -18.49 -39.42 -1.59
CA MET B 366 -17.44 -38.62 -2.19
C MET B 366 -17.83 -38.11 -3.57
N THR B 367 -17.32 -36.93 -3.92
CA THR B 367 -17.57 -36.29 -5.20
C THR B 367 -16.25 -35.93 -5.88
N LYS B 368 -16.26 -36.00 -7.22
CA LYS B 368 -15.11 -35.67 -8.05
C LYS B 368 -14.77 -34.19 -7.88
N TRP B 369 -13.52 -33.91 -7.52
CA TRP B 369 -13.03 -32.56 -7.37
C TRP B 369 -12.20 -32.11 -8.56
N GLN B 370 -11.28 -32.95 -9.04
CA GLN B 370 -10.40 -32.65 -10.15
C GLN B 370 -10.05 -33.87 -10.99
N GLU B 371 -9.76 -33.63 -12.27
CA GLU B 371 -9.27 -34.60 -13.23
C GLU B 371 -7.90 -34.09 -13.67
N VAL B 372 -6.87 -34.94 -13.60
CA VAL B 372 -5.50 -34.56 -13.92
C VAL B 372 -4.95 -35.40 -15.06
N ASP B 373 -4.76 -34.75 -16.21
CA ASP B 373 -4.25 -35.35 -17.42
C ASP B 373 -2.77 -35.75 -17.34
N GLU B 374 -2.01 -35.18 -16.39
CA GLU B 374 -0.60 -35.43 -16.23
C GLU B 374 -0.20 -35.35 -14.76
N MET B 375 0.14 -36.50 -14.16
CA MET B 375 0.53 -36.60 -12.76
C MET B 375 1.69 -37.58 -12.58
N LEU B 376 2.72 -37.16 -11.85
CA LEU B 376 3.90 -37.95 -11.55
C LEU B 376 3.80 -38.55 -10.15
N ARG B 377 4.26 -39.80 -10.00
CA ARG B 377 4.32 -40.51 -8.74
C ARG B 377 5.75 -40.93 -8.44
N SER B 378 6.18 -40.81 -7.19
CA SER B 378 7.49 -41.22 -6.71
C SER B 378 7.39 -41.79 -5.31
N GLU B 379 8.38 -42.61 -4.92
CA GLU B 379 8.49 -43.25 -3.63
C GLU B 379 9.65 -42.65 -2.86
N TYR B 380 9.43 -42.22 -1.61
CA TYR B 380 10.45 -41.63 -0.77
C TYR B 380 10.10 -41.71 0.71
N GLY B 381 11.10 -42.00 1.56
CA GLY B 381 10.93 -42.08 3.00
C GLY B 381 9.84 -43.04 3.49
N GLY B 382 9.58 -44.12 2.74
CA GLY B 382 8.55 -45.09 3.07
C GLY B 382 7.13 -44.58 2.83
N SER B 383 6.92 -43.75 1.81
CA SER B 383 5.64 -43.18 1.42
C SER B 383 5.61 -42.80 -0.06
N PHE B 384 4.41 -42.76 -0.66
CA PHE B 384 4.20 -42.30 -2.01
C PHE B 384 3.95 -40.80 -2.01
N ARG B 385 4.36 -40.12 -3.08
CA ARG B 385 4.17 -38.69 -3.29
C ARG B 385 3.67 -38.45 -4.70
N PHE B 386 2.67 -37.59 -4.86
CA PHE B 386 2.05 -37.25 -6.13
C PHE B 386 2.14 -35.76 -6.41
N SER B 387 2.42 -35.38 -7.66
CA SER B 387 2.53 -33.99 -8.07
C SER B 387 2.13 -33.76 -9.52
N SER B 388 1.73 -32.53 -9.84
CA SER B 388 1.30 -32.08 -11.15
C SER B 388 1.45 -30.58 -11.27
N ASP B 389 1.49 -30.06 -12.50
CA ASP B 389 1.52 -28.63 -12.77
C ASP B 389 0.14 -28.01 -12.65
N ALA B 390 -0.92 -28.81 -12.74
CA ALA B 390 -2.30 -28.37 -12.68
C ALA B 390 -2.75 -27.83 -11.33
N ILE B 391 -2.20 -28.35 -10.23
CA ILE B 391 -2.52 -27.98 -8.87
C ILE B 391 -1.27 -27.92 -8.01
N CYS B 392 -1.11 -26.87 -7.19
CA CYS B 392 0.07 -26.68 -6.37
C CYS B 392 0.19 -27.54 -5.12
N THR B 393 -0.84 -28.32 -4.78
CA THR B 393 -0.83 -29.24 -3.65
C THR B 393 -0.03 -30.49 -3.99
N THR B 394 0.65 -31.08 -3.00
CA THR B 394 1.41 -32.31 -3.14
C THR B 394 0.85 -33.35 -2.17
N PHE B 395 0.25 -34.42 -2.70
CA PHE B 395 -0.35 -35.46 -1.89
C PHE B 395 0.69 -36.46 -1.40
N THR B 396 0.52 -36.97 -0.17
CA THR B 396 1.36 -37.96 0.46
C THR B 396 0.51 -39.11 0.99
N THR B 397 0.96 -40.35 0.82
CA THR B 397 0.21 -41.53 1.18
C THR B 397 1.06 -42.74 1.54
N ASN B 398 0.50 -43.70 2.28
CA ASN B 398 1.13 -44.96 2.62
C ASN B 398 1.28 -45.83 1.38
N LEU B 399 2.14 -46.86 1.42
CA LEU B 399 2.40 -47.75 0.30
C LEU B 399 1.26 -48.70 -0.07
N THR B 400 0.40 -49.07 0.87
CA THR B 400 -0.70 -50.00 0.64
C THR B 400 -1.88 -49.39 -0.09
N GLU B 401 -2.43 -50.13 -1.06
CA GLU B 401 -3.58 -49.73 -1.83
C GLU B 401 -4.87 -49.90 -1.03
N TYR B 402 -5.82 -48.98 -1.14
CA TYR B 402 -7.08 -49.03 -0.43
C TYR B 402 -8.11 -49.93 -1.11
N PRO B 403 -8.80 -50.83 -0.40
CA PRO B 403 -9.79 -51.71 -0.98
C PRO B 403 -11.12 -51.01 -1.19
N LEU B 404 -11.23 -50.18 -2.24
CA LEU B 404 -12.42 -49.41 -2.55
C LEU B 404 -13.69 -50.24 -2.69
N SER B 405 -13.61 -51.43 -3.27
CA SER B 405 -14.73 -52.34 -3.48
C SER B 405 -15.44 -52.75 -2.20
N ARG B 406 -14.77 -52.63 -1.04
CA ARG B 406 -15.30 -52.93 0.28
C ARG B 406 -16.34 -51.91 0.73
N VAL B 407 -16.33 -50.70 0.15
CA VAL B 407 -17.21 -49.60 0.52
C VAL B 407 -18.03 -49.03 -0.63
N ASP B 408 -17.51 -48.95 -1.87
CA ASP B 408 -18.22 -48.41 -3.01
C ASP B 408 -19.09 -49.45 -3.71
N LEU B 409 -20.00 -50.07 -2.96
CA LEU B 409 -20.91 -51.09 -3.43
C LEU B 409 -21.85 -50.58 -4.52
N GLY B 410 -22.17 -49.28 -4.51
CA GLY B 410 -22.99 -48.62 -5.51
C GLY B 410 -22.25 -48.22 -6.78
N ASP B 411 -20.93 -48.42 -6.83
CA ASP B 411 -20.05 -48.09 -7.93
C ASP B 411 -20.11 -46.63 -8.34
N CYS B 412 -20.28 -45.73 -7.37
CA CYS B 412 -20.36 -44.30 -7.54
C CYS B 412 -19.01 -43.69 -7.91
N ILE B 413 -17.95 -44.07 -7.18
CA ILE B 413 -16.60 -43.58 -7.35
C ILE B 413 -15.92 -44.33 -8.49
N GLY B 414 -16.00 -45.66 -8.49
CA GLY B 414 -15.38 -46.51 -9.47
C GLY B 414 -15.77 -46.21 -10.92
N LYS B 415 -17.08 -46.22 -11.23
CA LYS B 415 -17.59 -45.97 -12.57
C LYS B 415 -17.14 -44.63 -13.13
N ASP B 416 -17.21 -43.57 -12.32
CA ASP B 416 -16.83 -42.23 -12.72
C ASP B 416 -15.34 -42.14 -13.03
N ALA B 417 -14.50 -42.79 -12.21
CA ALA B 417 -13.07 -42.82 -12.42
C ALA B 417 -12.70 -43.54 -13.71
N ARG B 418 -13.27 -44.71 -13.96
CA ARG B 418 -13.03 -45.51 -15.15
C ARG B 418 -13.40 -44.75 -16.42
N ASP B 419 -14.55 -44.07 -16.44
CA ASP B 419 -14.99 -43.29 -17.59
C ASP B 419 -14.07 -42.12 -17.89
N ALA B 420 -13.70 -41.35 -16.86
CA ALA B 420 -12.83 -40.19 -17.01
C ALA B 420 -11.45 -40.55 -17.53
N MET B 421 -10.84 -41.61 -17.00
CA MET B 421 -9.52 -42.05 -17.42
C MET B 421 -9.47 -42.41 -18.90
N ASP B 422 -10.48 -43.10 -19.43
CA ASP B 422 -10.52 -43.47 -20.84
C ASP B 422 -10.70 -42.27 -21.75
N ARG B 423 -11.49 -41.28 -21.34
CA ARG B 423 -11.70 -40.05 -22.11
C ARG B 423 -10.40 -39.27 -22.23
N ILE B 424 -9.67 -39.13 -21.12
CA ILE B 424 -8.39 -38.44 -21.07
C ILE B 424 -7.36 -39.17 -21.92
N PHE B 425 -7.29 -40.50 -21.80
CA PHE B 425 -6.37 -41.32 -22.55
C PHE B 425 -6.58 -41.17 -24.05
N ALA B 426 -7.83 -41.22 -24.51
CA ALA B 426 -8.17 -41.05 -25.91
C ALA B 426 -7.83 -39.67 -26.46
N ARG B 427 -8.00 -38.62 -25.66
CA ARG B 427 -7.72 -37.25 -26.04
C ARG B 427 -6.24 -36.90 -26.17
N ARG B 428 -5.35 -37.46 -25.34
CA ARG B 428 -3.94 -37.11 -25.32
C ARG B 428 -2.88 -38.20 -25.40
N TYR B 429 -3.19 -39.45 -25.04
CA TYR B 429 -2.19 -40.49 -24.92
C TYR B 429 -2.26 -41.67 -25.87
N ASN B 430 -3.42 -41.95 -26.49
CA ASN B 430 -3.64 -43.08 -27.36
C ASN B 430 -2.61 -43.26 -28.49
N ALA B 431 -2.02 -42.17 -28.99
CA ALA B 431 -1.05 -42.20 -30.06
C ALA B 431 0.41 -42.22 -29.63
N THR B 432 0.74 -42.08 -28.34
CA THR B 432 2.11 -41.97 -27.88
C THR B 432 2.49 -42.75 -26.63
N HIS B 433 1.53 -43.30 -25.87
CA HIS B 433 1.76 -44.05 -24.66
C HIS B 433 0.90 -45.30 -24.58
N ILE B 434 1.21 -46.18 -23.61
CA ILE B 434 0.53 -47.42 -23.32
C ILE B 434 0.19 -47.54 -21.83
N LYS B 435 -0.90 -48.23 -21.51
CA LYS B 435 -1.33 -48.48 -20.15
C LYS B 435 -0.54 -49.64 -19.56
N VAL B 436 -0.02 -49.47 -18.33
CA VAL B 436 0.78 -50.50 -17.69
C VAL B 436 -0.03 -51.56 -16.96
N GLY B 437 -1.15 -51.20 -16.35
CA GLY B 437 -2.02 -52.11 -15.60
C GLY B 437 -3.34 -51.45 -15.22
N GLN B 438 -4.14 -52.13 -14.38
CA GLN B 438 -5.43 -51.64 -13.93
C GLN B 438 -5.32 -50.48 -12.94
N PRO B 439 -6.36 -49.65 -12.78
CA PRO B 439 -6.34 -48.53 -11.85
C PRO B 439 -6.11 -48.94 -10.39
N GLN B 440 -5.54 -48.01 -9.61
CA GLN B 440 -5.20 -48.16 -8.21
C GLN B 440 -5.84 -47.05 -7.38
N TYR B 441 -6.16 -47.32 -6.11
CA TYR B 441 -6.80 -46.37 -5.22
C TYR B 441 -6.01 -46.12 -3.94
N TYR B 442 -5.87 -44.86 -3.52
CA TYR B 442 -5.10 -44.48 -2.34
C TYR B 442 -5.74 -43.35 -1.55
N LEU B 443 -5.73 -43.42 -0.22
CA LEU B 443 -6.25 -42.40 0.68
C LEU B 443 -5.12 -41.50 1.14
N ALA B 444 -5.06 -40.27 0.62
CA ALA B 444 -4.03 -39.30 0.95
C ALA B 444 -4.33 -38.47 2.19
N ASN B 445 -3.27 -37.94 2.81
CA ASN B 445 -3.37 -37.06 3.96
C ASN B 445 -4.25 -35.85 3.63
N GLY B 446 -5.08 -35.42 4.59
CA GLY B 446 -6.03 -34.34 4.40
C GLY B 446 -7.43 -34.82 4.04
N GLY B 447 -7.62 -36.12 3.79
CA GLY B 447 -8.92 -36.71 3.49
C GLY B 447 -9.32 -36.73 2.03
N PHE B 448 -8.38 -37.00 1.12
CA PHE B 448 -8.62 -37.11 -0.32
C PHE B 448 -8.47 -38.56 -0.76
N LEU B 449 -9.23 -38.97 -1.78
CA LEU B 449 -9.12 -40.29 -2.39
C LEU B 449 -8.61 -40.09 -3.82
N ILE B 450 -7.50 -40.74 -4.17
CA ILE B 450 -6.86 -40.63 -5.46
C ILE B 450 -6.96 -41.93 -6.23
N ALA B 451 -7.51 -41.86 -7.46
CA ALA B 451 -7.56 -42.97 -8.40
C ALA B 451 -6.44 -42.72 -9.39
N TYR B 452 -5.51 -43.67 -9.55
CA TYR B 452 -4.33 -43.53 -10.39
C TYR B 452 -4.22 -44.61 -11.46
N GLN B 453 -3.68 -44.23 -12.63
CA GLN B 453 -3.47 -45.09 -13.78
C GLN B 453 -2.08 -44.86 -14.36
N PRO B 454 -1.11 -45.77 -14.16
CA PRO B 454 0.23 -45.62 -14.68
C PRO B 454 0.33 -45.84 -16.20
N LEU B 455 1.27 -45.13 -16.82
CA LEU B 455 1.57 -45.15 -18.24
C LEU B 455 3.06 -45.28 -18.55
N LEU B 456 3.37 -45.65 -19.79
CA LEU B 456 4.70 -45.74 -20.36
C LEU B 456 4.67 -45.14 -21.76
N SER B 457 5.66 -44.31 -22.11
CA SER B 457 5.74 -43.73 -23.44
C SER B 457 6.26 -44.79 -24.42
N ASN B 458 5.88 -44.72 -25.69
CA ASN B 458 6.32 -45.68 -26.69
C ASN B 458 7.84 -45.79 -26.78
N THR B 459 8.54 -44.68 -26.63
CA THR B 459 10.00 -44.59 -26.68
C THR B 459 10.67 -45.29 -25.50
N LEU B 460 10.06 -45.26 -24.31
CA LEU B 460 10.59 -45.91 -23.12
C LEU B 460 10.19 -47.39 -23.08
N ALA B 461 8.97 -47.72 -23.50
CA ALA B 461 8.46 -49.07 -23.51
C ALA B 461 9.35 -50.03 -24.29
N GLU B 462 9.84 -49.62 -25.45
CA GLU B 462 10.71 -50.45 -26.26
C GLU B 462 12.06 -50.76 -25.61
N LEU B 463 12.51 -49.98 -24.63
CA LEU B 463 13.74 -50.27 -23.91
C LEU B 463 13.54 -51.50 -23.03
N TYR B 464 12.36 -51.61 -22.39
CA TYR B 464 12.01 -52.79 -21.61
C TYR B 464 11.84 -53.99 -22.53
N VAL B 465 11.31 -53.79 -23.74
CA VAL B 465 11.15 -54.85 -24.72
C VAL B 465 12.49 -55.41 -25.17
N ARG B 466 13.44 -54.58 -25.60
CA ARG B 466 14.74 -55.06 -26.02
C ARG B 466 15.51 -55.72 -24.89
N GLU B 467 15.40 -55.23 -23.66
CA GLU B 467 16.03 -55.89 -22.53
C GLU B 467 15.39 -57.24 -22.24
N HIS B 468 14.07 -57.36 -22.37
CA HIS B 468 13.37 -58.61 -22.20
C HIS B 468 13.73 -59.61 -23.30
N LEU B 469 13.93 -59.15 -24.53
CA LEU B 469 14.35 -59.97 -25.65
C LEU B 469 15.78 -60.46 -25.44
N ARG B 470 16.69 -59.61 -24.93
CA ARG B 470 18.04 -60.01 -24.61
C ARG B 470 18.04 -61.03 -23.47
N GLU B 471 17.22 -60.82 -22.43
CA GLU B 471 17.07 -61.74 -21.32
C GLU B 471 16.56 -63.09 -21.82
N GLN B 472 15.58 -63.09 -22.72
CA GLN B 472 15.01 -64.29 -23.32
C GLN B 472 16.04 -65.06 -24.12
N SER B 473 16.97 -64.38 -24.80
CA SER B 473 18.06 -65.00 -25.54
C SER B 473 19.17 -65.52 -24.62
N ARG B 474 19.45 -64.82 -23.53
CA ARG B 474 20.45 -65.18 -22.54
C ARG B 474 20.06 -66.39 -21.69
N LYS B 475 18.76 -66.58 -21.45
CA LYS B 475 18.16 -67.66 -20.68
C LYS B 475 18.54 -69.04 -21.22
N ILE B 501 3.45 -58.43 -23.43
CA ILE B 501 4.27 -58.71 -22.23
C ILE B 501 3.74 -57.93 -21.03
N GLU B 502 3.82 -58.50 -19.83
CA GLU B 502 3.35 -57.84 -18.62
C GLU B 502 4.36 -56.83 -18.08
N PHE B 503 4.34 -55.62 -18.63
CA PHE B 503 5.23 -54.54 -18.26
C PHE B 503 5.29 -54.26 -16.77
N ALA B 504 4.22 -54.54 -16.01
CA ALA B 504 4.15 -54.35 -14.58
C ALA B 504 5.26 -55.06 -13.80
N ARG B 505 5.84 -56.13 -14.35
CA ARG B 505 6.92 -56.89 -13.76
C ARG B 505 8.28 -56.29 -14.09
N LEU B 506 8.40 -55.70 -15.28
CA LEU B 506 9.62 -55.13 -15.81
C LEU B 506 9.90 -53.71 -15.32
N GLN B 507 8.85 -52.91 -15.12
CA GLN B 507 8.91 -51.50 -14.80
C GLN B 507 10.01 -51.03 -13.86
N PHE B 508 10.14 -51.61 -12.65
CA PHE B 508 11.14 -51.19 -11.70
C PHE B 508 12.29 -52.17 -11.48
N THR B 509 12.42 -53.23 -12.28
CA THR B 509 13.46 -54.23 -12.12
C THR B 509 14.72 -53.96 -12.92
N TYR B 510 14.64 -53.39 -14.12
CA TYR B 510 15.80 -53.05 -14.93
C TYR B 510 16.40 -51.72 -14.47
N ASN B 511 17.18 -51.77 -13.40
CA ASN B 511 17.81 -50.65 -12.72
C ASN B 511 18.45 -49.59 -13.61
N HIS B 512 19.22 -50.00 -14.63
CA HIS B 512 19.88 -49.06 -15.52
C HIS B 512 18.94 -48.24 -16.40
N ILE B 513 17.68 -48.66 -16.58
CA ILE B 513 16.67 -47.92 -17.31
C ILE B 513 16.04 -46.89 -16.38
N GLN B 514 15.82 -47.25 -15.11
CA GLN B 514 15.18 -46.39 -14.13
C GLN B 514 16.03 -45.19 -13.72
N ARG B 515 17.36 -45.30 -13.68
CA ARG B 515 18.21 -44.19 -13.28
C ARG B 515 18.06 -42.95 -14.15
N PRO B 516 18.09 -43.02 -15.48
CA PRO B 516 17.84 -41.87 -16.33
C PRO B 516 16.45 -41.28 -16.15
N VAL B 517 15.44 -42.13 -15.89
CA VAL B 517 14.07 -41.72 -15.68
C VAL B 517 13.94 -40.95 -14.36
N ASN B 518 14.55 -41.42 -13.27
CA ASN B 518 14.53 -40.75 -11.99
C ASN B 518 15.13 -39.35 -12.11
N ASP B 519 16.21 -39.19 -12.88
CA ASP B 519 16.84 -37.91 -13.11
C ASP B 519 15.96 -36.97 -13.92
N MET B 520 15.44 -37.44 -15.06
CA MET B 520 14.60 -36.67 -15.94
C MET B 520 13.31 -36.20 -15.28
N LEU B 521 12.55 -37.12 -14.66
CA LEU B 521 11.30 -36.78 -14.02
C LEU B 521 11.50 -36.00 -12.72
N GLY B 522 12.60 -36.23 -11.99
CA GLY B 522 12.92 -35.48 -10.80
C GLY B 522 13.08 -34.00 -11.12
N ARG B 523 13.75 -33.70 -12.24
CA ARG B 523 13.94 -32.34 -12.73
C ARG B 523 12.62 -31.68 -13.11
N VAL B 524 11.69 -32.41 -13.70
CA VAL B 524 10.37 -31.90 -14.05
C VAL B 524 9.57 -31.53 -12.81
N ALA B 525 9.55 -32.40 -11.80
CA ALA B 525 8.85 -32.17 -10.56
C ALA B 525 9.36 -30.93 -9.83
N ILE B 526 10.68 -30.71 -9.83
CA ILE B 526 11.30 -29.55 -9.21
C ILE B 526 10.92 -28.27 -9.95
N ALA B 527 10.90 -28.28 -11.29
CA ALA B 527 10.53 -27.12 -12.07
C ALA B 527 9.12 -26.64 -11.74
N TRP B 528 8.16 -27.56 -11.59
CA TRP B 528 6.79 -27.24 -11.22
C TRP B 528 6.69 -26.66 -9.81
N CYS B 529 7.45 -27.22 -8.87
CA CYS B 529 7.49 -26.77 -7.49
C CYS B 529 7.98 -25.32 -7.36
N GLU B 530 9.05 -24.95 -8.07
CA GLU B 530 9.57 -23.60 -8.05
C GLU B 530 8.59 -22.60 -8.66
N LEU B 531 7.88 -22.99 -9.72
CA LEU B 531 6.90 -22.14 -10.37
C LEU B 531 5.69 -21.86 -9.49
N CYS B 532 5.21 -22.85 -8.73
CA CYS B 532 4.10 -22.65 -7.81
C CYS B 532 4.46 -21.65 -6.71
N ASN B 533 5.65 -21.75 -6.12
CA ASN B 533 6.07 -20.82 -5.08
C ASN B 533 6.12 -19.38 -5.58
N HIS B 534 6.54 -19.16 -6.83
CA HIS B 534 6.60 -17.85 -7.44
C HIS B 534 5.20 -17.25 -7.60
N GLU B 535 4.25 -17.99 -8.17
CA GLU B 535 2.89 -17.53 -8.38
C GLU B 535 2.10 -17.33 -7.09
N LEU B 536 2.19 -18.26 -6.13
CA LEU B 536 1.50 -18.13 -4.86
C LEU B 536 1.92 -16.88 -4.11
N THR B 537 3.21 -16.55 -4.17
CA THR B 537 3.77 -15.39 -3.49
C THR B 537 3.19 -14.09 -4.04
N LEU B 538 3.04 -13.95 -5.35
CA LEU B 538 2.46 -12.75 -5.95
C LEU B 538 0.97 -12.67 -5.69
N TRP B 539 0.24 -13.78 -5.84
CA TRP B 539 -1.19 -13.83 -5.64
C TRP B 539 -1.61 -13.53 -4.20
N ASN B 540 -0.90 -14.07 -3.21
CA ASN B 540 -1.18 -13.81 -1.81
C ASN B 540 -0.90 -12.39 -1.36
N GLU B 541 -0.07 -11.62 -2.06
CA GLU B 541 0.18 -10.23 -1.74
C GLU B 541 -0.92 -9.36 -2.34
N ALA B 542 -1.32 -9.61 -3.60
CA ALA B 542 -2.39 -8.87 -4.23
C ALA B 542 -3.71 -9.03 -3.48
N ARG B 543 -3.95 -10.20 -2.90
CA ARG B 543 -5.14 -10.50 -2.11
C ARG B 543 -5.32 -9.54 -0.94
N LYS B 544 -4.24 -9.07 -0.31
CA LYS B 544 -4.30 -8.14 0.80
C LYS B 544 -4.63 -6.71 0.38
N LEU B 545 -4.23 -6.30 -0.82
CA LEU B 545 -4.47 -4.97 -1.34
C LEU B 545 -5.88 -4.77 -1.85
N ASN B 546 -6.48 -5.78 -2.49
CA ASN B 546 -7.80 -5.71 -3.07
C ASN B 546 -8.53 -7.04 -2.99
N PRO B 547 -9.15 -7.39 -1.87
CA PRO B 547 -9.84 -8.66 -1.70
C PRO B 547 -10.99 -8.89 -2.65
N ASN B 548 -11.80 -7.88 -2.96
CA ASN B 548 -12.95 -8.00 -3.83
C ASN B 548 -12.59 -8.42 -5.25
N ALA B 549 -11.56 -7.81 -5.84
CA ALA B 549 -11.15 -8.13 -7.20
C ALA B 549 -10.59 -9.54 -7.31
N ILE B 550 -9.73 -9.94 -6.38
CA ILE B 550 -9.11 -11.26 -6.35
C ILE B 550 -10.15 -12.35 -6.14
N ALA B 551 -11.06 -12.18 -5.18
CA ALA B 551 -12.09 -13.18 -4.92
C ALA B 551 -13.06 -13.33 -6.10
N SER B 552 -13.47 -12.23 -6.74
CA SER B 552 -14.37 -12.27 -7.87
C SER B 552 -13.80 -13.04 -9.06
N VAL B 553 -12.50 -12.93 -9.31
CA VAL B 553 -11.83 -13.65 -10.38
C VAL B 553 -11.76 -15.14 -10.10
N THR B 554 -11.52 -15.54 -8.85
CA THR B 554 -11.45 -16.93 -8.45
C THR B 554 -12.80 -17.64 -8.48
N VAL B 555 -13.86 -16.98 -8.00
CA VAL B 555 -15.20 -17.57 -7.95
C VAL B 555 -15.96 -17.45 -9.26
N GLY B 556 -15.60 -16.50 -10.13
CA GLY B 556 -16.23 -16.30 -11.43
C GLY B 556 -17.50 -15.47 -11.43
N ARG B 557 -17.74 -14.64 -10.41
CA ARG B 557 -18.87 -13.76 -10.24
C ARG B 557 -18.55 -12.67 -9.23
N ARG B 558 -19.29 -11.55 -9.21
CA ARG B 558 -19.04 -10.47 -8.27
C ARG B 558 -19.37 -10.92 -6.85
N VAL B 559 -18.40 -10.77 -5.93
CA VAL B 559 -18.53 -11.10 -4.52
C VAL B 559 -17.91 -10.02 -3.64
N SER B 560 -18.38 -9.94 -2.40
CA SER B 560 -17.91 -9.05 -1.36
C SER B 560 -17.00 -9.85 -0.45
N ALA B 561 -15.80 -9.36 -0.14
CA ALA B 561 -14.83 -10.07 0.68
C ALA B 561 -14.16 -9.19 1.74
N ARG B 562 -13.73 -9.79 2.84
CA ARG B 562 -13.11 -9.11 3.96
C ARG B 562 -12.14 -10.00 4.73
N MET B 563 -10.99 -9.48 5.15
CA MET B 563 -9.98 -10.22 5.89
C MET B 563 -10.23 -10.15 7.39
N LEU B 564 -10.59 -11.26 8.02
CA LEU B 564 -10.83 -11.37 9.45
C LEU B 564 -9.59 -11.88 10.18
N GLY B 565 -8.47 -11.19 9.97
CA GLY B 565 -7.18 -11.58 10.50
C GLY B 565 -6.43 -12.36 9.43
N ASP B 566 -6.18 -13.65 9.66
CA ASP B 566 -5.44 -14.51 8.77
C ASP B 566 -6.28 -15.40 7.85
N VAL B 567 -7.58 -15.16 7.75
CA VAL B 567 -8.55 -15.85 6.91
C VAL B 567 -9.49 -14.86 6.24
N MET B 568 -10.22 -15.26 5.20
CA MET B 568 -11.12 -14.39 4.46
C MET B 568 -12.59 -14.81 4.54
N ALA B 569 -13.48 -13.84 4.78
CA ALA B 569 -14.92 -14.02 4.81
C ALA B 569 -15.52 -13.52 3.50
N VAL B 570 -16.55 -14.18 2.97
CA VAL B 570 -17.17 -13.82 1.70
C VAL B 570 -18.68 -13.91 1.65
N SER B 571 -19.31 -13.12 0.78
CA SER B 571 -20.74 -13.10 0.53
C SER B 571 -21.06 -12.58 -0.87
N THR B 572 -22.27 -12.80 -1.36
CA THR B 572 -22.70 -12.36 -2.68
C THR B 572 -23.18 -10.92 -2.73
N CYS B 573 -23.03 -10.26 -3.88
CA CYS B 573 -23.50 -8.91 -4.15
C CYS B 573 -24.82 -8.97 -4.93
N VAL B 574 -25.66 -7.93 -4.85
CA VAL B 574 -26.92 -7.87 -5.55
C VAL B 574 -26.88 -6.85 -6.69
N PRO B 575 -27.29 -7.19 -7.92
CA PRO B 575 -27.25 -6.29 -9.05
C PRO B 575 -28.40 -5.30 -9.12
N VAL B 576 -28.13 -4.14 -9.72
CA VAL B 576 -29.04 -3.02 -9.93
C VAL B 576 -28.95 -2.59 -11.39
N ALA B 577 -30.10 -2.38 -12.04
CA ALA B 577 -30.19 -1.96 -13.43
C ALA B 577 -29.69 -0.55 -13.65
N ALA B 578 -29.00 -0.32 -14.77
CA ALA B 578 -28.37 0.95 -15.11
C ALA B 578 -29.28 2.16 -15.21
N ASP B 579 -30.57 2.00 -15.51
CA ASP B 579 -31.53 3.09 -15.62
C ASP B 579 -32.16 3.50 -14.30
N ASN B 580 -31.95 2.73 -13.22
CA ASN B 580 -32.47 3.02 -11.89
C ASN B 580 -31.49 3.81 -11.02
N VAL B 581 -30.43 4.39 -11.59
CA VAL B 581 -29.40 5.14 -10.90
C VAL B 581 -29.29 6.57 -11.43
N ILE B 582 -29.17 7.55 -10.54
CA ILE B 582 -29.05 8.97 -10.83
C ILE B 582 -27.85 9.55 -10.08
N VAL B 583 -27.05 10.40 -10.73
CA VAL B 583 -25.88 11.05 -10.18
C VAL B 583 -26.12 12.54 -9.95
N GLN B 584 -25.60 13.10 -8.86
CA GLN B 584 -25.76 14.50 -8.51
C GLN B 584 -24.73 15.41 -9.17
N ASN B 585 -25.07 16.69 -9.36
CA ASN B 585 -24.23 17.65 -10.06
C ASN B 585 -23.04 18.26 -9.31
N SER B 586 -22.93 18.14 -7.98
CA SER B 586 -21.86 18.75 -7.23
C SER B 586 -21.25 17.85 -6.15
N MET B 587 -19.95 18.01 -5.93
CA MET B 587 -19.15 17.29 -4.96
C MET B 587 -18.75 18.14 -3.76
N ARG B 588 -19.18 19.40 -3.68
CA ARG B 588 -18.86 20.29 -2.57
C ARG B 588 -19.83 20.11 -1.40
N ILE B 589 -19.32 20.19 -0.17
CA ILE B 589 -20.11 20.08 1.04
C ILE B 589 -20.44 21.50 1.51
N SER B 590 -21.73 21.85 1.57
CA SER B 590 -22.19 23.17 1.93
C SER B 590 -22.01 23.56 3.40
N SER B 591 -22.14 22.61 4.33
CA SER B 591 -22.03 22.87 5.76
C SER B 591 -20.63 23.15 6.29
N ARG B 592 -19.57 22.68 5.63
CA ARG B 592 -18.19 22.88 5.99
C ARG B 592 -17.37 23.23 4.76
N PRO B 593 -17.18 24.52 4.45
CA PRO B 593 -16.53 25.01 3.24
C PRO B 593 -15.18 24.44 2.83
N GLY B 594 -14.35 23.95 3.75
CA GLY B 594 -13.06 23.38 3.42
C GLY B 594 -13.08 21.96 2.87
N ALA B 595 -14.19 21.23 2.96
CA ALA B 595 -14.30 19.84 2.54
C ALA B 595 -15.11 19.59 1.28
N CYS B 596 -14.75 18.52 0.58
CA CYS B 596 -15.33 18.04 -0.67
C CYS B 596 -15.38 16.52 -0.68
N TYR B 597 -16.32 15.90 -1.39
CA TYR B 597 -16.41 14.46 -1.51
C TYR B 597 -15.36 13.90 -2.47
N SER B 598 -14.82 12.71 -2.21
CA SER B 598 -13.82 12.09 -3.06
C SER B 598 -14.38 11.53 -4.37
N ARG B 599 -15.58 10.96 -4.33
CA ARG B 599 -16.29 10.37 -5.45
C ARG B 599 -17.73 10.87 -5.48
N PRO B 600 -18.43 10.88 -6.63
CA PRO B 600 -19.76 11.44 -6.76
C PRO B 600 -20.86 10.81 -5.91
N LEU B 601 -21.85 11.62 -5.54
CA LEU B 601 -23.03 11.18 -4.82
C LEU B 601 -24.08 10.66 -5.79
N VAL B 602 -24.83 9.64 -5.38
CA VAL B 602 -25.86 9.01 -6.19
C VAL B 602 -27.12 8.70 -5.40
N SER B 603 -28.21 8.45 -6.14
CA SER B 603 -29.52 8.05 -5.67
C SER B 603 -30.01 6.92 -6.56
N PHE B 604 -30.60 5.86 -6.00
CA PHE B 604 -31.04 4.72 -6.78
C PHE B 604 -32.22 3.97 -6.19
N ARG B 605 -32.70 2.94 -6.91
CA ARG B 605 -33.78 2.06 -6.51
C ARG B 605 -33.43 0.59 -6.74
N TYR B 606 -33.84 -0.31 -5.84
CA TYR B 606 -33.64 -1.73 -6.02
C TYR B 606 -34.64 -2.34 -6.99
N GLU B 607 -35.80 -1.72 -7.13
CA GLU B 607 -36.92 -2.11 -7.98
C GLU B 607 -37.47 -0.90 -8.72
N ASP B 608 -38.02 -1.10 -9.92
CA ASP B 608 -38.52 -0.06 -10.79
C ASP B 608 -39.59 0.86 -10.19
N GLN B 609 -40.30 0.42 -9.14
CA GLN B 609 -41.34 1.17 -8.47
C GLN B 609 -41.08 1.45 -6.99
N GLY B 610 -39.90 1.09 -6.47
CA GLY B 610 -39.54 1.26 -5.08
C GLY B 610 -39.12 2.67 -4.67
N PRO B 611 -38.91 2.92 -3.37
CA PRO B 611 -38.45 4.19 -2.85
C PRO B 611 -36.97 4.41 -3.15
N LEU B 612 -36.52 5.67 -3.09
CA LEU B 612 -35.14 6.03 -3.34
C LEU B 612 -34.23 5.78 -2.14
N VAL B 613 -32.99 5.37 -2.44
CA VAL B 613 -31.91 5.10 -1.52
C VAL B 613 -30.74 6.00 -1.88
N GLU B 614 -30.06 6.57 -0.88
CA GLU B 614 -28.93 7.45 -1.05
C GLU B 614 -27.60 6.74 -0.88
N GLY B 615 -26.60 7.05 -1.72
CA GLY B 615 -25.29 6.45 -1.66
C GLY B 615 -24.19 7.30 -2.29
N GLN B 616 -23.02 6.68 -2.50
CA GLN B 616 -21.84 7.26 -3.11
C GLN B 616 -21.26 6.26 -4.10
N LEU B 617 -20.77 6.73 -5.24
CA LEU B 617 -20.23 5.89 -6.29
C LEU B 617 -18.85 5.32 -5.94
N GLY B 618 -18.75 4.00 -5.80
CA GLY B 618 -17.50 3.30 -5.55
C GLY B 618 -16.78 2.93 -6.83
N GLU B 619 -15.71 2.13 -6.72
CA GLU B 619 -14.94 1.65 -7.84
C GLU B 619 -15.66 0.53 -8.58
N ASN B 620 -15.49 0.45 -9.89
CA ASN B 620 -16.05 -0.59 -10.75
C ASN B 620 -17.54 -0.86 -10.57
N ASN B 621 -18.36 0.18 -10.70
CA ASN B 621 -19.81 0.17 -10.60
C ASN B 621 -20.40 -0.26 -9.26
N GLU B 622 -19.63 -0.25 -8.18
CA GLU B 622 -20.14 -0.55 -6.85
C GLU B 622 -20.87 0.65 -6.25
N LEU B 623 -22.01 0.44 -5.62
CA LEU B 623 -22.79 1.47 -4.96
C LEU B 623 -22.60 1.36 -3.45
N ARG B 624 -21.96 2.36 -2.82
CA ARG B 624 -21.73 2.39 -1.39
C ARG B 624 -22.87 3.12 -0.70
N LEU B 625 -23.26 2.69 0.51
CA LEU B 625 -24.37 3.28 1.24
C LEU B 625 -23.98 4.27 2.34
N THR B 626 -22.69 4.52 2.55
CA THR B 626 -22.17 5.31 3.65
C THR B 626 -21.94 6.81 3.48
N ARG B 627 -21.59 7.32 2.29
CA ARG B 627 -21.28 8.72 2.06
C ARG B 627 -20.19 9.26 2.98
N ASP B 628 -19.09 8.53 3.11
CA ASP B 628 -17.98 8.84 3.99
C ASP B 628 -16.63 9.13 3.33
N ALA B 629 -16.51 9.13 2.00
CA ALA B 629 -15.28 9.45 1.32
C ALA B 629 -15.19 10.96 1.11
N ILE B 630 -14.36 11.64 1.90
CA ILE B 630 -14.18 13.08 1.94
C ILE B 630 -12.70 13.48 1.94
N GLU B 631 -12.38 14.63 1.36
CA GLU B 631 -11.06 15.24 1.24
C GLU B 631 -11.12 16.75 1.40
N PRO B 632 -10.00 17.43 1.68
CA PRO B 632 -9.94 18.88 1.68
C PRO B 632 -9.98 19.35 0.23
N CYS B 633 -10.73 20.40 -0.10
CA CYS B 633 -10.84 20.89 -1.45
C CYS B 633 -9.54 21.46 -1.99
N THR B 634 -9.29 21.26 -3.28
CA THR B 634 -8.11 21.66 -4.03
C THR B 634 -8.43 22.51 -5.25
N VAL B 635 -7.43 23.00 -5.98
CA VAL B 635 -7.58 23.74 -7.21
C VAL B 635 -6.98 22.96 -8.39
N GLY B 636 -7.62 23.08 -9.56
CA GLY B 636 -7.22 22.38 -10.77
C GLY B 636 -7.66 20.92 -10.79
N HIS B 637 -8.79 20.60 -10.14
CA HIS B 637 -9.34 19.27 -10.04
C HIS B 637 -10.03 18.79 -11.31
N ARG B 638 -9.67 17.59 -11.79
CA ARG B 638 -10.19 16.93 -12.96
C ARG B 638 -10.32 15.44 -12.68
N ARG B 639 -11.44 14.78 -12.99
CA ARG B 639 -11.64 13.37 -12.72
C ARG B 639 -12.57 12.69 -13.71
N TYR B 640 -12.28 11.43 -14.01
CA TYR B 640 -13.08 10.54 -14.85
C TYR B 640 -13.49 9.35 -13.98
N PHE B 641 -14.80 9.10 -13.81
CA PHE B 641 -15.29 8.00 -13.02
C PHE B 641 -16.06 7.01 -13.88
N THR B 642 -15.82 5.72 -13.69
CA THR B 642 -16.51 4.65 -14.40
C THR B 642 -17.98 4.66 -14.00
N PHE B 643 -18.90 4.68 -14.97
CA PHE B 643 -20.32 4.76 -14.69
C PHE B 643 -21.17 4.07 -15.76
N GLY B 644 -21.74 2.91 -15.43
CA GLY B 644 -22.65 2.15 -16.28
C GLY B 644 -22.15 1.81 -17.67
N GLY B 645 -20.91 1.34 -17.81
CA GLY B 645 -20.33 0.99 -19.10
C GLY B 645 -19.76 2.15 -19.90
N GLY B 646 -19.67 3.34 -19.30
CA GLY B 646 -19.10 4.55 -19.85
C GLY B 646 -18.39 5.33 -18.76
N TYR B 647 -18.24 6.65 -18.94
CA TYR B 647 -17.61 7.54 -17.97
C TYR B 647 -18.40 8.83 -17.77
N VAL B 648 -18.16 9.47 -16.63
CA VAL B 648 -18.66 10.78 -16.26
C VAL B 648 -17.45 11.65 -15.95
N TYR B 649 -17.42 12.88 -16.48
CA TYR B 649 -16.32 13.79 -16.31
C TYR B 649 -16.68 14.97 -15.41
N PHE B 650 -15.92 15.14 -14.32
CA PHE B 650 -16.07 16.18 -13.32
C PHE B 650 -14.88 17.12 -13.38
N GLU B 651 -15.12 18.42 -13.18
CA GLU B 651 -14.12 19.46 -13.22
C GLU B 651 -14.41 20.50 -12.15
N GLU B 652 -13.41 20.82 -11.31
CA GLU B 652 -13.52 21.74 -10.19
C GLU B 652 -14.71 21.44 -9.29
N TYR B 653 -14.85 20.17 -8.91
CA TYR B 653 -15.90 19.61 -8.07
C TYR B 653 -17.32 19.73 -8.60
N ALA B 654 -17.51 19.92 -9.90
CA ALA B 654 -18.81 20.00 -10.55
C ALA B 654 -18.91 19.14 -11.80
N TYR B 655 -20.09 18.61 -12.09
CA TYR B 655 -20.36 17.76 -13.23
C TYR B 655 -20.29 18.50 -14.56
N SER B 656 -20.02 17.81 -15.66
CA SER B 656 -19.98 18.40 -16.98
C SER B 656 -20.61 17.57 -18.09
N HIS B 657 -20.14 16.35 -18.37
CA HIS B 657 -20.69 15.51 -19.42
C HIS B 657 -20.29 14.04 -19.30
N GLN B 658 -20.89 13.21 -20.16
CA GLN B 658 -20.66 11.78 -20.29
C GLN B 658 -19.80 11.41 -21.49
N LEU B 659 -19.15 10.24 -21.43
CA LEU B 659 -18.34 9.68 -22.49
C LEU B 659 -18.59 8.19 -22.62
N SER B 660 -18.44 7.66 -23.84
CA SER B 660 -18.53 6.25 -24.13
C SER B 660 -17.16 5.60 -23.92
N ARG B 661 -17.10 4.31 -23.59
CA ARG B 661 -15.84 3.61 -23.44
C ARG B 661 -15.03 3.58 -24.72
N ALA B 662 -15.64 3.87 -25.87
CA ALA B 662 -15.01 3.94 -27.17
C ALA B 662 -14.37 5.29 -27.48
N ASP B 663 -14.56 6.32 -26.65
CA ASP B 663 -14.02 7.65 -26.85
C ASP B 663 -12.60 7.87 -26.36
N ILE B 664 -12.00 6.88 -25.67
CA ILE B 664 -10.66 6.94 -25.10
C ILE B 664 -9.83 5.80 -25.68
N THR B 665 -8.56 6.05 -26.00
CA THR B 665 -7.67 5.03 -26.53
C THR B 665 -7.27 4.00 -25.48
N THR B 666 -7.25 2.72 -25.85
CA THR B 666 -6.91 1.64 -24.95
C THR B 666 -5.46 1.21 -25.08
N VAL B 667 -4.71 1.18 -23.98
CA VAL B 667 -3.35 0.70 -23.93
C VAL B 667 -3.42 -0.82 -23.75
N SER B 668 -3.96 -1.48 -24.78
CA SER B 668 -4.31 -2.89 -24.83
C SER B 668 -3.20 -3.89 -24.50
N THR B 669 -2.19 -4.01 -25.36
CA THR B 669 -1.10 -4.96 -25.18
C THR B 669 -0.15 -4.53 -24.06
N PHE B 670 0.58 -5.47 -23.47
CA PHE B 670 1.54 -5.20 -22.43
C PHE B 670 2.70 -4.33 -22.89
N ILE B 671 2.92 -4.21 -24.20
CA ILE B 671 3.91 -3.39 -24.88
C ILE B 671 3.31 -2.82 -26.15
N ASP B 672 3.42 -1.51 -26.37
CA ASP B 672 3.04 -0.78 -27.57
C ASP B 672 3.74 0.58 -27.59
N LEU B 673 4.27 1.00 -28.75
CA LEU B 673 5.07 2.19 -28.89
C LEU B 673 4.46 3.35 -29.67
N ASN B 674 3.29 3.19 -30.29
CA ASN B 674 2.65 4.18 -31.13
C ASN B 674 2.00 5.38 -30.45
N ILE B 675 2.09 5.56 -29.13
CA ILE B 675 1.48 6.67 -28.43
C ILE B 675 2.19 7.98 -28.76
N THR B 676 1.42 9.05 -29.00
CA THR B 676 1.89 10.37 -29.35
C THR B 676 1.65 11.40 -28.25
N MET B 677 2.52 11.37 -27.24
CA MET B 677 2.50 12.24 -26.08
C MET B 677 3.05 13.64 -26.37
N LEU B 678 2.91 14.54 -25.40
CA LEU B 678 3.39 15.91 -25.39
C LEU B 678 4.20 16.19 -24.13
N GLU B 679 5.01 17.24 -24.12
CA GLU B 679 5.72 17.66 -22.92
C GLU B 679 4.82 18.64 -22.18
N ASP B 680 3.93 18.13 -21.33
CA ASP B 680 2.96 18.91 -20.57
C ASP B 680 3.59 20.03 -19.76
N HIS B 681 2.92 21.18 -19.71
CA HIS B 681 3.36 22.39 -19.03
C HIS B 681 2.24 22.92 -18.14
N GLU B 682 2.41 22.86 -16.82
CA GLU B 682 1.40 23.28 -15.87
C GLU B 682 1.03 24.75 -15.92
N PHE B 683 -0.28 25.01 -15.99
CA PHE B 683 -0.93 26.30 -16.00
C PHE B 683 -1.53 26.53 -14.62
N VAL B 684 -0.65 26.76 -13.64
CA VAL B 684 -0.98 26.92 -12.24
C VAL B 684 -1.98 28.02 -11.92
N PRO B 685 -3.02 27.77 -11.13
CA PRO B 685 -3.97 28.77 -10.70
C PRO B 685 -3.34 29.78 -9.76
N LEU B 686 -3.77 31.05 -9.83
CA LEU B 686 -3.22 32.13 -9.05
C LEU B 686 -3.44 32.03 -7.53
N GLU B 687 -4.50 31.35 -7.10
CA GLU B 687 -4.83 31.14 -5.70
C GLU B 687 -3.75 30.39 -4.92
N VAL B 688 -2.93 29.60 -5.61
CA VAL B 688 -1.82 28.86 -5.02
C VAL B 688 -0.80 29.81 -4.42
N TYR B 689 -0.69 31.03 -4.96
CA TYR B 689 0.22 32.06 -4.51
C TYR B 689 -0.45 33.12 -3.64
N THR B 690 -1.63 33.62 -4.01
CA THR B 690 -2.32 34.68 -3.28
C THR B 690 -2.91 34.27 -1.94
N ARG B 691 -3.33 33.02 -1.76
CA ARG B 691 -3.95 32.53 -0.54
C ARG B 691 -3.50 31.14 -0.09
N HIS B 692 -2.31 30.73 -0.53
CA HIS B 692 -1.66 29.47 -0.22
C HIS B 692 -2.53 28.23 -0.35
N GLU B 693 -3.36 28.17 -1.40
CA GLU B 693 -4.24 27.06 -1.68
C GLU B 693 -3.50 25.84 -2.23
N ILE B 694 -4.01 24.63 -1.99
CA ILE B 694 -3.42 23.38 -2.43
C ILE B 694 -3.85 22.94 -3.81
N LYS B 695 -2.85 22.55 -4.63
CA LYS B 695 -2.97 22.09 -6.00
C LYS B 695 -3.25 20.59 -6.08
N ASP B 696 -4.19 20.18 -6.93
CA ASP B 696 -4.53 18.79 -7.15
C ASP B 696 -3.38 17.98 -7.72
N SER B 697 -3.35 16.68 -7.41
CA SER B 697 -2.33 15.73 -7.85
C SER B 697 -2.84 14.32 -8.10
N GLY B 698 -4.13 14.14 -8.37
CA GLY B 698 -4.73 12.83 -8.61
C GLY B 698 -4.73 11.91 -7.40
N LEU B 699 -4.99 10.62 -7.63
CA LEU B 699 -5.01 9.60 -6.59
C LEU B 699 -3.63 9.33 -6.02
N LEU B 700 -3.57 8.88 -4.76
CA LEU B 700 -2.32 8.61 -4.06
C LEU B 700 -1.68 7.28 -4.44
N ASP B 701 -0.44 7.32 -4.93
CA ASP B 701 0.36 6.14 -5.21
C ASP B 701 1.09 5.73 -3.94
N TYR B 702 1.73 4.55 -3.92
CA TYR B 702 2.36 4.05 -2.72
C TYR B 702 3.47 4.92 -2.15
N THR B 703 4.22 5.66 -2.98
CA THR B 703 5.26 6.55 -2.51
C THR B 703 4.67 7.77 -1.84
N GLU B 704 3.60 8.33 -2.40
CA GLU B 704 2.91 9.48 -1.84
C GLU B 704 2.24 9.14 -0.51
N VAL B 705 1.67 7.94 -0.38
CA VAL B 705 1.05 7.49 0.86
C VAL B 705 2.06 7.48 1.99
N GLN B 706 3.22 6.84 1.82
CA GLN B 706 4.21 6.82 2.89
C GLN B 706 4.81 8.19 3.16
N ARG B 707 4.85 9.11 2.18
CA ARG B 707 5.33 10.46 2.38
C ARG B 707 4.40 11.22 3.32
N ARG B 708 3.08 11.08 3.17
CA ARG B 708 2.11 11.73 4.04
C ARG B 708 2.06 11.12 5.43
N VAL B 709 2.19 9.80 5.58
CA VAL B 709 2.21 9.16 6.88
C VAL B 709 3.36 9.70 7.71
N GLN B 710 4.56 9.87 7.13
CA GLN B 710 5.70 10.42 7.82
C GLN B 710 5.54 11.90 8.15
N LEU B 711 4.74 12.65 7.37
CA LEU B 711 4.47 14.04 7.63
C LEU B 711 3.53 14.21 8.81
N HIS B 712 2.56 13.31 8.98
CA HIS B 712 1.63 13.35 10.10
C HIS B 712 2.31 12.96 11.41
N ASP B 713 3.19 11.96 11.43
CA ASP B 713 3.86 11.60 12.66
C ASP B 713 4.87 12.63 13.12
N LEU B 714 5.30 13.55 12.23
CA LEU B 714 6.13 14.69 12.58
C LEU B 714 5.29 15.73 13.31
N ARG B 715 4.04 15.96 12.88
CA ARG B 715 3.14 16.91 13.51
C ARG B 715 2.76 16.46 14.91
N PHE B 716 2.48 15.17 15.12
CA PHE B 716 2.19 14.68 16.46
C PHE B 716 3.40 14.80 17.38
N ALA B 717 4.63 14.62 16.89
CA ALA B 717 5.82 14.77 17.69
C ALA B 717 6.01 16.21 18.16
N ASP B 718 5.66 17.20 17.32
CA ASP B 718 5.73 18.59 17.67
C ASP B 718 4.68 18.96 18.72
N ILE B 719 3.49 18.35 18.67
CA ILE B 719 2.44 18.56 19.66
C ILE B 719 2.87 17.96 21.00
N ASP B 720 3.43 16.75 21.01
CA ASP B 720 3.91 16.09 22.21
C ASP B 720 5.00 16.91 22.90
N THR B 721 5.92 17.48 22.12
CA THR B 721 7.00 18.30 22.62
C THR B 721 6.48 19.52 23.37
N VAL B 722 5.41 20.15 22.87
CA VAL B 722 4.78 21.31 23.47
C VAL B 722 4.05 20.98 24.76
N ILE B 723 3.34 19.85 24.86
CA ILE B 723 2.61 19.49 26.07
C ILE B 723 3.48 18.85 27.15
N HIS B 724 4.57 18.15 26.81
CA HIS B 724 5.47 17.57 27.78
C HIS B 724 6.31 18.63 28.47
N ALA B 725 6.74 19.66 27.74
CA ALA B 725 7.48 20.80 28.26
C ALA B 725 6.55 21.84 28.87
N ASP B 726 7.12 22.85 29.54
CA ASP B 726 6.38 23.93 30.16
C ASP B 726 7.23 25.20 30.24
N ALA B 727 6.57 26.35 30.37
CA ALA B 727 7.18 27.67 30.41
C ALA B 727 8.26 27.88 31.46
N ASN B 728 8.22 27.17 32.58
CA ASN B 728 9.20 27.32 33.64
C ASN B 728 10.54 26.69 33.30
N ALA B 729 10.61 25.74 32.36
CA ALA B 729 11.84 25.10 31.96
C ALA B 729 12.89 26.09 31.48
N ALA B 730 12.48 27.12 30.74
CA ALA B 730 13.36 28.16 30.25
C ALA B 730 13.95 28.99 31.38
N MET B 731 13.15 29.26 32.42
CA MET B 731 13.57 29.99 33.60
C MET B 731 14.57 29.16 34.41
N PHE B 732 14.26 27.90 34.68
CA PHE B 732 15.13 26.99 35.41
C PHE B 732 16.45 26.77 34.68
N ALA B 733 16.45 26.71 33.34
CA ALA B 733 17.64 26.57 32.53
C ALA B 733 18.51 27.82 32.63
N GLY B 734 17.91 29.01 32.58
CA GLY B 734 18.61 30.28 32.71
C GLY B 734 19.27 30.43 34.07
N LEU B 735 18.55 30.05 35.14
CA LEU B 735 19.04 30.06 36.50
C LEU B 735 20.16 29.05 36.68
N GLY B 736 19.99 27.83 36.16
CA GLY B 736 20.97 26.76 36.25
C GLY B 736 22.29 27.12 35.59
N ALA B 737 22.26 27.71 34.40
CA ALA B 737 23.44 28.15 33.69
C ALA B 737 24.21 29.22 34.45
N PHE B 738 23.49 30.13 35.11
CA PHE B 738 24.07 31.19 35.92
C PHE B 738 24.73 30.63 37.18
N PHE B 739 24.05 29.76 37.92
CA PHE B 739 24.58 29.15 39.13
C PHE B 739 25.74 28.19 38.86
N GLU B 740 25.74 27.43 37.77
CA GLU B 740 26.86 26.57 37.44
C GLU B 740 28.10 27.39 37.12
N GLY B 741 27.95 28.49 36.38
CA GLY B 741 29.01 29.40 36.02
C GLY B 741 29.58 30.18 37.19
N MET B 742 28.79 30.39 38.25
CA MET B 742 29.15 31.11 39.46
C MET B 742 30.00 30.29 40.42
N GLY B 743 30.20 28.98 40.17
CA GLY B 743 31.03 28.10 40.96
C GLY B 743 30.42 27.63 42.28
N ASP B 744 31.26 27.41 43.29
CA ASP B 744 30.87 26.93 44.62
C ASP B 744 29.83 27.80 45.28
N LEU B 745 29.99 29.13 45.24
CA LEU B 745 29.04 30.08 45.77
C LEU B 745 27.73 30.00 45.00
N GLY B 746 27.81 29.72 43.69
CA GLY B 746 26.68 29.52 42.81
C GLY B 746 25.83 28.33 43.23
N ARG B 747 26.46 27.22 43.63
CA ARG B 747 25.77 26.04 44.13
C ARG B 747 25.14 26.31 45.49
N ALA B 748 25.86 27.01 46.37
CA ALA B 748 25.40 27.37 47.69
C ALA B 748 24.16 28.27 47.68
N VAL B 749 24.00 29.11 46.66
CA VAL B 749 22.84 29.97 46.46
C VAL B 749 21.76 29.27 45.65
N GLY B 750 22.13 28.60 44.54
CA GLY B 750 21.22 27.90 43.67
C GLY B 750 20.34 26.87 44.38
N LYS B 751 20.90 26.13 45.34
CA LYS B 751 20.19 25.12 46.11
C LYS B 751 19.03 25.68 46.92
N VAL B 752 19.10 26.94 47.37
CA VAL B 752 18.03 27.60 48.10
C VAL B 752 17.13 28.39 47.16
N VAL B 753 17.67 29.00 46.10
CA VAL B 753 16.91 29.74 45.12
C VAL B 753 15.89 28.85 44.43
N MET B 754 16.25 27.63 44.04
CA MET B 754 15.32 26.69 43.42
C MET B 754 14.16 26.34 44.35
N GLY B 755 14.37 26.39 45.67
CA GLY B 755 13.35 26.13 46.67
C GLY B 755 12.31 27.25 46.74
N ILE B 756 12.75 28.50 46.84
CA ILE B 756 11.86 29.65 46.89
C ILE B 756 11.14 29.87 45.56
N VAL B 757 11.81 29.70 44.42
CA VAL B 757 11.19 29.80 43.12
C VAL B 757 10.15 28.69 42.97
N GLY B 758 10.44 27.49 43.48
CA GLY B 758 9.50 26.38 43.50
C GLY B 758 8.25 26.74 44.28
N GLY B 759 8.39 27.48 45.38
CA GLY B 759 7.30 27.97 46.20
C GLY B 759 6.41 28.95 45.44
N VAL B 760 7.02 29.86 44.66
CA VAL B 760 6.32 30.83 43.85
C VAL B 760 5.49 30.15 42.76
N VAL B 761 6.10 29.30 41.94
CA VAL B 761 5.39 28.64 40.85
C VAL B 761 4.31 27.70 41.35
N SER B 762 4.55 26.95 42.43
CA SER B 762 3.57 26.05 43.01
C SER B 762 2.39 26.78 43.61
N ALA B 763 2.59 27.98 44.18
CA ALA B 763 1.52 28.79 44.73
C ALA B 763 0.60 29.30 43.62
N VAL B 764 1.18 29.77 42.51
CA VAL B 764 0.43 30.23 41.35
C VAL B 764 -0.37 29.08 40.74
N SER B 765 0.23 27.90 40.60
CA SER B 765 -0.46 26.72 40.11
C SER B 765 -1.59 26.33 41.05
N GLY B 766 -1.38 26.45 42.37
CA GLY B 766 -2.36 26.14 43.39
C GLY B 766 -3.64 26.94 43.24
N VAL B 767 -3.55 28.25 43.04
CA VAL B 767 -4.72 29.09 42.82
C VAL B 767 -5.31 28.84 41.43
N SER B 768 -4.50 28.58 40.40
CA SER B 768 -5.00 28.30 39.08
C SER B 768 -5.89 27.06 39.06
N SER B 769 -5.55 26.03 39.84
CA SER B 769 -6.32 24.81 39.98
C SER B 769 -7.65 25.03 40.70
N PHE B 770 -7.78 26.11 41.48
CA PHE B 770 -9.00 26.48 42.17
C PHE B 770 -9.89 27.32 41.26
N MET B 771 -9.28 28.28 40.54
CA MET B 771 -9.91 29.18 39.60
C MET B 771 -10.61 28.50 38.44
N SER B 772 -10.21 27.28 38.07
CA SER B 772 -10.82 26.53 36.99
C SER B 772 -12.20 25.97 37.35
N ASN B 773 -12.51 25.81 38.65
CA ASN B 773 -13.78 25.31 39.13
C ASN B 773 -14.83 26.41 39.11
N PRO B 774 -16.08 26.16 38.68
CA PRO B 774 -17.12 27.17 38.65
C PRO B 774 -17.37 27.86 39.98
N PHE B 775 -17.35 27.13 41.10
CA PHE B 775 -17.52 27.70 42.42
C PHE B 775 -16.31 28.50 42.87
N GLY B 776 -15.10 28.11 42.45
CA GLY B 776 -13.88 28.83 42.75
C GLY B 776 -13.87 30.18 42.05
N ALA B 777 -14.24 30.19 40.78
CA ALA B 777 -14.37 31.39 39.97
C ALA B 777 -15.44 32.32 40.52
N LEU B 778 -16.56 31.77 40.97
CA LEU B 778 -17.65 32.52 41.57
C LEU B 778 -17.25 33.15 42.90
N ALA B 779 -16.57 32.41 43.78
CA ALA B 779 -16.15 32.88 45.08
C ALA B 779 -15.28 34.13 45.00
N VAL B 780 -14.26 34.13 44.13
CA VAL B 780 -13.41 35.29 43.95
C VAL B 780 -14.16 36.41 43.24
N GLY B 781 -15.10 36.09 42.36
CA GLY B 781 -15.92 37.04 41.63
C GLY B 781 -16.81 37.85 42.58
N LEU B 782 -17.44 37.17 43.55
CA LEU B 782 -18.27 37.80 44.57
C LEU B 782 -17.42 38.64 45.51
N LEU B 783 -16.23 38.15 45.87
CA LEU B 783 -15.31 38.86 46.75
C LEU B 783 -14.81 40.16 46.13
N VAL B 784 -14.36 40.14 44.87
CA VAL B 784 -13.89 41.34 44.22
C VAL B 784 -15.03 42.32 43.98
N LEU B 785 -16.23 41.85 43.64
CA LEU B 785 -17.41 42.69 43.45
C LEU B 785 -17.73 43.42 44.75
N ALA B 786 -17.70 42.71 45.88
CA ALA B 786 -17.94 43.28 47.19
C ALA B 786 -16.86 44.30 47.56
N GLY B 787 -15.60 44.01 47.23
CA GLY B 787 -14.48 44.89 47.46
C GLY B 787 -14.60 46.20 46.68
N LEU B 788 -15.03 46.12 45.42
CA LEU B 788 -15.25 47.28 44.57
C LEU B 788 -16.38 48.13 45.15
N ALA B 789 -17.48 47.52 45.55
CA ALA B 789 -18.61 48.22 46.16
C ALA B 789 -18.19 48.93 47.43
N ALA B 790 -17.39 48.27 48.27
CA ALA B 790 -16.86 48.83 49.51
C ALA B 790 -15.93 50.00 49.23
N ALA B 791 -15.03 49.86 48.26
CA ALA B 791 -14.08 50.87 47.87
C ALA B 791 -14.76 52.13 47.34
N PHE B 792 -15.68 52.01 46.37
CA PHE B 792 -16.38 53.16 45.81
C PHE B 792 -17.29 53.81 46.85
N PHE B 793 -17.95 53.04 47.72
CA PHE B 793 -18.78 53.62 48.76
C PHE B 793 -17.93 54.44 49.73
N ALA B 794 -16.82 53.88 50.21
CA ALA B 794 -15.92 54.55 51.12
C ALA B 794 -15.30 55.80 50.49
N PHE B 795 -14.91 55.73 49.21
CA PHE B 795 -14.35 56.85 48.49
C PHE B 795 -15.36 57.99 48.37
N ARG B 796 -16.60 57.68 48.00
CA ARG B 796 -17.67 58.67 47.91
C ARG B 796 -17.97 59.26 49.29
N TYR B 797 -17.91 58.44 50.35
CA TYR B 797 -18.13 58.89 51.71
C TYR B 797 -17.07 59.89 52.16
N VAL B 798 -15.77 59.57 52.01
CA VAL B 798 -14.72 60.50 52.37
C VAL B 798 -14.76 61.74 51.50
N MET B 799 -15.28 61.66 50.27
CA MET B 799 -15.44 62.82 49.41
C MET B 799 -16.45 63.81 50.00
N ARG B 800 -17.44 63.34 50.74
CA ARG B 800 -18.40 64.19 51.43
C ARG B 800 -17.69 64.97 52.52
N LEU B 801 -16.83 64.28 53.29
CA LEU B 801 -16.04 64.85 54.36
C LEU B 801 -15.02 65.86 53.83
N GLN B 802 -14.40 65.56 52.69
CA GLN B 802 -13.46 66.40 51.98
C GLN B 802 -14.13 67.68 51.51
N SER B 803 -15.39 67.59 51.07
CA SER B 803 -16.19 68.71 50.64
C SER B 803 -16.57 69.61 51.81
N ASN B 804 -17.09 69.04 52.90
CA ASN B 804 -17.45 69.74 54.12
C ASN B 804 -17.43 68.82 55.33
N PRO B 805 -16.65 69.11 56.38
CA PRO B 805 -16.55 68.26 57.55
C PRO B 805 -17.76 68.29 58.50
N MET B 806 -18.73 69.20 58.35
CA MET B 806 -19.87 69.26 59.22
C MET B 806 -20.88 68.13 59.05
N LYS B 807 -20.86 67.47 57.89
CA LYS B 807 -21.75 66.40 57.46
C LYS B 807 -21.61 65.14 58.30
N VAL C 90 -26.06 -50.81 1.37
CA VAL C 90 -25.96 -50.86 2.84
C VAL C 90 -25.17 -49.68 3.37
N ALA C 91 -25.52 -49.17 4.56
CA ALA C 91 -24.89 -48.02 5.17
C ALA C 91 -23.47 -48.23 5.69
N ALA C 92 -23.06 -49.46 6.02
CA ALA C 92 -21.76 -49.78 6.57
C ALA C 92 -20.58 -49.30 5.73
N GLY C 93 -20.66 -49.40 4.40
CA GLY C 93 -19.61 -48.94 3.50
C GLY C 93 -19.42 -47.44 3.58
N HIS C 94 -20.52 -46.69 3.51
CA HIS C 94 -20.51 -45.23 3.61
C HIS C 94 -20.01 -44.78 4.98
N ALA C 95 -20.51 -45.38 6.07
CA ALA C 95 -20.14 -45.06 7.43
C ALA C 95 -18.67 -45.31 7.72
N THR C 96 -18.14 -46.49 7.35
CA THR C 96 -16.73 -46.79 7.55
C THR C 96 -15.85 -45.87 6.71
N LEU C 97 -16.29 -45.45 5.53
CA LEU C 97 -15.56 -44.49 4.73
C LEU C 97 -15.55 -43.12 5.41
N ARG C 98 -16.64 -42.69 6.07
CA ARG C 98 -16.65 -41.46 6.83
C ARG C 98 -15.61 -41.54 7.94
N GLU C 99 -15.57 -42.66 8.67
CA GLU C 99 -14.63 -42.89 9.75
C GLU C 99 -13.19 -42.81 9.29
N HIS C 100 -12.82 -43.47 8.18
CA HIS C 100 -11.47 -43.42 7.66
C HIS C 100 -11.09 -41.99 7.25
N LEU C 101 -11.98 -41.26 6.56
CA LEU C 101 -11.74 -39.90 6.14
C LEU C 101 -11.56 -38.96 7.33
N ARG C 102 -12.39 -39.10 8.37
CA ARG C 102 -12.32 -38.32 9.58
C ARG C 102 -11.02 -38.57 10.34
N ASP C 103 -10.62 -39.83 10.50
CA ASP C 103 -9.40 -40.20 11.19
C ASP C 103 -8.14 -39.65 10.51
N ILE C 104 -8.11 -39.60 9.17
CA ILE C 104 -7.01 -39.09 8.40
C ILE C 104 -6.82 -37.59 8.58
N LYS C 105 -7.91 -36.80 8.59
CA LYS C 105 -7.83 -35.36 8.77
C LYS C 105 -7.67 -34.93 10.23
N ALA C 106 -8.01 -35.80 11.19
CA ALA C 106 -7.88 -35.56 12.60
C ALA C 106 -6.45 -35.69 13.13
N GLU C 107 -5.50 -36.18 12.33
CA GLU C 107 -4.11 -36.33 12.73
C GLU C 107 -3.47 -35.00 13.11
N ASN C 108 -2.72 -34.97 14.21
CA ASN C 108 -2.06 -33.78 14.70
C ASN C 108 -0.90 -33.34 13.81
N THR C 109 -0.71 -32.03 13.67
CA THR C 109 0.34 -31.40 12.89
C THR C 109 0.69 -30.03 13.49
N ASP C 110 1.96 -29.63 13.41
CA ASP C 110 2.46 -28.38 13.94
C ASP C 110 3.66 -27.84 13.16
N ALA C 111 4.05 -26.61 13.50
CA ALA C 111 5.16 -25.87 12.93
C ALA C 111 5.77 -24.97 13.99
N ASN C 112 7.07 -24.66 13.86
CA ASN C 112 7.79 -23.81 14.80
C ASN C 112 7.44 -22.33 14.67
N PHE C 113 7.72 -21.60 15.75
CA PHE C 113 7.63 -20.15 15.79
C PHE C 113 9.01 -19.58 15.50
N TYR C 114 9.12 -18.31 15.10
CA TYR C 114 10.39 -17.69 14.80
C TYR C 114 10.55 -16.31 15.40
N VAL C 115 11.75 -16.01 15.91
CA VAL C 115 12.12 -14.71 16.41
C VAL C 115 13.06 -14.13 15.37
N CYS C 116 12.68 -13.00 14.76
CA CYS C 116 13.45 -12.36 13.70
C CYS C 116 14.07 -11.06 14.16
N PRO C 117 15.35 -11.05 14.58
CA PRO C 117 16.01 -9.84 15.02
C PRO C 117 16.23 -8.90 13.83
N PRO C 118 16.09 -7.58 14.01
CA PRO C 118 16.23 -6.61 12.92
C PRO C 118 17.65 -6.51 12.37
N PRO C 119 17.84 -6.48 11.05
CA PRO C 119 19.15 -6.39 10.43
C PRO C 119 19.78 -5.02 10.61
N THR C 120 21.10 -5.00 10.84
CA THR C 120 21.92 -3.84 11.09
C THR C 120 22.67 -3.30 9.87
N GLY C 121 22.66 -4.01 8.75
CA GLY C 121 23.36 -3.62 7.54
C GLY C 121 24.72 -4.29 7.34
N ALA C 122 25.06 -5.31 8.13
CA ALA C 122 26.30 -6.05 7.98
C ALA C 122 26.36 -6.86 6.68
N THR C 123 25.20 -7.19 6.10
CA THR C 123 25.03 -7.91 4.85
C THR C 123 23.96 -7.22 4.03
N VAL C 124 24.28 -6.76 2.82
CA VAL C 124 23.37 -6.07 1.92
C VAL C 124 23.43 -6.63 0.51
N VAL C 125 22.33 -6.54 -0.24
CA VAL C 125 22.19 -7.02 -1.60
C VAL C 125 21.41 -6.05 -2.48
N GLN C 126 21.63 -6.12 -3.79
CA GLN C 126 20.95 -5.34 -4.80
C GLN C 126 20.20 -6.24 -5.78
N PHE C 127 19.30 -5.65 -6.57
CA PHE C 127 18.44 -6.36 -7.51
C PHE C 127 18.65 -5.97 -8.96
N GLU C 128 18.07 -6.76 -9.87
CA GLU C 128 18.10 -6.53 -11.30
C GLU C 128 17.16 -5.41 -11.73
N GLN C 129 17.41 -4.85 -12.92
CA GLN C 129 16.64 -3.76 -13.51
C GLN C 129 16.17 -4.10 -14.93
N PRO C 130 15.04 -3.56 -15.39
CA PRO C 130 14.56 -3.79 -16.74
C PRO C 130 15.52 -3.31 -17.82
N ARG C 131 15.55 -4.02 -18.95
CA ARG C 131 16.41 -3.77 -20.10
C ARG C 131 15.66 -3.07 -21.22
N ARG C 132 16.38 -2.33 -22.07
CA ARG C 132 15.84 -1.69 -23.26
C ARG C 132 15.70 -2.76 -24.33
N CYS C 133 14.50 -3.32 -24.48
CA CYS C 133 14.24 -4.41 -25.40
C CYS C 133 14.11 -3.98 -26.85
N PRO C 134 14.80 -4.61 -27.82
CA PRO C 134 14.71 -4.25 -29.21
C PRO C 134 13.35 -4.48 -29.85
N THR C 135 13.05 -3.74 -30.92
CA THR C 135 11.80 -3.84 -31.66
C THR C 135 11.85 -4.87 -32.79
N ARG C 136 13.02 -5.08 -33.39
CA ARG C 136 13.33 -6.01 -34.47
C ARG C 136 14.74 -6.57 -34.30
N PRO C 137 15.06 -7.75 -34.86
CA PRO C 137 16.38 -8.33 -34.75
C PRO C 137 17.52 -7.40 -35.15
N GLU C 138 18.60 -7.39 -34.37
CA GLU C 138 19.75 -6.52 -34.57
C GLU C 138 21.04 -7.24 -34.94
N GLY C 139 21.31 -8.39 -34.31
CA GLY C 139 22.55 -9.14 -34.44
C GLY C 139 22.79 -9.91 -35.73
N GLN C 140 24.01 -10.41 -35.84
CA GLN C 140 24.55 -11.22 -36.92
C GLN C 140 25.11 -12.52 -36.37
N ASN C 141 25.32 -13.52 -37.23
CA ASN C 141 25.90 -14.81 -36.89
C ASN C 141 25.27 -15.51 -35.70
N TYR C 142 23.94 -15.49 -35.57
CA TYR C 142 23.24 -16.17 -34.49
C TYR C 142 23.50 -17.67 -34.47
N THR C 143 23.65 -18.25 -33.28
CA THR C 143 23.88 -19.67 -33.06
C THR C 143 23.38 -20.15 -31.70
N GLU C 144 23.09 -21.45 -31.60
CA GLU C 144 22.71 -22.16 -30.40
C GLU C 144 23.93 -22.79 -29.74
N GLY C 145 23.84 -23.12 -28.44
CA GLY C 145 24.91 -23.75 -27.71
C GLY C 145 24.65 -23.96 -26.23
N ILE C 146 25.51 -24.76 -25.61
CA ILE C 146 25.54 -25.09 -24.18
C ILE C 146 26.53 -24.15 -23.51
N ALA C 147 26.29 -23.75 -22.27
CA ALA C 147 27.18 -22.86 -21.55
C ALA C 147 27.27 -23.12 -20.05
N VAL C 148 28.40 -22.74 -19.45
CA VAL C 148 28.68 -22.82 -18.03
C VAL C 148 29.31 -21.49 -17.61
N VAL C 149 28.82 -20.90 -16.51
CA VAL C 149 29.27 -19.61 -16.04
C VAL C 149 29.97 -19.71 -14.69
N PHE C 150 31.11 -19.01 -14.55
CA PHE C 150 31.91 -18.96 -13.33
C PHE C 150 32.04 -17.54 -12.80
N LYS C 151 32.03 -17.41 -11.47
CA LYS C 151 32.18 -16.17 -10.73
C LYS C 151 33.50 -16.16 -9.95
N GLU C 152 34.01 -14.98 -9.63
CA GLU C 152 35.20 -14.82 -8.83
C GLU C 152 34.97 -15.35 -7.42
N ASN C 153 35.88 -16.16 -6.89
CA ASN C 153 35.75 -16.75 -5.57
C ASN C 153 36.26 -15.82 -4.45
N ILE C 154 35.34 -15.30 -3.64
CA ILE C 154 35.65 -14.45 -2.50
C ILE C 154 35.98 -15.22 -1.24
N ALA C 155 35.65 -16.51 -1.17
CA ALA C 155 35.91 -17.42 -0.06
C ALA C 155 35.65 -16.82 1.32
N PRO C 156 34.40 -16.60 1.74
CA PRO C 156 34.09 -16.04 3.03
C PRO C 156 34.56 -16.94 4.17
N TYR C 157 34.91 -16.31 5.30
CA TYR C 157 35.40 -16.94 6.52
C TYR C 157 34.66 -16.39 7.73
N LYS C 158 33.91 -17.24 8.42
CA LYS C 158 33.10 -16.90 9.58
C LYS C 158 33.72 -17.42 10.88
N PHE C 159 33.67 -16.61 11.94
CA PHE C 159 34.21 -16.92 13.25
C PHE C 159 33.47 -16.20 14.37
N LYS C 160 33.83 -16.45 15.63
CA LYS C 160 33.25 -15.87 16.83
C LYS C 160 34.14 -14.79 17.42
N ALA C 161 33.55 -13.71 17.95
CA ALA C 161 34.25 -12.61 18.60
C ALA C 161 33.45 -12.09 19.79
N THR C 162 34.12 -11.38 20.71
CA THR C 162 33.53 -10.83 21.91
C THR C 162 33.89 -9.36 22.10
N MET C 163 32.90 -8.50 22.37
CA MET C 163 33.07 -7.07 22.58
C MET C 163 32.96 -6.68 24.04
N TYR C 164 33.70 -5.65 24.46
CA TYR C 164 33.73 -5.11 25.80
C TYR C 164 33.72 -3.59 25.80
N TYR C 165 32.73 -2.96 26.45
CA TYR C 165 32.62 -1.51 26.54
C TYR C 165 31.86 -1.10 27.80
N LYS C 166 31.99 0.18 28.17
CA LYS C 166 31.34 0.80 29.32
C LYS C 166 30.57 2.05 28.90
N ASP C 167 29.30 2.11 29.29
CA ASP C 167 28.41 3.25 29.07
C ASP C 167 28.44 4.13 30.31
N VAL C 168 28.53 5.45 30.10
CA VAL C 168 28.64 6.45 31.15
C VAL C 168 27.63 7.58 30.97
N THR C 169 27.03 8.04 32.07
CA THR C 169 26.14 9.18 32.08
C THR C 169 26.46 10.12 33.23
N VAL C 170 26.20 11.41 33.04
CA VAL C 170 26.39 12.47 34.01
C VAL C 170 25.14 13.33 34.05
N SER C 171 24.64 13.61 35.26
CA SER C 171 23.42 14.35 35.52
C SER C 171 23.62 15.39 36.62
N GLN C 172 22.99 16.56 36.47
CA GLN C 172 23.09 17.71 37.36
C GLN C 172 22.17 17.62 38.57
N VAL C 173 22.25 16.50 39.30
CA VAL C 173 21.42 16.18 40.45
C VAL C 173 21.46 17.19 41.60
N TRP C 174 22.47 18.05 41.69
CA TRP C 174 22.59 19.05 42.74
C TRP C 174 21.48 20.10 42.75
N PHE C 175 20.76 20.28 41.64
CA PHE C 175 19.60 21.15 41.57
C PHE C 175 18.38 20.54 42.25
N GLY C 176 18.42 19.23 42.56
CA GLY C 176 17.35 18.45 43.16
C GLY C 176 16.64 17.59 42.12
N HIS C 177 16.10 16.45 42.57
CA HIS C 177 15.42 15.47 41.75
C HIS C 177 14.26 16.03 40.93
N ARG C 178 13.62 17.10 41.40
CA ARG C 178 12.52 17.79 40.75
C ARG C 178 12.93 18.84 39.73
N TYR C 179 14.22 19.21 39.64
CA TYR C 179 14.71 20.24 38.76
C TYR C 179 15.87 19.84 37.85
N SER C 180 16.59 18.76 38.15
CA SER C 180 17.72 18.28 37.37
C SER C 180 17.41 18.04 35.90
N GLN C 181 16.20 17.60 35.56
CA GLN C 181 15.78 17.33 34.20
C GLN C 181 15.78 18.56 33.30
N PHE C 182 15.61 19.76 33.85
CA PHE C 182 15.63 21.01 33.10
C PHE C 182 17.04 21.40 32.68
N MET C 183 18.06 20.97 33.44
CA MET C 183 19.46 21.26 33.18
C MET C 183 20.07 20.33 32.13
N GLY C 184 19.55 19.11 31.99
CA GLY C 184 19.99 18.12 31.03
C GLY C 184 20.97 17.07 31.55
N ILE C 185 21.25 16.08 30.70
CA ILE C 185 22.10 14.93 30.92
C ILE C 185 23.16 14.83 29.83
N PHE C 186 24.31 14.24 30.14
CA PHE C 186 25.43 13.97 29.26
C PHE C 186 25.68 12.45 29.21
N GLU C 187 26.04 11.91 28.05
CA GLU C 187 26.26 10.50 27.81
C GLU C 187 27.51 10.21 26.99
N ASP C 188 28.17 9.07 27.24
CA ASP C 188 29.35 8.61 26.52
C ASP C 188 29.52 7.10 26.58
N ARG C 189 30.36 6.54 25.71
CA ARG C 189 30.69 5.14 25.56
C ARG C 189 32.21 5.01 25.40
N ALA C 190 32.85 4.12 26.17
CA ALA C 190 34.30 3.94 26.18
C ALA C 190 34.75 2.49 26.23
N PRO C 191 35.94 2.16 25.70
CA PRO C 191 36.48 0.82 25.70
C PRO C 191 37.04 0.39 27.05
N VAL C 192 37.02 -0.92 27.32
CA VAL C 192 37.55 -1.54 28.52
C VAL C 192 39.01 -1.92 28.30
N PRO C 193 39.95 -1.61 29.20
CA PRO C 193 41.34 -1.96 29.06
C PRO C 193 41.62 -3.44 29.32
N PHE C 194 42.69 -3.97 28.73
CA PHE C 194 43.08 -5.37 28.81
C PHE C 194 43.22 -5.91 30.23
N GLU C 195 43.68 -5.09 31.16
CA GLU C 195 43.87 -5.47 32.56
C GLU C 195 42.55 -5.85 33.22
N GLU C 196 41.48 -5.10 32.97
CA GLU C 196 40.16 -5.38 33.52
C GLU C 196 39.57 -6.62 32.86
N VAL C 197 39.81 -6.84 31.57
CA VAL C 197 39.32 -8.00 30.84
C VAL C 197 39.91 -9.29 31.40
N ILE C 198 41.22 -9.35 31.59
CA ILE C 198 41.91 -10.54 32.08
C ILE C 198 41.78 -10.74 33.59
N ASP C 199 41.99 -9.69 34.39
CA ASP C 199 42.01 -9.79 35.84
C ASP C 199 40.68 -9.73 36.55
N LYS C 200 39.61 -9.22 35.92
CA LYS C 200 38.30 -9.09 36.53
C LYS C 200 37.21 -9.84 35.77
N ILE C 201 37.06 -9.58 34.47
CA ILE C 201 35.99 -10.19 33.69
C ILE C 201 36.21 -11.69 33.49
N ASN C 202 37.36 -12.13 32.97
CA ASN C 202 37.63 -13.54 32.79
C ASN C 202 37.84 -14.27 34.10
N ALA C 203 38.44 -13.62 35.09
CA ALA C 203 38.75 -14.22 36.39
C ALA C 203 37.56 -14.46 37.29
N LYS C 204 36.59 -13.54 37.36
CA LYS C 204 35.44 -13.64 38.25
C LYS C 204 34.08 -13.26 37.65
N GLY C 205 34.03 -12.42 36.62
CA GLY C 205 32.80 -11.97 36.00
C GLY C 205 32.30 -10.64 36.55
N VAL C 206 33.23 -9.71 36.79
CA VAL C 206 32.96 -8.40 37.36
C VAL C 206 33.73 -7.26 36.70
N CYS C 207 33.28 -6.03 36.92
CA CYS C 207 33.89 -4.80 36.43
C CYS C 207 34.11 -3.83 37.58
N ARG C 208 35.04 -2.87 37.46
CA ARG C 208 35.45 -1.94 38.50
C ARG C 208 34.53 -0.79 38.92
N SER C 209 33.34 -0.59 38.35
CA SER C 209 32.43 0.48 38.69
C SER C 209 32.94 1.91 38.51
N THR C 210 33.98 2.12 37.70
CA THR C 210 34.57 3.41 37.38
C THR C 210 35.06 3.42 35.94
N ALA C 211 35.15 4.61 35.32
CA ALA C 211 35.54 4.75 33.93
C ALA C 211 36.09 6.13 33.60
N LYS C 212 36.86 6.22 32.51
CA LYS C 212 37.41 7.44 31.94
C LYS C 212 36.54 7.91 30.78
N TYR C 213 36.21 9.20 30.76
CA TYR C 213 35.41 9.83 29.73
C TYR C 213 35.99 11.19 29.36
N VAL C 214 35.58 11.75 28.22
CA VAL C 214 36.03 13.03 27.73
C VAL C 214 34.89 14.01 27.55
N ARG C 215 35.06 15.22 28.11
CA ARG C 215 34.15 16.34 28.02
C ARG C 215 34.95 17.62 28.11
N ASN C 216 34.56 18.67 27.36
CA ASN C 216 35.27 19.93 27.30
C ASN C 216 36.74 19.76 26.94
N ASN C 217 37.03 18.82 26.04
CA ASN C 217 38.34 18.44 25.54
C ASN C 217 39.32 17.89 26.58
N LEU C 218 38.84 17.45 27.75
CA LEU C 218 39.63 16.92 28.84
C LEU C 218 39.08 15.60 29.37
N GLU C 219 39.97 14.76 29.91
CA GLU C 219 39.62 13.49 30.53
C GLU C 219 39.17 13.66 31.98
N THR C 220 38.12 12.92 32.37
CA THR C 220 37.52 12.92 33.69
C THR C 220 37.11 11.51 34.08
N THR C 221 37.10 11.22 35.39
CA THR C 221 36.73 9.93 35.94
C THR C 221 35.29 9.92 36.46
N ALA C 222 34.53 8.90 36.08
CA ALA C 222 33.17 8.64 36.51
C ALA C 222 33.12 7.55 37.57
N PHE C 223 32.04 7.52 38.36
CA PHE C 223 31.85 6.59 39.45
C PHE C 223 30.40 6.14 39.56
N HIS C 224 30.13 4.83 39.62
CA HIS C 224 28.78 4.31 39.73
C HIS C 224 28.06 4.86 40.96
N ARG C 225 26.98 5.61 40.77
CA ARG C 225 26.19 6.25 41.80
C ARG C 225 27.03 7.10 42.76
N ASP C 226 28.12 7.68 42.25
CA ASP C 226 29.08 8.50 42.97
C ASP C 226 29.85 7.77 44.07
N ASP C 227 29.78 6.44 44.13
CA ASP C 227 30.44 5.59 45.11
C ASP C 227 31.82 5.11 44.68
N HIS C 228 32.58 4.54 45.62
CA HIS C 228 33.92 4.03 45.41
C HIS C 228 34.02 2.79 44.52
N GLU C 229 35.21 2.55 43.97
CA GLU C 229 35.54 1.42 43.11
C GLU C 229 35.10 0.10 43.72
N THR C 230 34.22 -0.64 43.03
CA THR C 230 33.62 -1.87 43.50
C THR C 230 33.42 -2.89 42.39
N ASP C 231 33.56 -4.18 42.69
CA ASP C 231 33.36 -5.26 41.74
C ASP C 231 31.88 -5.53 41.51
N MET C 232 31.34 -5.14 40.35
CA MET C 232 29.95 -5.33 39.99
C MET C 232 29.72 -6.62 39.20
N GLU C 233 28.75 -7.45 39.59
CA GLU C 233 28.44 -8.70 38.92
C GLU C 233 27.70 -8.54 37.59
N LEU C 234 28.18 -9.25 36.57
CA LEU C 234 27.59 -9.30 35.24
C LEU C 234 26.43 -10.28 35.23
N LYS C 235 25.25 -9.81 34.80
CA LYS C 235 23.99 -10.52 34.76
C LYS C 235 23.54 -10.79 33.33
N PRO C 236 22.98 -11.96 33.00
CA PRO C 236 22.52 -12.25 31.65
C PRO C 236 21.37 -11.38 31.19
N ALA C 237 21.39 -10.97 29.91
CA ALA C 237 20.32 -10.19 29.31
C ALA C 237 19.13 -11.11 29.03
N ASN C 238 17.94 -10.75 29.50
CA ASN C 238 16.76 -11.60 29.37
C ASN C 238 16.29 -11.84 27.94
N ALA C 239 16.33 -10.84 27.07
CA ALA C 239 15.88 -10.94 25.69
C ALA C 239 16.91 -11.45 24.70
N ALA C 240 18.11 -11.84 25.13
CA ALA C 240 19.15 -12.36 24.26
C ALA C 240 18.85 -13.79 23.82
N THR C 241 19.10 -14.09 22.54
CA THR C 241 18.89 -15.38 21.92
C THR C 241 19.82 -16.48 22.45
N ARG C 242 19.64 -17.72 22.04
CA ARG C 242 20.46 -18.85 22.45
C ARG C 242 21.93 -18.63 22.14
N THR C 243 22.19 -18.17 20.93
CA THR C 243 23.45 -17.73 20.37
C THR C 243 23.50 -16.21 20.48
N SER C 244 24.64 -15.55 20.23
CA SER C 244 24.75 -14.10 20.36
C SER C 244 24.32 -13.56 21.72
N ARG C 245 24.81 -14.22 22.78
CA ARG C 245 24.54 -13.92 24.18
C ARG C 245 25.11 -12.57 24.62
N GLY C 246 24.62 -12.04 25.74
CA GLY C 246 25.07 -10.78 26.29
C GLY C 246 24.83 -10.65 27.80
N TRP C 247 25.64 -9.84 28.47
CA TRP C 247 25.59 -9.58 29.90
C TRP C 247 25.72 -8.10 30.21
N HIS C 248 25.07 -7.63 31.28
CA HIS C 248 25.07 -6.25 31.72
C HIS C 248 25.20 -6.15 33.23
N THR C 249 25.66 -5.02 33.77
CA THR C 249 25.75 -4.82 35.21
C THR C 249 24.53 -4.14 35.83
N THR C 250 23.77 -3.33 35.09
CA THR C 250 22.61 -2.61 35.58
C THR C 250 21.35 -2.89 34.76
N ASP C 251 20.20 -3.03 35.43
CA ASP C 251 18.92 -3.39 34.86
C ASP C 251 18.14 -2.33 34.10
N LEU C 252 18.59 -1.07 34.06
CA LEU C 252 17.91 0.04 33.42
C LEU C 252 17.57 -0.15 31.94
N LYS C 253 18.27 -1.02 31.22
CA LYS C 253 18.00 -1.33 29.82
C LYS C 253 16.67 -2.04 29.63
N TYR C 254 16.16 -2.72 30.66
CA TYR C 254 14.90 -3.46 30.64
C TYR C 254 13.87 -2.95 31.65
N ASN C 255 14.28 -2.51 32.84
CA ASN C 255 13.38 -2.02 33.87
C ASN C 255 12.87 -0.61 33.57
N PRO C 256 11.61 -0.29 33.89
CA PRO C 256 11.02 1.02 33.63
C PRO C 256 11.54 2.15 34.50
N SER C 257 12.28 1.87 35.57
CA SER C 257 12.85 2.83 36.50
C SER C 257 13.69 3.92 35.86
N ARG C 258 14.19 3.70 34.63
CA ARG C 258 14.96 4.63 33.83
C ARG C 258 14.28 5.99 33.62
N VAL C 259 12.96 6.06 33.78
CA VAL C 259 12.18 7.29 33.68
C VAL C 259 12.51 8.29 34.77
N GLU C 260 13.09 7.84 35.89
CA GLU C 260 13.49 8.66 37.03
C GLU C 260 14.93 8.45 37.48
N ALA C 261 15.54 7.28 37.26
CA ALA C 261 16.88 6.96 37.69
C ALA C 261 17.95 7.95 37.24
N PHE C 262 17.89 8.42 35.99
CA PHE C 262 18.85 9.39 35.47
C PHE C 262 18.75 10.77 36.11
N HIS C 263 17.67 11.05 36.84
CA HIS C 263 17.45 12.28 37.59
C HIS C 263 17.64 12.07 39.08
N ARG C 264 17.87 10.84 39.54
CA ARG C 264 18.04 10.43 40.93
C ARG C 264 19.48 10.36 41.40
N TYR C 265 20.44 10.11 40.50
CA TYR C 265 21.86 9.99 40.77
C TYR C 265 22.70 10.95 39.94
N GLY C 266 23.88 11.32 40.43
CA GLY C 266 24.78 12.24 39.76
C GLY C 266 25.48 11.66 38.54
N THR C 267 25.80 10.37 38.55
CA THR C 267 26.46 9.69 37.44
C THR C 267 26.25 8.18 37.53
N THR C 268 26.19 7.54 36.36
CA THR C 268 26.00 6.10 36.21
C THR C 268 27.09 5.50 35.32
N VAL C 269 27.44 4.24 35.60
CA VAL C 269 28.42 3.46 34.86
C VAL C 269 27.88 2.05 34.73
N ASN C 270 27.82 1.52 33.51
CA ASN C 270 27.32 0.19 33.21
C ASN C 270 28.28 -0.54 32.27
N CYS C 271 28.73 -1.73 32.66
CA CYS C 271 29.64 -2.59 31.95
C CYS C 271 28.90 -3.57 31.05
N ILE C 272 29.29 -3.70 29.79
CA ILE C 272 28.66 -4.56 28.81
C ILE C 272 29.65 -5.57 28.23
N VAL C 273 29.17 -6.80 28.00
CA VAL C 273 29.91 -7.88 27.38
C VAL C 273 28.97 -8.57 26.40
N GLU C 274 29.38 -8.77 25.14
CA GLU C 274 28.53 -9.36 24.12
C GLU C 274 29.29 -10.29 23.18
N GLU C 275 28.69 -11.45 22.86
CA GLU C 275 29.19 -12.40 21.89
C GLU C 275 28.55 -12.08 20.55
N VAL C 276 29.35 -12.12 19.46
CA VAL C 276 28.88 -11.80 18.12
C VAL C 276 29.56 -12.62 17.05
N ASP C 277 28.88 -12.77 15.91
CA ASP C 277 29.45 -13.41 14.73
C ASP C 277 30.36 -12.39 14.04
N ALA C 278 31.38 -12.87 13.32
CA ALA C 278 32.30 -12.05 12.56
C ALA C 278 32.57 -12.71 11.21
N ARG C 279 32.76 -11.90 10.16
CA ARG C 279 33.01 -12.36 8.81
C ARG C 279 34.11 -11.55 8.14
N SER C 280 34.93 -12.26 7.35
CA SER C 280 36.01 -11.72 6.55
C SER C 280 36.03 -12.41 5.18
N VAL C 281 36.39 -11.68 4.12
CA VAL C 281 36.46 -12.18 2.76
C VAL C 281 37.83 -11.88 2.16
N TYR C 282 38.22 -12.61 1.11
CA TYR C 282 39.50 -12.44 0.45
C TYR C 282 39.73 -10.97 0.07
N PRO C 283 40.93 -10.41 0.23
CA PRO C 283 42.17 -10.99 0.70
C PRO C 283 42.36 -11.13 2.21
N TYR C 284 41.32 -10.99 3.02
CA TYR C 284 41.35 -11.10 4.47
C TYR C 284 42.15 -10.02 5.20
N ASP C 285 42.05 -8.77 4.75
CA ASP C 285 42.72 -7.62 5.30
C ASP C 285 41.94 -6.88 6.39
N GLU C 286 40.66 -7.20 6.59
CA GLU C 286 39.74 -6.63 7.55
C GLU C 286 38.56 -7.55 7.81
N PHE C 287 37.69 -7.21 8.77
CA PHE C 287 36.49 -7.96 9.08
C PHE C 287 35.36 -7.10 9.64
N VAL C 288 34.13 -7.63 9.63
CA VAL C 288 32.95 -7.01 10.17
C VAL C 288 32.36 -7.82 11.31
N LEU C 289 31.64 -7.14 12.22
CA LEU C 289 30.95 -7.71 13.35
C LEU C 289 29.44 -7.68 13.12
N ALA C 290 28.70 -8.56 13.81
CA ALA C 290 27.25 -8.65 13.72
C ALA C 290 26.47 -7.41 14.14
N THR C 291 27.15 -6.36 14.61
CA THR C 291 26.60 -5.07 14.99
C THR C 291 26.64 -4.06 13.85
N GLY C 292 27.33 -4.38 12.75
CA GLY C 292 27.51 -3.53 11.59
C GLY C 292 28.82 -2.77 11.56
N ASP C 293 29.68 -2.94 12.57
CA ASP C 293 30.97 -2.29 12.70
C ASP C 293 32.11 -3.02 12.01
N PHE C 294 33.09 -2.27 11.50
CA PHE C 294 34.28 -2.76 10.83
C PHE C 294 35.51 -2.72 11.72
N VAL C 295 36.49 -3.58 11.44
CA VAL C 295 37.75 -3.68 12.13
C VAL C 295 38.87 -3.83 11.09
N TYR C 296 39.74 -2.82 10.98
CA TYR C 296 40.80 -2.74 10.00
C TYR C 296 42.07 -3.50 10.38
N MET C 297 41.96 -4.83 10.49
CA MET C 297 43.03 -5.74 10.81
C MET C 297 42.68 -7.15 10.32
N SER C 298 43.66 -7.90 9.81
CA SER C 298 43.42 -9.27 9.37
C SER C 298 43.06 -10.18 10.54
N PRO C 299 42.03 -11.02 10.46
CA PRO C 299 41.69 -11.93 11.54
C PRO C 299 42.77 -12.97 11.82
N PHE C 300 43.70 -13.19 10.89
CA PHE C 300 44.80 -14.11 11.01
C PHE C 300 46.07 -13.51 11.60
N TYR C 301 46.11 -12.19 11.84
CA TYR C 301 47.24 -11.48 12.39
C TYR C 301 47.60 -11.92 13.81
N GLY C 302 48.86 -11.71 14.21
CA GLY C 302 49.39 -12.05 15.52
C GLY C 302 50.91 -11.86 15.58
N TYR C 303 51.57 -12.43 16.60
CA TYR C 303 53.01 -12.38 16.75
C TYR C 303 53.71 -13.67 16.36
N ARG C 304 52.96 -14.76 16.14
CA ARG C 304 53.46 -16.05 15.73
C ARG C 304 53.88 -16.08 14.27
N GLU C 305 54.52 -17.18 13.85
CA GLU C 305 54.99 -17.40 12.50
C GLU C 305 53.90 -17.19 11.46
N GLY C 306 54.22 -16.47 10.38
CA GLY C 306 53.31 -16.15 9.28
C GLY C 306 52.19 -15.18 9.58
N SER C 307 51.82 -14.98 10.86
CA SER C 307 50.75 -14.09 11.26
C SER C 307 51.16 -12.62 11.28
N HIS C 308 52.39 -12.31 11.73
CA HIS C 308 52.90 -10.97 11.90
C HIS C 308 53.08 -10.14 10.62
N THR C 309 53.04 -10.76 9.43
CA THR C 309 53.19 -10.07 8.16
C THR C 309 51.89 -9.58 7.56
N GLU C 310 50.73 -9.92 8.16
CA GLU C 310 49.43 -9.52 7.65
C GLU C 310 49.10 -8.04 7.83
N HIS C 311 48.09 -7.57 7.10
CA HIS C 311 47.64 -6.19 7.10
C HIS C 311 47.02 -5.74 8.42
N THR C 312 47.34 -4.51 8.83
CA THR C 312 46.85 -3.84 10.02
C THR C 312 46.82 -2.32 9.83
N SER C 313 45.91 -1.63 10.51
CA SER C 313 45.76 -0.19 10.46
C SER C 313 45.66 0.49 11.83
N TYR C 314 46.04 -0.22 12.90
CA TYR C 314 46.05 0.26 14.27
C TYR C 314 47.46 0.25 14.83
N ALA C 315 47.75 1.18 15.74
CA ALA C 315 49.05 1.30 16.39
C ALA C 315 49.45 0.07 17.18
N ALA C 316 50.76 -0.14 17.36
CA ALA C 316 51.33 -1.29 18.03
C ALA C 316 50.88 -1.51 19.47
N ASP C 317 50.52 -0.47 20.22
CA ASP C 317 50.07 -0.58 21.60
C ASP C 317 48.62 -1.02 21.72
N ARG C 318 47.79 -0.83 20.68
CA ARG C 318 46.39 -1.21 20.67
C ARG C 318 46.14 -2.69 20.51
N PHE C 319 47.16 -3.51 20.21
CA PHE C 319 47.05 -4.95 20.04
C PHE C 319 47.91 -5.71 21.05
N LYS C 320 47.42 -6.87 21.52
CA LYS C 320 48.08 -7.74 22.46
C LYS C 320 47.63 -9.18 22.29
N GLN C 321 48.54 -10.15 22.42
CA GLN C 321 48.25 -11.57 22.30
C GLN C 321 48.57 -12.31 23.60
N VAL C 322 47.81 -13.35 23.92
CA VAL C 322 47.94 -14.18 25.11
C VAL C 322 47.93 -15.66 24.76
N ASP C 323 48.91 -16.41 25.25
CA ASP C 323 49.03 -17.85 25.07
C ASP C 323 48.58 -18.59 26.31
N GLY C 324 48.02 -19.79 26.17
CA GLY C 324 47.56 -20.59 27.29
C GLY C 324 46.36 -20.02 28.04
N PHE C 325 45.51 -19.23 27.36
CA PHE C 325 44.33 -18.62 27.94
C PHE C 325 43.20 -19.61 28.15
N TYR C 326 42.39 -19.42 29.19
CA TYR C 326 41.25 -20.26 29.53
C TYR C 326 39.97 -19.46 29.67
N ALA C 327 38.96 -19.80 28.87
CA ALA C 327 37.66 -19.18 28.90
C ALA C 327 36.85 -19.61 30.11
N ARG C 328 35.81 -18.83 30.45
CA ARG C 328 34.91 -19.08 31.56
C ARG C 328 33.53 -18.51 31.24
N ASP C 329 32.49 -19.34 31.22
CA ASP C 329 31.15 -18.89 30.91
C ASP C 329 30.58 -18.06 32.03
N LEU C 330 30.12 -16.83 31.72
CA LEU C 330 29.54 -15.93 32.70
C LEU C 330 28.21 -16.43 33.25
N THR C 331 27.51 -17.31 32.54
CA THR C 331 26.24 -17.90 32.95
C THR C 331 26.42 -19.03 33.96
N THR C 332 27.27 -20.01 33.66
CA THR C 332 27.52 -21.18 34.49
C THR C 332 28.65 -21.02 35.51
N LYS C 333 29.51 -20.01 35.34
CA LYS C 333 30.68 -19.73 36.14
C LYS C 333 31.74 -20.84 36.08
N ALA C 334 31.61 -21.78 35.14
CA ALA C 334 32.52 -22.88 34.92
C ALA C 334 33.63 -22.53 33.94
N ARG C 335 34.85 -23.00 34.19
CA ARG C 335 36.02 -22.76 33.38
C ARG C 335 36.22 -23.83 32.31
N ALA C 336 36.81 -23.45 31.17
CA ALA C 336 37.10 -24.32 30.05
C ALA C 336 38.11 -25.41 30.37
N THR C 337 38.06 -26.52 29.62
CA THR C 337 38.91 -27.68 29.79
C THR C 337 40.23 -27.65 29.02
N ALA C 338 40.34 -26.87 27.94
CA ALA C 338 41.51 -26.78 27.10
C ALA C 338 41.90 -25.33 26.78
N PRO C 339 43.21 -25.02 26.67
CA PRO C 339 43.68 -23.68 26.40
C PRO C 339 43.60 -23.25 24.93
N THR C 340 43.66 -21.94 24.70
CA THR C 340 43.66 -21.32 23.38
C THR C 340 44.61 -20.12 23.35
N THR C 341 44.87 -19.59 22.15
CA THR C 341 45.64 -18.38 21.96
C THR C 341 44.64 -17.26 21.71
N ARG C 342 44.66 -16.20 22.54
CA ARG C 342 43.71 -15.11 22.50
C ARG C 342 44.29 -13.82 21.95
N ASN C 343 43.61 -13.21 20.97
CA ASN C 343 43.95 -11.91 20.41
C ASN C 343 43.08 -10.85 21.07
N LEU C 344 43.63 -9.68 21.40
CA LEU C 344 42.93 -8.57 21.98
C LEU C 344 43.31 -7.27 21.26
N LEU C 345 42.31 -6.45 20.93
CA LEU C 345 42.47 -5.21 20.21
C LEU C 345 41.55 -4.13 20.76
N THR C 346 42.04 -2.90 20.91
CA THR C 346 41.25 -1.78 21.40
C THR C 346 40.96 -0.74 20.33
N THR C 347 39.69 -0.66 19.92
CA THR C 347 39.19 0.32 18.96
C THR C 347 38.78 1.56 19.74
N PRO C 348 38.71 2.77 19.16
CA PRO C 348 38.33 3.96 19.88
C PRO C 348 36.99 3.98 20.59
N LYS C 349 36.10 3.00 20.38
CA LYS C 349 34.80 2.92 21.00
C LYS C 349 34.45 1.62 21.70
N PHE C 350 35.29 0.58 21.62
CA PHE C 350 35.11 -0.71 22.27
C PHE C 350 36.37 -1.56 22.14
N THR C 351 36.54 -2.55 23.04
CA THR C 351 37.61 -3.52 22.96
C THR C 351 37.02 -4.80 22.38
N VAL C 352 37.79 -5.56 21.59
CA VAL C 352 37.35 -6.79 20.95
C VAL C 352 38.40 -7.88 21.07
N ALA C 353 37.95 -9.13 21.24
CA ALA C 353 38.82 -10.29 21.37
C ALA C 353 38.31 -11.51 20.62
N TRP C 354 39.22 -12.37 20.16
CA TRP C 354 38.93 -13.59 19.43
C TRP C 354 40.04 -14.63 19.55
N ASP C 355 39.72 -15.91 19.30
CA ASP C 355 40.68 -17.00 19.32
C ASP C 355 41.47 -17.04 18.01
N TRP C 356 42.80 -17.08 18.09
CA TRP C 356 43.69 -17.12 16.94
C TRP C 356 43.90 -18.51 16.36
N VAL C 357 44.05 -18.56 15.04
CA VAL C 357 44.31 -19.74 14.22
C VAL C 357 45.15 -19.36 13.01
N PRO C 358 46.00 -20.26 12.49
CA PRO C 358 46.81 -19.98 11.32
C PRO C 358 45.98 -19.84 10.05
N LYS C 359 46.50 -19.10 9.07
CA LYS C 359 45.85 -18.85 7.80
C LYS C 359 45.58 -20.14 7.04
N ARG C 360 44.32 -20.35 6.64
CA ARG C 360 43.88 -21.53 5.92
C ARG C 360 44.44 -21.64 4.50
N PRO C 361 44.50 -22.83 3.91
CA PRO C 361 45.03 -23.04 2.57
C PRO C 361 44.27 -22.33 1.45
N SER C 362 44.92 -22.19 0.30
CA SER C 362 44.36 -21.58 -0.89
C SER C 362 43.34 -22.45 -1.61
N VAL C 363 42.54 -21.86 -2.50
CA VAL C 363 41.47 -22.47 -3.25
C VAL C 363 41.41 -21.96 -4.69
N CYS C 364 40.64 -22.63 -5.55
CA CYS C 364 40.44 -22.24 -6.95
C CYS C 364 39.90 -20.82 -7.03
N THR C 365 40.45 -20.02 -7.95
CA THR C 365 40.11 -18.62 -8.15
C THR C 365 38.67 -18.34 -8.55
N MET C 366 37.98 -19.30 -9.16
CA MET C 366 36.60 -19.13 -9.60
C MET C 366 35.76 -20.35 -9.27
N THR C 367 34.47 -20.13 -9.04
CA THR C 367 33.50 -21.15 -8.70
C THR C 367 32.34 -21.15 -9.69
N LYS C 368 31.83 -22.34 -10.03
CA LYS C 368 30.71 -22.50 -10.92
C LYS C 368 29.47 -21.86 -10.32
N TRP C 369 28.80 -20.99 -11.10
CA TRP C 369 27.60 -20.31 -10.68
C TRP C 369 26.35 -20.93 -11.29
N GLN C 370 26.34 -21.19 -12.60
CA GLN C 370 25.21 -21.73 -13.32
C GLN C 370 25.61 -22.64 -14.47
N GLU C 371 24.82 -23.69 -14.68
CA GLU C 371 24.90 -24.60 -15.81
C GLU C 371 23.70 -24.25 -16.68
N VAL C 372 23.92 -23.73 -17.89
CA VAL C 372 22.86 -23.30 -18.78
C VAL C 372 22.69 -24.26 -19.95
N ASP C 373 21.52 -24.91 -20.02
CA ASP C 373 21.20 -25.87 -21.06
C ASP C 373 21.08 -25.26 -22.46
N GLU C 374 20.61 -24.03 -22.56
CA GLU C 374 20.41 -23.35 -23.84
C GLU C 374 20.79 -21.88 -23.77
N MET C 375 21.79 -21.46 -24.53
CA MET C 375 22.27 -20.09 -24.58
C MET C 375 22.62 -19.65 -25.99
N LEU C 376 21.89 -18.66 -26.50
CA LEU C 376 22.10 -18.09 -27.81
C LEU C 376 23.25 -17.10 -27.79
N ARG C 377 24.05 -17.07 -28.86
CA ARG C 377 25.15 -16.14 -29.06
C ARG C 377 24.95 -15.41 -30.38
N SER C 378 25.23 -14.10 -30.39
CA SER C 378 25.16 -13.26 -31.56
C SER C 378 26.25 -12.21 -31.54
N GLU C 379 26.57 -11.65 -32.72
CA GLU C 379 27.60 -10.64 -32.92
C GLU C 379 26.96 -9.32 -33.31
N TYR C 380 27.30 -8.23 -32.61
CA TYR C 380 26.77 -6.91 -32.86
C TYR C 380 27.68 -5.81 -32.32
N GLY C 381 27.86 -4.72 -33.07
CA GLY C 381 28.66 -3.58 -32.67
C GLY C 381 30.09 -3.92 -32.29
N GLY C 382 30.70 -4.93 -32.92
CA GLY C 382 32.05 -5.37 -32.63
C GLY C 382 32.21 -6.12 -31.31
N SER C 383 31.14 -6.69 -30.77
CA SER C 383 31.11 -7.45 -29.52
C SER C 383 30.16 -8.64 -29.60
N PHE C 384 30.39 -9.66 -28.77
CA PHE C 384 29.52 -10.80 -28.64
C PHE C 384 28.49 -10.52 -27.55
N ARG C 385 27.26 -11.04 -27.74
CA ARG C 385 26.16 -10.92 -26.80
C ARG C 385 25.59 -12.31 -26.54
N PHE C 386 25.41 -12.68 -25.27
CA PHE C 386 24.88 -13.96 -24.85
C PHE C 386 23.57 -13.79 -24.09
N SER C 387 22.60 -14.68 -24.32
CA SER C 387 21.30 -14.62 -23.66
C SER C 387 20.62 -15.97 -23.55
N SER C 388 19.79 -16.13 -22.51
CA SER C 388 19.05 -17.34 -22.20
C SER C 388 17.76 -17.00 -21.45
N ASP C 389 16.80 -17.94 -21.42
CA ASP C 389 15.57 -17.81 -20.67
C ASP C 389 15.76 -18.10 -19.19
N ALA C 390 16.82 -18.84 -18.83
CA ALA C 390 17.12 -19.23 -17.47
C ALA C 390 17.51 -18.09 -16.55
N ILE C 391 18.16 -17.05 -17.06
CA ILE C 391 18.64 -15.90 -16.32
C ILE C 391 18.42 -14.61 -17.11
N CYS C 392 17.91 -13.57 -16.45
CA CYS C 392 17.59 -12.30 -17.10
C CYS C 392 18.76 -11.37 -17.43
N THR C 393 20.00 -11.77 -17.11
CA THR C 393 21.20 -11.03 -17.43
C THR C 393 21.64 -11.28 -18.87
N THR C 394 22.22 -10.28 -19.53
CA THR C 394 22.76 -10.37 -20.87
C THR C 394 24.25 -10.04 -20.79
N PHE C 395 25.10 -11.03 -21.09
CA PHE C 395 26.54 -10.86 -21.04
C PHE C 395 27.08 -10.27 -22.34
N THR C 396 28.02 -9.31 -22.23
CA THR C 396 28.67 -8.65 -23.35
C THR C 396 30.18 -8.89 -23.26
N THR C 397 30.83 -9.21 -24.37
CA THR C 397 32.24 -9.54 -24.41
C THR C 397 32.95 -9.18 -25.71
N ASN C 398 34.27 -8.98 -25.68
CA ASN C 398 35.10 -8.75 -26.85
C ASN C 398 35.16 -10.01 -27.70
N LEU C 399 35.51 -9.89 -28.99
CA LEU C 399 35.56 -11.00 -29.92
C LEU C 399 36.71 -11.97 -29.71
N THR C 400 37.79 -11.58 -29.04
CA THR C 400 38.93 -12.44 -28.79
C THR C 400 38.69 -13.45 -27.68
N GLU C 401 39.08 -14.71 -27.90
CA GLU C 401 38.96 -15.78 -26.94
C GLU C 401 40.05 -15.68 -25.87
N TYR C 402 39.72 -15.96 -24.61
CA TYR C 402 40.66 -15.88 -23.50
C TYR C 402 41.50 -17.14 -23.36
N PRO C 403 42.83 -17.04 -23.19
CA PRO C 403 43.70 -18.18 -23.02
C PRO C 403 43.65 -18.74 -21.60
N LEU C 404 42.64 -19.54 -21.29
CA LEU C 404 42.44 -20.12 -19.97
C LEU C 404 43.63 -20.94 -19.47
N SER C 405 44.30 -21.69 -20.35
CA SER C 405 45.43 -22.53 -20.02
C SER C 405 46.63 -21.76 -19.46
N ARG C 406 46.70 -20.45 -19.68
CA ARG C 406 47.73 -19.56 -19.16
C ARG C 406 47.60 -19.33 -17.67
N VAL C 407 46.40 -19.53 -17.10
CA VAL C 407 46.09 -19.30 -15.71
C VAL C 407 45.56 -20.51 -14.94
N ASP C 408 44.72 -21.36 -15.53
CA ASP C 408 44.17 -22.53 -14.88
C ASP C 408 45.08 -23.75 -14.98
N LEU C 409 46.29 -23.62 -14.42
CA LEU C 409 47.30 -24.68 -14.42
C LEU C 409 46.84 -25.90 -13.63
N GLY C 410 45.96 -25.74 -12.64
CA GLY C 410 45.39 -26.81 -11.84
C GLY C 410 44.17 -27.48 -12.46
N ASP C 411 43.68 -26.98 -13.60
CA ASP C 411 42.52 -27.46 -14.33
C ASP C 411 41.22 -27.45 -13.52
N CYS C 412 41.13 -26.62 -12.48
CA CYS C 412 40.00 -26.53 -11.59
C CYS C 412 38.76 -25.91 -12.23
N ILE C 413 38.92 -25.12 -13.30
CA ILE C 413 37.84 -24.52 -14.07
C ILE C 413 37.57 -25.40 -15.28
N GLY C 414 38.62 -25.76 -16.01
CA GLY C 414 38.54 -26.56 -17.22
C GLY C 414 37.89 -27.92 -17.05
N LYS C 415 38.32 -28.73 -16.08
CA LYS C 415 37.77 -30.05 -15.85
C LYS C 415 36.28 -30.05 -15.56
N ASP C 416 35.84 -29.14 -14.68
CA ASP C 416 34.46 -29.00 -14.27
C ASP C 416 33.56 -28.59 -15.44
N ALA C 417 34.05 -27.73 -16.32
CA ALA C 417 33.32 -27.28 -17.50
C ALA C 417 33.06 -28.43 -18.47
N ARG C 418 34.08 -29.22 -18.81
CA ARG C 418 33.96 -30.34 -19.72
C ARG C 418 32.93 -31.36 -19.25
N ASP C 419 32.96 -31.71 -17.96
CA ASP C 419 32.03 -32.65 -17.36
C ASP C 419 30.58 -32.18 -17.43
N ALA C 420 30.33 -30.91 -17.13
CA ALA C 420 29.00 -30.33 -17.16
C ALA C 420 28.42 -30.29 -18.57
N MET C 421 29.19 -29.84 -19.56
CA MET C 421 28.74 -29.80 -20.94
C MET C 421 28.38 -31.18 -21.46
N ASP C 422 29.13 -32.23 -21.11
CA ASP C 422 28.81 -33.58 -21.52
C ASP C 422 27.54 -34.12 -20.88
N ARG C 423 27.30 -33.86 -19.59
CA ARG C 423 26.10 -34.27 -18.90
C ARG C 423 24.86 -33.66 -19.58
N ILE C 424 24.90 -32.37 -19.87
CA ILE C 424 23.82 -31.64 -20.50
C ILE C 424 23.56 -32.16 -21.90
N PHE C 425 24.62 -32.38 -22.70
CA PHE C 425 24.49 -32.87 -24.06
C PHE C 425 23.82 -34.24 -24.09
N ALA C 426 24.26 -35.17 -23.24
CA ALA C 426 23.68 -36.50 -23.15
C ALA C 426 22.22 -36.50 -22.72
N ARG C 427 21.83 -35.61 -21.81
CA ARG C 427 20.48 -35.51 -21.30
C ARG C 427 19.46 -34.94 -22.27
N ARG C 428 19.83 -33.98 -23.12
CA ARG C 428 18.91 -33.29 -24.01
C ARG C 428 19.22 -33.17 -25.48
N TYR C 429 20.50 -33.18 -25.89
CA TYR C 429 20.88 -32.88 -27.27
C TYR C 429 21.39 -34.03 -28.11
N ASN C 430 21.89 -35.12 -27.51
CA ASN C 430 22.46 -36.26 -28.19
C ASN C 430 21.61 -36.84 -29.32
N ALA C 431 20.28 -36.79 -29.22
CA ALA C 431 19.37 -37.32 -30.20
C ALA C 431 18.91 -36.36 -31.29
N THR C 432 19.22 -35.06 -31.21
CA THR C 432 18.72 -34.06 -32.14
C THR C 432 19.70 -33.02 -32.64
N HIS C 433 20.90 -32.91 -32.06
CA HIS C 433 21.92 -31.95 -32.41
C HIS C 433 23.30 -32.58 -32.47
N ILE C 434 24.28 -31.83 -33.01
CA ILE C 434 25.67 -32.19 -33.15
C ILE C 434 26.58 -31.07 -32.63
N LYS C 435 27.75 -31.44 -32.11
CA LYS C 435 28.76 -30.52 -31.62
C LYS C 435 29.52 -29.96 -32.81
N VAL C 436 29.64 -28.63 -32.93
CA VAL C 436 30.30 -28.00 -34.05
C VAL C 436 31.83 -28.01 -33.94
N GLY C 437 32.36 -27.78 -32.74
CA GLY C 437 33.80 -27.75 -32.48
C GLY C 437 34.12 -27.77 -30.99
N GLN C 438 35.38 -27.57 -30.63
CA GLN C 438 35.86 -27.57 -29.26
C GLN C 438 35.38 -26.37 -28.44
N PRO C 439 35.33 -26.47 -27.11
CA PRO C 439 34.92 -25.39 -26.24
C PRO C 439 35.73 -24.11 -26.35
N GLN C 440 35.10 -22.98 -26.02
CA GLN C 440 35.67 -21.65 -26.07
C GLN C 440 35.47 -20.91 -24.75
N TYR C 441 36.37 -20.00 -24.39
CA TYR C 441 36.34 -19.25 -23.15
C TYR C 441 36.34 -17.74 -23.37
N TYR C 442 35.50 -17.00 -22.64
CA TYR C 442 35.35 -15.56 -22.77
C TYR C 442 35.15 -14.86 -21.43
N LEU C 443 35.77 -13.70 -21.21
CA LEU C 443 35.62 -12.90 -20.01
C LEU C 443 34.61 -11.78 -20.24
N ALA C 444 33.41 -11.90 -19.66
CA ALA C 444 32.34 -10.93 -19.81
C ALA C 444 32.43 -9.76 -18.82
N ASN C 445 31.86 -8.62 -19.21
CA ASN C 445 31.80 -7.43 -18.38
C ASN C 445 31.14 -7.74 -17.05
N GLY C 446 31.67 -7.18 -15.96
CA GLY C 446 31.20 -7.43 -14.61
C GLY C 446 32.01 -8.49 -13.86
N GLY C 447 32.94 -9.18 -14.53
CA GLY C 447 33.82 -10.17 -13.93
C GLY C 447 33.33 -11.61 -13.94
N PHE C 448 32.75 -12.07 -15.04
CA PHE C 448 32.30 -13.44 -15.22
C PHE C 448 33.12 -14.14 -16.31
N LEU C 449 33.32 -15.45 -16.18
CA LEU C 449 33.99 -16.27 -17.17
C LEU C 449 32.97 -17.24 -17.74
N ILE C 450 32.82 -17.26 -19.06
CA ILE C 450 31.85 -18.09 -19.76
C ILE C 450 32.54 -19.16 -20.61
N ALA C 451 32.19 -20.42 -20.39
CA ALA C 451 32.64 -21.55 -21.18
C ALA C 451 31.51 -21.89 -22.13
N TYR C 452 31.75 -21.86 -23.45
CA TYR C 452 30.74 -22.06 -24.47
C TYR C 452 31.01 -23.25 -25.40
N GLN C 453 29.93 -23.89 -25.86
CA GLN C 453 29.95 -25.03 -26.77
C GLN C 453 28.87 -24.86 -27.83
N PRO C 454 29.21 -24.47 -29.06
CA PRO C 454 28.23 -24.30 -30.13
C PRO C 454 27.68 -25.62 -30.64
N LEU C 455 26.41 -25.60 -31.07
CA LEU C 455 25.67 -26.73 -31.60
C LEU C 455 24.93 -26.41 -32.89
N LEU C 456 24.54 -27.45 -33.62
CA LEU C 456 23.73 -27.42 -34.82
C LEU C 456 22.67 -28.51 -34.73
N SER C 457 21.42 -28.21 -35.09
CA SER C 457 20.36 -29.19 -35.12
C SER C 457 20.49 -30.06 -36.36
N ASN C 458 20.04 -31.32 -36.30
CA ASN C 458 20.15 -32.23 -37.43
C ASN C 458 19.50 -31.67 -38.70
N THR C 459 18.36 -31.01 -38.55
CA THR C 459 17.59 -30.39 -39.63
C THR C 459 18.34 -29.25 -40.31
N LEU C 460 19.18 -28.51 -39.59
CA LEU C 460 19.97 -27.42 -40.12
C LEU C 460 21.30 -27.92 -40.67
N ALA C 461 21.92 -28.90 -40.02
CA ALA C 461 23.19 -29.46 -40.44
C ALA C 461 23.13 -30.00 -41.86
N GLU C 462 22.04 -30.67 -42.24
CA GLU C 462 21.89 -31.20 -43.58
C GLU C 462 21.84 -30.13 -44.67
N LEU C 463 21.49 -28.89 -44.35
CA LEU C 463 21.50 -27.79 -45.31
C LEU C 463 22.94 -27.44 -45.66
N TYR C 464 23.83 -27.46 -44.68
CA TYR C 464 25.26 -27.24 -44.90
C TYR C 464 25.84 -28.40 -45.69
N VAL C 465 25.38 -29.63 -45.45
CA VAL C 465 25.81 -30.81 -46.17
C VAL C 465 25.44 -30.71 -47.64
N ARG C 466 24.17 -30.44 -47.98
CA ARG C 466 23.76 -30.33 -49.37
C ARG C 466 24.43 -29.16 -50.10
N GLU C 467 24.68 -28.04 -49.42
CA GLU C 467 25.40 -26.93 -50.02
C GLU C 467 26.84 -27.35 -50.32
N HIS C 468 27.50 -28.06 -49.41
CA HIS C 468 28.85 -28.56 -49.62
C HIS C 468 28.88 -29.59 -50.75
N LEU C 469 27.86 -30.44 -50.89
CA LEU C 469 27.76 -31.40 -51.96
C LEU C 469 27.58 -30.71 -53.31
N ARG C 470 26.77 -29.64 -53.40
CA ARG C 470 26.61 -28.87 -54.62
C ARG C 470 27.91 -28.14 -54.96
N GLU C 471 28.58 -27.55 -53.97
CA GLU C 471 29.85 -26.86 -54.12
C GLU C 471 30.93 -27.81 -54.62
N GLN C 472 30.95 -29.05 -54.13
CA GLN C 472 31.86 -30.09 -54.56
C GLN C 472 31.52 -30.62 -55.95
N SER C 473 30.23 -30.68 -56.30
CA SER C 473 29.76 -31.17 -57.59
C SER C 473 30.04 -30.21 -58.74
N ARG C 474 29.92 -28.90 -58.54
CA ARG C 474 30.15 -27.87 -59.53
C ARG C 474 31.62 -27.51 -59.75
N LYS C 475 32.53 -28.19 -59.06
CA LYS C 475 33.97 -28.01 -59.08
C LYS C 475 34.69 -29.33 -59.26
N ILE C 501 32.71 -33.90 -42.28
CA ILE C 501 33.02 -32.54 -42.76
C ILE C 501 33.17 -31.59 -41.59
N GLU C 502 34.12 -30.64 -41.64
CA GLU C 502 34.35 -29.68 -40.59
C GLU C 502 33.35 -28.53 -40.66
N PHE C 503 32.21 -28.69 -39.99
CA PHE C 503 31.15 -27.68 -39.95
C PHE C 503 31.65 -26.33 -39.45
N ALA C 504 32.70 -26.30 -38.63
CA ALA C 504 33.31 -25.09 -38.11
C ALA C 504 33.81 -24.15 -39.21
N ARG C 505 34.10 -24.66 -40.40
CA ARG C 505 34.54 -23.90 -41.56
C ARG C 505 33.39 -23.29 -42.35
N LEU C 506 32.20 -23.88 -42.23
CA LEU C 506 31.01 -23.53 -43.00
C LEU C 506 29.95 -22.72 -42.26
N GLN C 507 29.91 -22.77 -40.93
CA GLN C 507 28.87 -22.18 -40.12
C GLN C 507 28.39 -20.78 -40.46
N PHE C 508 29.24 -19.87 -40.96
CA PHE C 508 28.83 -18.52 -41.29
C PHE C 508 29.12 -18.10 -42.73
N THR C 509 29.35 -19.04 -43.65
CA THR C 509 29.67 -18.72 -45.04
C THR C 509 28.47 -18.63 -45.98
N TYR C 510 27.45 -19.47 -45.82
CA TYR C 510 26.28 -19.51 -46.69
C TYR C 510 25.19 -18.55 -46.23
N ASN C 511 25.23 -17.31 -46.75
CA ASN C 511 24.31 -16.24 -46.42
C ASN C 511 22.84 -16.61 -46.51
N HIS C 512 22.44 -17.36 -47.55
CA HIS C 512 21.05 -17.76 -47.73
C HIS C 512 20.53 -18.69 -46.64
N ILE C 513 21.41 -19.38 -45.90
CA ILE C 513 21.06 -20.22 -44.78
C ILE C 513 21.05 -19.41 -43.50
N GLN C 514 22.03 -18.52 -43.32
CA GLN C 514 22.14 -17.70 -42.12
C GLN C 514 21.03 -16.68 -41.96
N ARG C 515 20.49 -16.10 -43.04
CA ARG C 515 19.44 -15.10 -42.94
C ARG C 515 18.18 -15.63 -42.25
N PRO C 516 17.62 -16.79 -42.64
CA PRO C 516 16.50 -17.39 -41.93
C PRO C 516 16.81 -17.67 -40.46
N VAL C 517 18.04 -18.07 -40.15
CA VAL C 517 18.47 -18.35 -38.79
C VAL C 517 18.53 -17.07 -37.96
N ASN C 518 19.09 -15.98 -38.48
CA ASN C 518 19.16 -14.71 -37.79
C ASN C 518 17.76 -14.20 -37.45
N ASP C 519 16.79 -14.37 -38.36
CA ASP C 519 15.42 -13.98 -38.15
C ASP C 519 14.75 -14.83 -37.08
N MET C 520 14.83 -16.15 -37.21
CA MET C 520 14.24 -17.10 -36.29
C MET C 520 14.77 -16.96 -34.87
N LEU C 521 16.09 -16.96 -34.69
CA LEU C 521 16.71 -16.84 -33.38
C LEU C 521 16.59 -15.44 -32.81
N GLY C 522 16.61 -14.40 -33.65
CA GLY C 522 16.41 -13.03 -33.20
C GLY C 522 15.05 -12.87 -32.54
N ARG C 523 14.01 -13.49 -33.11
CA ARG C 523 12.66 -13.49 -32.57
C ARG C 523 12.59 -14.20 -31.22
N VAL C 524 13.30 -15.31 -31.05
CA VAL C 524 13.36 -16.05 -29.79
C VAL C 524 13.99 -15.20 -28.69
N ALA C 525 15.11 -14.54 -28.99
CA ALA C 525 15.81 -13.69 -28.04
C ALA C 525 14.95 -12.52 -27.56
N ILE C 526 14.18 -11.90 -28.47
CA ILE C 526 13.28 -10.80 -28.14
C ILE C 526 12.15 -11.28 -27.25
N ALA C 527 11.59 -12.47 -27.49
CA ALA C 527 10.53 -13.02 -26.67
C ALA C 527 10.96 -13.19 -25.21
N TRP C 528 12.17 -13.69 -24.98
CA TRP C 528 12.72 -13.86 -23.64
C TRP C 528 12.95 -12.52 -22.94
N CYS C 529 13.44 -11.53 -23.69
CA CYS C 529 13.70 -10.19 -23.18
C CYS C 529 12.45 -9.51 -22.67
N GLU C 530 11.34 -9.56 -23.43
CA GLU C 530 10.07 -8.99 -23.02
C GLU C 530 9.49 -9.69 -21.80
N LEU C 531 9.65 -11.00 -21.69
CA LEU C 531 9.17 -11.79 -20.57
C LEU C 531 9.90 -11.45 -19.28
N CYS C 532 11.23 -11.27 -19.32
CA CYS C 532 12.01 -10.89 -18.16
C CYS C 532 11.57 -9.54 -17.62
N ASN C 533 11.35 -8.54 -18.48
CA ASN C 533 10.90 -7.22 -18.05
C ASN C 533 9.56 -7.28 -17.35
N HIS C 534 8.64 -8.13 -17.81
CA HIS C 534 7.33 -8.28 -17.20
C HIS C 534 7.44 -8.85 -15.79
N GLU C 535 8.18 -9.95 -15.61
CA GLU C 535 8.36 -10.58 -14.31
C GLU C 535 9.14 -9.74 -13.32
N LEU C 536 10.25 -9.10 -13.73
CA LEU C 536 11.03 -8.26 -12.85
C LEU C 536 10.21 -7.09 -12.31
N THR C 537 9.34 -6.51 -13.14
CA THR C 537 8.51 -5.39 -12.75
C THR C 537 7.52 -5.77 -11.64
N LEU C 538 6.87 -6.93 -11.72
CA LEU C 538 5.96 -7.38 -10.68
C LEU C 538 6.70 -7.75 -9.40
N TRP C 539 7.82 -8.48 -9.53
CA TRP C 539 8.59 -8.93 -8.38
C TRP C 539 9.21 -7.78 -7.59
N ASN C 540 9.75 -6.77 -8.26
CA ASN C 540 10.34 -5.61 -7.60
C ASN C 540 9.31 -4.74 -6.88
N GLU C 541 8.02 -4.80 -7.22
CA GLU C 541 7.00 -4.07 -6.51
C GLU C 541 6.55 -4.84 -5.28
N ALA C 542 6.38 -6.16 -5.36
CA ALA C 542 6.03 -6.98 -4.22
C ALA C 542 7.09 -6.93 -3.14
N ARG C 543 8.36 -6.82 -3.52
CA ARG C 543 9.50 -6.70 -2.60
C ARG C 543 9.37 -5.52 -1.65
N LYS C 544 8.77 -4.41 -2.08
CA LYS C 544 8.58 -3.23 -1.25
C LYS C 544 7.46 -3.38 -0.24
N LEU C 545 6.39 -4.12 -0.58
CA LEU C 545 5.26 -4.32 0.30
C LEU C 545 5.53 -5.31 1.42
N ASN C 546 6.29 -6.39 1.15
CA ASN C 546 6.58 -7.43 2.12
C ASN C 546 7.98 -8.02 1.91
N PRO C 547 9.03 -7.39 2.42
CA PRO C 547 10.39 -7.86 2.25
C PRO C 547 10.68 -9.25 2.82
N ASN C 548 10.13 -9.59 4.00
CA ASN C 548 10.37 -10.87 4.63
C ASN C 548 9.89 -12.05 3.81
N ALA C 549 8.69 -11.98 3.23
CA ALA C 549 8.14 -13.06 2.42
C ALA C 549 8.94 -13.27 1.14
N ILE C 550 9.25 -12.20 0.42
CA ILE C 550 10.00 -12.24 -0.83
C ILE C 550 11.41 -12.78 -0.62
N ALA C 551 12.13 -12.29 0.40
CA ALA C 551 13.47 -12.75 0.69
C ALA C 551 13.50 -14.20 1.12
N SER C 552 12.55 -14.65 1.95
CA SER C 552 12.50 -16.02 2.41
C SER C 552 12.30 -17.01 1.27
N VAL C 553 11.50 -16.66 0.26
CA VAL C 553 11.24 -17.50 -0.90
C VAL C 553 12.48 -17.61 -1.79
N THR C 554 13.24 -16.53 -1.96
CA THR C 554 14.45 -16.52 -2.76
C THR C 554 15.59 -17.31 -2.13
N VAL C 555 15.80 -17.18 -0.81
CA VAL C 555 16.87 -17.85 -0.10
C VAL C 555 16.54 -19.27 0.31
N GLY C 556 15.26 -19.63 0.42
CA GLY C 556 14.81 -20.96 0.77
C GLY C 556 14.77 -21.29 2.25
N ARG C 557 14.72 -20.29 3.13
CA ARG C 557 14.66 -20.38 4.57
C ARG C 557 14.13 -19.09 5.17
N ARG C 558 13.64 -19.09 6.42
CA ARG C 558 13.13 -17.90 7.06
C ARG C 558 14.25 -16.92 7.36
N VAL C 559 14.13 -15.69 6.85
CA VAL C 559 15.07 -14.61 7.03
C VAL C 559 14.34 -13.31 7.35
N SER C 560 15.05 -12.37 7.99
CA SER C 560 14.56 -11.04 8.29
C SER C 560 15.17 -10.07 7.30
N ALA C 561 14.40 -9.15 6.72
CA ALA C 561 14.87 -8.21 5.73
C ALA C 561 14.36 -6.79 5.95
N ARG C 562 15.12 -5.80 5.48
CA ARG C 562 14.79 -4.39 5.63
C ARG C 562 15.38 -3.54 4.52
N MET C 563 14.64 -2.55 4.01
CA MET C 563 15.08 -1.68 2.94
C MET C 563 15.80 -0.45 3.49
N LEU C 564 17.11 -0.35 3.28
CA LEU C 564 17.94 0.77 3.71
C LEU C 564 18.08 1.79 2.58
N GLY C 565 16.93 2.24 2.05
CA GLY C 565 16.87 3.14 0.92
C GLY C 565 16.65 2.32 -0.35
N ASP C 566 17.65 2.31 -1.24
CA ASP C 566 17.57 1.63 -2.53
C ASP C 566 18.24 0.26 -2.59
N VAL C 567 18.58 -0.33 -1.44
CA VAL C 567 19.17 -1.65 -1.26
C VAL C 567 18.55 -2.36 -0.08
N MET C 568 18.69 -3.69 0.02
CA MET C 568 18.11 -4.48 1.09
C MET C 568 19.16 -5.12 2.00
N ALA C 569 18.94 -5.07 3.31
CA ALA C 569 19.76 -5.68 4.34
C ALA C 569 19.09 -6.94 4.85
N VAL C 570 19.84 -7.99 5.20
CA VAL C 570 19.29 -9.27 5.63
C VAL C 570 20.03 -9.94 6.78
N SER C 571 19.32 -10.79 7.53
CA SER C 571 19.82 -11.60 8.63
C SER C 571 18.97 -12.83 8.86
N THR C 572 19.44 -13.82 9.63
CA THR C 572 18.72 -15.04 9.91
C THR C 572 17.83 -14.98 11.14
N CYS C 573 16.67 -15.65 11.10
CA CYS C 573 15.75 -15.78 12.21
C CYS C 573 16.08 -17.01 13.03
N VAL C 574 15.68 -17.08 14.30
CA VAL C 574 15.91 -18.21 15.18
C VAL C 574 14.62 -18.93 15.54
N PRO C 575 14.54 -20.26 15.44
CA PRO C 575 13.33 -21.02 15.72
C PRO C 575 13.09 -21.30 17.20
N VAL C 576 11.81 -21.42 17.56
CA VAL C 576 11.27 -21.69 18.88
C VAL C 576 10.23 -22.81 18.78
N ALA C 577 10.31 -23.82 19.66
CA ALA C 577 9.39 -24.93 19.68
C ALA C 577 7.98 -24.54 20.08
N ALA C 578 6.97 -25.16 19.46
CA ALA C 578 5.57 -24.84 19.64
C ALA C 578 5.01 -24.98 21.06
N ASP C 579 5.59 -25.83 21.91
CA ASP C 579 5.14 -26.04 23.28
C ASP C 579 5.74 -25.05 24.27
N ASN C 580 6.74 -24.25 23.89
CA ASN C 580 7.35 -23.24 24.73
C ASN C 580 6.68 -21.88 24.62
N VAL C 581 5.51 -21.78 23.99
CA VAL C 581 4.76 -20.56 23.76
C VAL C 581 3.37 -20.63 24.40
N ILE C 582 2.96 -19.55 25.07
CA ILE C 582 1.69 -19.39 25.76
C ILE C 582 1.03 -18.08 25.33
N VAL C 583 -0.29 -18.11 25.07
CA VAL C 583 -1.09 -16.97 24.65
C VAL C 583 -2.01 -16.50 25.76
N GLN C 584 -2.19 -15.19 25.91
CA GLN C 584 -3.04 -14.59 26.92
C GLN C 584 -4.50 -14.48 26.51
N ASN C 585 -5.42 -14.47 27.48
CA ASN C 585 -6.85 -14.47 27.25
C ASN C 585 -7.53 -13.16 26.83
N SER C 586 -6.90 -11.99 26.97
CA SER C 586 -7.52 -10.72 26.66
C SER C 586 -6.62 -9.76 25.89
N MET C 587 -7.24 -8.98 24.99
CA MET C 587 -6.59 -7.99 24.16
C MET C 587 -6.90 -6.55 24.60
N ARG C 588 -7.66 -6.34 25.67
CA ARG C 588 -8.00 -5.02 26.17
C ARG C 588 -6.90 -4.46 27.07
N ILE C 589 -6.64 -3.16 26.98
CA ILE C 589 -5.66 -2.47 27.79
C ILE C 589 -6.39 -1.86 28.99
N SER C 590 -5.99 -2.22 30.21
CA SER C 590 -6.64 -1.77 31.43
C SER C 590 -6.39 -0.31 31.82
N SER C 591 -5.20 0.23 31.53
CA SER C 591 -4.82 1.59 31.89
C SER C 591 -5.45 2.70 31.07
N ARG C 592 -5.92 2.43 29.85
CA ARG C 592 -6.54 3.39 28.95
C ARG C 592 -7.73 2.74 28.25
N PRO C 593 -8.95 2.88 28.80
CA PRO C 593 -10.16 2.22 28.32
C PRO C 593 -10.51 2.27 26.84
N GLY C 594 -10.09 3.30 26.09
CA GLY C 594 -10.39 3.40 24.67
C GLY C 594 -9.54 2.55 23.74
N ALA C 595 -8.41 2.00 24.21
CA ALA C 595 -7.49 1.24 23.39
C ALA C 595 -7.49 -0.27 23.61
N CYS C 596 -7.13 -1.00 22.56
CA CYS C 596 -7.05 -2.45 22.49
C CYS C 596 -5.86 -2.87 21.63
N TYR C 597 -5.28 -4.06 21.85
CA TYR C 597 -4.19 -4.57 21.05
C TYR C 597 -4.67 -5.09 19.70
N SER C 598 -3.89 -4.94 18.63
CA SER C 598 -4.27 -5.42 17.31
C SER C 598 -4.16 -6.94 17.15
N ARG C 599 -3.13 -7.55 17.74
CA ARG C 599 -2.85 -8.97 17.72
C ARG C 599 -2.60 -9.48 19.13
N PRO C 600 -2.80 -10.76 19.45
CA PRO C 600 -2.68 -11.30 20.79
C PRO C 600 -1.32 -11.17 21.46
N LEU C 601 -1.32 -11.09 22.78
CA LEU C 601 -0.12 -11.06 23.60
C LEU C 601 0.33 -12.48 23.91
N VAL C 602 1.66 -12.70 23.97
CA VAL C 602 2.26 -13.99 24.24
C VAL C 602 3.43 -13.90 25.20
N SER C 603 3.79 -15.07 25.75
CA SER C 603 4.91 -15.31 26.64
C SER C 603 5.61 -16.58 26.19
N PHE C 604 6.95 -16.62 26.16
CA PHE C 604 7.67 -17.78 25.68
C PHE C 604 9.07 -17.93 26.28
N ARG C 605 9.75 -19.03 25.94
CA ARG C 605 11.10 -19.36 26.34
C ARG C 605 11.95 -19.82 25.16
N TYR C 606 13.22 -19.47 25.12
CA TYR C 606 14.13 -19.91 24.07
C TYR C 606 14.58 -21.35 24.25
N GLU C 607 14.67 -21.82 25.50
CA GLU C 607 15.04 -23.16 25.91
C GLU C 607 14.03 -23.69 26.92
N ASP C 608 13.89 -25.01 27.03
CA ASP C 608 12.93 -25.65 27.91
C ASP C 608 13.01 -25.30 29.39
N GLN C 609 14.16 -24.81 29.86
CA GLN C 609 14.40 -24.43 31.25
C GLN C 609 14.71 -22.95 31.47
N GLY C 610 14.67 -22.12 30.42
CA GLY C 610 14.98 -20.70 30.52
C GLY C 610 13.89 -19.83 31.12
N PRO C 611 14.19 -18.56 31.39
CA PRO C 611 13.24 -17.59 31.92
C PRO C 611 12.26 -17.16 30.84
N LEU C 612 11.10 -16.62 31.25
CA LEU C 612 10.08 -16.14 30.33
C LEU C 612 10.41 -14.79 29.72
N VAL C 613 10.00 -14.63 28.45
CA VAL C 613 10.13 -13.45 27.62
C VAL C 613 8.74 -13.04 27.17
N GLU C 614 8.43 -11.74 27.19
CA GLU C 614 7.14 -11.19 26.79
C GLU C 614 7.15 -10.66 25.36
N GLY C 615 6.07 -10.88 24.62
CA GLY C 615 5.95 -10.42 23.24
C GLY C 615 4.52 -10.31 22.73
N GLN C 616 4.38 -10.14 21.41
CA GLN C 616 3.11 -10.04 20.70
C GLN C 616 3.18 -10.91 19.46
N LEU C 617 2.08 -11.58 19.11
CA LEU C 617 2.01 -12.48 17.98
C LEU C 617 1.97 -11.75 16.65
N GLY C 618 2.99 -11.92 15.81
CA GLY C 618 3.06 -11.35 14.48
C GLY C 618 2.44 -12.26 13.43
N GLU C 619 2.61 -11.91 12.15
CA GLU C 619 2.12 -12.69 11.03
C GLU C 619 2.99 -13.91 10.77
N ASN C 620 2.37 -15.01 10.33
CA ASN C 620 3.04 -16.26 9.97
C ASN C 620 4.01 -16.80 11.00
N ASN C 621 3.53 -17.01 12.23
CA ASN C 621 4.26 -17.56 13.37
C ASN C 621 5.45 -16.74 13.87
N GLU C 622 5.57 -15.47 13.50
CA GLU C 622 6.63 -14.61 13.99
C GLU C 622 6.30 -14.09 15.40
N LEU C 623 7.28 -14.05 16.29
CA LEU C 623 7.15 -13.54 17.64
C LEU C 623 7.83 -12.18 17.73
N ARG C 624 7.07 -11.11 17.97
CA ARG C 624 7.59 -9.76 18.11
C ARG C 624 7.84 -9.45 19.57
N LEU C 625 8.89 -8.68 19.90
CA LEU C 625 9.26 -8.34 21.27
C LEU C 625 8.79 -6.97 21.75
N THR C 626 8.15 -6.16 20.90
CA THR C 626 7.79 -4.78 21.17
C THR C 626 6.46 -4.48 21.85
N ARG C 627 5.38 -5.24 21.63
CA ARG C 627 4.05 -4.96 22.16
C ARG C 627 3.56 -3.56 21.82
N ASP C 628 3.66 -3.17 20.54
CA ASP C 628 3.31 -1.85 20.04
C ASP C 628 2.19 -1.78 19.01
N ALA C 629 1.50 -2.88 18.68
CA ALA C 629 0.38 -2.87 17.76
C ALA C 629 -0.90 -2.64 18.54
N ILE C 630 -1.47 -1.43 18.44
CA ILE C 630 -2.64 -0.96 19.16
C ILE C 630 -3.63 -0.25 18.26
N GLU C 631 -4.93 -0.34 18.57
CA GLU C 631 -6.07 0.25 17.88
C GLU C 631 -7.12 0.76 18.84
N PRO C 632 -8.02 1.65 18.43
CA PRO C 632 -9.15 2.07 19.24
C PRO C 632 -10.16 0.92 19.22
N CYS C 633 -10.77 0.58 20.36
CA CYS C 633 -11.69 -0.53 20.45
C CYS C 633 -12.98 -0.32 19.67
N THR C 634 -13.41 -1.32 18.90
CA THR C 634 -14.61 -1.35 18.09
C THR C 634 -15.59 -2.42 18.53
N VAL C 635 -16.88 -2.30 18.19
CA VAL C 635 -17.89 -3.31 18.47
C VAL C 635 -18.05 -4.29 17.32
N GLY C 636 -18.38 -5.55 17.63
CA GLY C 636 -18.56 -6.61 16.66
C GLY C 636 -17.25 -7.23 16.16
N HIS C 637 -16.20 -7.23 16.99
CA HIS C 637 -14.88 -7.74 16.66
C HIS C 637 -14.81 -9.26 16.63
N ARG C 638 -14.28 -9.83 15.54
CA ARG C 638 -14.06 -11.24 15.31
C ARG C 638 -12.74 -11.43 14.58
N ARG C 639 -11.87 -12.36 15.01
CA ARG C 639 -10.58 -12.59 14.37
C ARG C 639 -10.09 -14.02 14.50
N TYR C 640 -9.36 -14.49 13.49
CA TYR C 640 -8.67 -15.76 13.42
C TYR C 640 -7.20 -15.47 13.21
N PHE C 641 -6.32 -15.92 14.11
CA PHE C 641 -4.89 -15.70 14.00
C PHE C 641 -4.15 -17.02 13.84
N THR C 642 -3.19 -17.10 12.92
CA THR C 642 -2.38 -18.28 12.70
C THR C 642 -1.54 -18.56 13.93
N PHE C 643 -1.57 -19.80 14.46
CA PHE C 643 -0.85 -20.15 15.66
C PHE C 643 -0.41 -21.61 15.68
N GLY C 644 0.88 -21.87 15.46
CA GLY C 644 1.51 -23.18 15.53
C GLY C 644 0.86 -24.30 14.74
N GLY C 645 0.57 -24.09 13.46
CA GLY C 645 -0.04 -25.09 12.60
C GLY C 645 -1.56 -25.19 12.65
N GLY C 646 -2.22 -24.26 13.36
CA GLY C 646 -3.66 -24.14 13.49
C GLY C 646 -4.05 -22.68 13.63
N TYR C 647 -5.21 -22.39 14.22
CA TYR C 647 -5.70 -21.04 14.46
C TYR C 647 -6.27 -20.88 15.86
N VAL C 648 -6.23 -19.64 16.37
CA VAL C 648 -6.86 -19.24 17.61
C VAL C 648 -7.95 -18.25 17.25
N TYR C 649 -9.16 -18.43 17.80
CA TYR C 649 -10.30 -17.58 17.55
C TYR C 649 -10.56 -16.64 18.72
N PHE C 650 -10.72 -15.34 18.41
CA PHE C 650 -11.00 -14.28 19.36
C PHE C 650 -12.27 -13.55 18.97
N GLU C 651 -13.07 -13.18 19.96
CA GLU C 651 -14.34 -12.49 19.79
C GLU C 651 -14.52 -11.43 20.86
N GLU C 652 -14.83 -10.20 20.44
CA GLU C 652 -14.99 -9.04 21.31
C GLU C 652 -13.81 -8.83 22.26
N TYR C 653 -12.61 -8.92 21.70
CA TYR C 653 -11.32 -8.78 22.36
C TYR C 653 -10.99 -9.82 23.42
N ALA C 654 -11.64 -10.99 23.42
CA ALA C 654 -11.39 -12.08 24.33
C ALA C 654 -11.25 -13.42 23.62
N TYR C 655 -10.37 -14.29 24.13
CA TYR C 655 -10.12 -15.61 23.59
C TYR C 655 -11.29 -16.57 23.78
N SER C 656 -11.47 -17.53 22.88
CA SER C 656 -12.51 -18.54 23.02
C SER C 656 -12.11 -19.98 22.72
N HIS C 657 -11.50 -20.30 21.59
CA HIS C 657 -11.08 -21.66 21.27
C HIS C 657 -10.07 -21.75 20.14
N GLN C 658 -9.55 -22.95 19.87
CA GLN C 658 -8.60 -23.25 18.82
C GLN C 658 -9.22 -24.11 17.71
N LEU C 659 -8.61 -24.08 16.52
CA LEU C 659 -9.01 -24.83 15.35
C LEU C 659 -7.79 -25.43 14.64
N SER C 660 -7.98 -26.59 14.01
CA SER C 660 -6.98 -27.23 13.20
C SER C 660 -7.02 -26.63 11.79
N ARG C 661 -5.91 -26.63 11.06
CA ARG C 661 -5.90 -26.10 9.70
C ARG C 661 -6.83 -26.87 8.77
N ALA C 662 -7.24 -28.09 9.15
CA ALA C 662 -8.17 -28.92 8.41
C ALA C 662 -9.64 -28.58 8.64
N ASP C 663 -9.98 -27.68 9.56
CA ASP C 663 -11.34 -27.29 9.89
C ASP C 663 -11.93 -26.19 9.01
N ILE C 664 -11.19 -25.66 8.04
CA ILE C 664 -11.60 -24.57 7.17
C ILE C 664 -11.46 -24.95 5.71
N THR C 665 -12.43 -24.54 4.88
CA THR C 665 -12.44 -24.76 3.44
C THR C 665 -11.26 -24.07 2.78
N THR C 666 -10.54 -24.77 1.90
CA THR C 666 -9.36 -24.21 1.24
C THR C 666 -9.60 -23.88 -0.23
N VAL C 667 -9.21 -22.67 -0.64
CA VAL C 667 -9.24 -22.22 -2.02
C VAL C 667 -7.96 -22.76 -2.65
N SER C 668 -7.99 -24.06 -2.95
CA SER C 668 -6.85 -24.83 -3.43
C SER C 668 -6.28 -24.41 -4.79
N THR C 669 -7.15 -24.04 -5.72
CA THR C 669 -6.81 -23.62 -7.08
C THR C 669 -7.07 -22.14 -7.28
N PHE C 670 -6.47 -21.53 -8.31
CA PHE C 670 -6.68 -20.13 -8.62
C PHE C 670 -8.12 -19.83 -9.03
N ILE C 671 -8.87 -20.82 -9.49
CA ILE C 671 -10.27 -20.76 -9.88
C ILE C 671 -11.00 -22.00 -9.38
N ASP C 672 -12.14 -21.84 -8.71
CA ASP C 672 -13.03 -22.88 -8.23
C ASP C 672 -14.41 -22.29 -7.96
N LEU C 673 -15.44 -22.79 -8.65
CA LEU C 673 -16.80 -22.28 -8.62
C LEU C 673 -17.77 -22.91 -7.63
N ASN C 674 -17.42 -24.01 -6.97
CA ASN C 674 -18.28 -24.76 -6.07
C ASN C 674 -18.60 -24.16 -4.71
N ILE C 675 -18.23 -22.92 -4.39
CA ILE C 675 -18.50 -22.31 -3.11
C ILE C 675 -19.98 -21.98 -2.95
N THR C 676 -20.57 -22.31 -1.80
CA THR C 676 -21.96 -22.11 -1.42
C THR C 676 -22.15 -20.99 -0.40
N MET C 677 -21.99 -19.75 -0.88
CA MET C 677 -22.15 -18.52 -0.11
C MET C 677 -23.61 -18.21 0.21
N LEU C 678 -23.82 -17.20 1.06
CA LEU C 678 -25.09 -16.64 1.48
C LEU C 678 -25.12 -15.13 1.28
N GLU C 679 -26.30 -14.51 1.28
CA GLU C 679 -26.43 -13.07 1.23
C GLU C 679 -26.35 -12.55 2.65
N ASP C 680 -25.14 -12.32 3.18
CA ASP C 680 -24.92 -11.87 4.54
C ASP C 680 -25.71 -10.61 4.89
N HIS C 681 -26.21 -10.53 6.12
CA HIS C 681 -27.05 -9.46 6.62
C HIS C 681 -26.65 -9.04 8.03
N GLU C 682 -26.11 -7.83 8.21
CA GLU C 682 -25.61 -7.34 9.48
C GLU C 682 -26.62 -7.21 10.60
N PHE C 683 -26.20 -7.65 11.79
CA PHE C 683 -26.90 -7.64 13.06
C PHE C 683 -26.21 -6.63 13.97
N VAL C 684 -26.33 -5.35 13.61
CA VAL C 684 -25.68 -4.22 14.25
C VAL C 684 -26.05 -3.99 15.71
N PRO C 685 -25.09 -3.81 16.62
CA PRO C 685 -25.36 -3.53 18.02
C PRO C 685 -25.91 -2.12 18.23
N LEU C 686 -26.74 -1.93 19.26
CA LEU C 686 -27.38 -0.66 19.54
C LEU C 686 -26.43 0.46 19.95
N GLU C 687 -25.25 0.15 20.48
CA GLU C 687 -24.24 1.10 20.90
C GLU C 687 -23.72 1.99 19.78
N VAL C 688 -23.85 1.54 18.52
CA VAL C 688 -23.47 2.31 17.34
C VAL C 688 -24.34 3.55 17.18
N TYR C 689 -25.57 3.52 17.69
CA TYR C 689 -26.54 4.60 17.63
C TYR C 689 -26.57 5.43 18.90
N THR C 690 -26.55 4.82 20.08
CA THR C 690 -26.62 5.51 21.36
C THR C 690 -25.33 6.21 21.75
N ARG C 691 -24.23 5.46 21.88
CA ARG C 691 -22.90 5.92 22.25
C ARG C 691 -22.05 6.40 21.09
N HIS C 692 -22.57 6.37 19.86
CA HIS C 692 -21.89 6.71 18.64
C HIS C 692 -20.57 5.95 18.48
N GLU C 693 -20.58 4.68 18.89
CA GLU C 693 -19.46 3.76 18.85
C GLU C 693 -19.10 3.30 17.44
N ILE C 694 -17.84 2.94 17.21
CA ILE C 694 -17.34 2.49 15.93
C ILE C 694 -17.46 0.97 15.73
N LYS C 695 -17.95 0.57 14.55
CA LYS C 695 -18.17 -0.79 14.12
C LYS C 695 -16.95 -1.39 13.44
N ASP C 696 -16.60 -2.63 13.76
CA ASP C 696 -15.48 -3.34 13.17
C ASP C 696 -15.64 -3.55 11.66
N SER C 697 -14.52 -3.59 10.93
CA SER C 697 -14.45 -3.78 9.50
C SER C 697 -13.24 -4.56 9.02
N GLY C 698 -12.64 -5.40 9.85
CA GLY C 698 -11.48 -6.20 9.50
C GLY C 698 -10.22 -5.40 9.21
N LEU C 699 -9.22 -6.04 8.58
CA LEU C 699 -7.96 -5.41 8.21
C LEU C 699 -8.15 -4.40 7.08
N LEU C 700 -7.26 -3.40 7.00
CA LEU C 700 -7.33 -2.34 6.01
C LEU C 700 -6.77 -2.72 4.65
N ASP C 701 -7.58 -2.58 3.59
CA ASP C 701 -7.16 -2.77 2.21
C ASP C 701 -6.62 -1.46 1.65
N TYR C 702 -6.00 -1.47 0.46
CA TYR C 702 -5.38 -0.27 -0.07
C TYR C 702 -6.32 0.91 -0.28
N THR C 703 -7.59 0.67 -0.61
CA THR C 703 -8.56 1.75 -0.80
C THR C 703 -8.93 2.37 0.54
N GLU C 704 -9.10 1.56 1.58
CA GLU C 704 -9.42 2.06 2.91
C GLU C 704 -8.26 2.83 3.52
N VAL C 705 -7.02 2.40 3.30
CA VAL C 705 -5.84 3.08 3.78
C VAL C 705 -5.78 4.50 3.22
N GLN C 706 -5.88 4.68 1.90
CA GLN C 706 -5.84 6.02 1.34
C GLN C 706 -7.05 6.85 1.73
N ARG C 707 -8.21 6.25 2.02
CA ARG C 707 -9.38 6.97 2.48
C ARG C 707 -9.12 7.59 3.86
N ARG C 708 -8.47 6.88 4.78
CA ARG C 708 -8.13 7.39 6.09
C ARG C 708 -7.01 8.43 6.04
N VAL C 709 -6.00 8.27 5.19
CA VAL C 709 -4.94 9.25 5.07
C VAL C 709 -5.52 10.60 4.65
N GLN C 710 -6.47 10.62 3.70
CA GLN C 710 -7.11 11.84 3.27
C GLN C 710 -8.04 12.44 4.32
N LEU C 711 -8.54 11.64 5.26
CA LEU C 711 -9.38 12.11 6.35
C LEU C 711 -8.54 12.80 7.41
N HIS C 712 -7.32 12.30 7.69
CA HIS C 712 -6.43 12.90 8.66
C HIS C 712 -5.86 14.22 8.18
N ASP C 713 -5.49 14.37 6.90
CA ASP C 713 -4.97 15.63 6.43
C ASP C 713 -6.04 16.72 6.36
N LEU C 714 -7.33 16.36 6.39
CA LEU C 714 -8.44 17.29 6.48
C LEU C 714 -8.53 17.83 7.90
N ARG C 715 -8.33 16.98 8.92
CA ARG C 715 -8.35 17.38 10.31
C ARG C 715 -7.20 18.34 10.64
N PHE C 716 -5.99 18.07 10.12
CA PHE C 716 -4.88 18.97 10.33
C PHE C 716 -5.12 20.32 9.65
N ALA C 717 -5.77 20.36 8.49
CA ALA C 717 -6.08 21.61 7.81
C ALA C 717 -7.06 22.46 8.63
N ASP C 718 -8.03 21.83 9.30
CA ASP C 718 -8.97 22.53 10.15
C ASP C 718 -8.30 23.10 11.39
N ILE C 719 -7.29 22.41 11.94
CA ILE C 719 -6.52 22.88 13.08
C ILE C 719 -5.66 24.07 12.67
N ASP C 720 -4.99 24.01 11.52
CA ASP C 720 -4.18 25.09 10.99
C ASP C 720 -5.00 26.35 10.77
N THR C 721 -6.22 26.20 10.24
CA THR C 721 -7.14 27.29 9.98
C THR C 721 -7.48 28.03 11.26
N VAL C 722 -7.69 27.31 12.37
CA VAL C 722 -8.01 27.86 13.66
C VAL C 722 -6.85 28.59 14.32
N ILE C 723 -5.62 28.09 14.24
CA ILE C 723 -4.47 28.73 14.85
C ILE C 723 -3.90 29.88 14.03
N HIS C 724 -4.00 29.87 12.69
CA HIS C 724 -3.53 30.95 11.85
C HIS C 724 -4.41 32.18 11.98
N ALA C 725 -5.73 31.99 12.06
CA ALA C 725 -6.70 33.06 12.25
C ALA C 725 -6.82 33.47 13.71
N ASP C 726 -7.51 34.58 13.98
CA ASP C 726 -7.74 35.10 15.32
C ASP C 726 -9.06 35.85 15.41
N ALA C 727 -9.59 36.02 16.62
CA ALA C 727 -10.86 36.66 16.89
C ALA C 727 -11.02 38.09 16.39
N ASN C 728 -9.94 38.85 16.25
CA ASN C 728 -10.01 40.23 15.80
C ASN C 728 -10.29 40.36 14.31
N ALA C 729 -10.01 39.32 13.51
CA ALA C 729 -10.25 39.33 12.09
C ALA C 729 -11.71 39.60 11.74
N ALA C 730 -12.65 39.03 12.49
CA ALA C 730 -14.06 39.23 12.31
C ALA C 730 -14.48 40.67 12.59
N MET C 731 -13.88 41.28 13.61
CA MET C 731 -14.12 42.67 14.00
C MET C 731 -13.59 43.61 12.94
N PHE C 732 -12.35 43.44 12.50
CA PHE C 732 -11.74 44.26 11.47
C PHE C 732 -12.50 44.17 10.16
N ALA C 733 -12.97 42.99 9.77
CA ALA C 733 -13.77 42.79 8.57
C ALA C 733 -15.11 43.50 8.68
N GLY C 734 -15.77 43.43 9.83
CA GLY C 734 -17.04 44.09 10.09
C GLY C 734 -16.93 45.60 10.01
N LEU C 735 -15.83 46.17 10.53
CA LEU C 735 -15.54 47.59 10.48
C LEU C 735 -15.23 48.03 9.05
N GLY C 736 -14.37 47.30 8.34
CA GLY C 736 -13.99 47.61 6.98
C GLY C 736 -15.18 47.63 6.02
N ALA C 737 -16.10 46.67 6.17
CA ALA C 737 -17.31 46.56 5.38
C ALA C 737 -18.25 47.74 5.57
N PHE C 738 -18.23 48.38 6.74
CA PHE C 738 -19.02 49.56 7.04
C PHE C 738 -18.40 50.82 6.44
N PHE C 739 -17.09 51.02 6.61
CA PHE C 739 -16.38 52.18 6.12
C PHE C 739 -16.29 52.27 4.60
N GLU C 740 -16.11 51.16 3.88
CA GLU C 740 -16.06 51.19 2.43
C GLU C 740 -17.36 51.62 1.77
N GLY C 741 -18.48 51.58 2.51
CA GLY C 741 -19.81 51.93 2.05
C GLY C 741 -20.12 53.42 1.93
N MET C 742 -19.22 54.32 2.33
CA MET C 742 -19.43 55.76 2.26
C MET C 742 -18.26 56.54 1.65
N GLY C 743 -17.58 55.93 0.68
CA GLY C 743 -16.51 56.52 -0.11
C GLY C 743 -15.34 57.13 0.65
N ASP C 744 -14.87 58.29 0.16
CA ASP C 744 -13.75 59.04 0.72
C ASP C 744 -13.93 59.42 2.17
N LEU C 745 -15.15 59.82 2.58
CA LEU C 745 -15.46 60.13 3.97
C LEU C 745 -15.32 58.88 4.81
N GLY C 746 -15.76 57.73 4.28
CA GLY C 746 -15.65 56.43 4.92
C GLY C 746 -14.20 56.04 5.15
N ARG C 747 -13.31 56.28 4.18
CA ARG C 747 -11.89 56.03 4.31
C ARG C 747 -11.23 56.98 5.28
N ALA C 748 -11.59 58.26 5.26
CA ALA C 748 -11.06 59.28 6.15
C ALA C 748 -11.32 58.98 7.61
N VAL C 749 -12.48 58.41 7.94
CA VAL C 749 -12.84 57.99 9.29
C VAL C 749 -12.26 56.61 9.59
N GLY C 750 -12.40 55.66 8.65
CA GLY C 750 -11.92 54.30 8.79
C GLY C 750 -10.43 54.17 9.09
N LYS C 751 -9.58 55.00 8.47
CA LYS C 751 -8.15 54.98 8.67
C LYS C 751 -7.73 55.33 10.10
N VAL C 752 -8.43 56.25 10.76
CA VAL C 752 -8.15 56.63 12.14
C VAL C 752 -8.79 55.63 13.11
N VAL C 753 -9.98 55.14 12.80
CA VAL C 753 -10.67 54.14 13.61
C VAL C 753 -9.86 52.86 13.69
N MET C 754 -9.32 52.38 12.56
CA MET C 754 -8.48 51.20 12.51
C MET C 754 -7.22 51.37 13.35
N GLY C 755 -6.68 52.59 13.42
CA GLY C 755 -5.50 52.94 14.19
C GLY C 755 -5.73 52.86 15.70
N ILE C 756 -6.83 53.44 16.20
CA ILE C 756 -7.14 53.41 17.62
C ILE C 756 -7.55 52.01 18.08
N VAL C 757 -8.33 51.27 17.30
CA VAL C 757 -8.71 49.91 17.63
C VAL C 757 -7.47 49.03 17.70
N GLY C 758 -6.50 49.23 16.81
CA GLY C 758 -5.22 48.52 16.83
C GLY C 758 -4.47 48.78 18.13
N GLY C 759 -4.54 50.01 18.65
CA GLY C 759 -3.94 50.40 19.90
C GLY C 759 -4.58 49.69 21.09
N VAL C 760 -5.91 49.53 21.08
CA VAL C 760 -6.65 48.84 22.12
C VAL C 760 -6.31 47.36 22.17
N VAL C 761 -6.44 46.64 21.05
CA VAL C 761 -6.17 45.20 21.04
C VAL C 761 -4.71 44.88 21.36
N SER C 762 -3.76 45.70 20.93
CA SER C 762 -2.35 45.50 21.24
C SER C 762 -2.06 45.75 22.70
N ALA C 763 -2.69 46.76 23.33
CA ALA C 763 -2.54 47.05 24.74
C ALA C 763 -3.08 45.91 25.60
N VAL C 764 -4.27 45.42 25.28
CA VAL C 764 -4.91 44.31 25.97
C VAL C 764 -4.06 43.06 25.84
N SER C 765 -3.50 42.81 24.66
CA SER C 765 -2.62 41.67 24.42
C SER C 765 -1.37 41.75 25.27
N GLY C 766 -0.77 42.94 25.41
CA GLY C 766 0.43 43.17 26.20
C GLY C 766 0.26 42.79 27.66
N VAL C 767 -0.80 43.27 28.32
CA VAL C 767 -1.07 42.95 29.70
C VAL C 767 -1.46 41.49 29.89
N SER C 768 -2.12 40.88 28.90
CA SER C 768 -2.48 39.48 28.93
C SER C 768 -1.23 38.61 28.90
N SER C 769 -0.28 38.91 28.01
CA SER C 769 0.98 38.20 27.89
C SER C 769 1.85 38.33 29.13
N PHE C 770 1.82 39.46 29.83
CA PHE C 770 2.59 39.68 31.04
C PHE C 770 2.23 38.66 32.14
N MET C 771 0.95 38.33 32.25
CA MET C 771 0.44 37.37 33.23
C MET C 771 0.81 35.93 32.94
N SER C 772 1.46 35.61 31.82
CA SER C 772 1.91 34.27 31.51
C SER C 772 3.07 33.85 32.42
N ASN C 773 3.86 34.81 32.89
CA ASN C 773 4.98 34.61 33.79
C ASN C 773 4.46 34.50 35.22
N PRO C 774 4.87 33.50 36.02
CA PRO C 774 4.43 33.34 37.39
C PRO C 774 4.66 34.57 38.26
N PHE C 775 5.77 35.29 38.10
CA PHE C 775 6.06 36.49 38.84
C PHE C 775 5.11 37.62 38.44
N GLY C 776 4.74 37.70 37.17
CA GLY C 776 3.81 38.69 36.65
C GLY C 776 2.40 38.44 37.19
N ALA C 777 1.97 37.17 37.16
CA ALA C 777 0.69 36.75 37.71
C ALA C 777 0.61 37.00 39.21
N LEU C 778 1.71 36.73 39.93
CA LEU C 778 1.79 36.96 41.36
C LEU C 778 1.76 38.45 41.70
N ALA C 779 2.49 39.30 40.98
CA ALA C 779 2.53 40.73 41.21
C ALA C 779 1.16 41.37 41.16
N VAL C 780 0.36 41.07 40.13
CA VAL C 780 -0.99 41.59 40.02
C VAL C 780 -1.91 40.98 41.06
N GLY C 781 -1.66 39.72 41.45
CA GLY C 781 -2.40 39.02 42.49
C GLY C 781 -2.23 39.66 43.85
N LEU C 782 -0.99 40.05 44.19
CA LEU C 782 -0.66 40.72 45.43
C LEU C 782 -1.25 42.13 45.48
N LEU C 783 -1.23 42.83 44.34
CA LEU C 783 -1.79 44.18 44.24
C LEU C 783 -3.30 44.18 44.49
N VAL C 784 -4.05 43.29 43.84
CA VAL C 784 -5.48 43.23 44.05
C VAL C 784 -5.83 42.78 45.46
N LEU C 785 -5.07 41.85 46.04
CA LEU C 785 -5.26 41.38 47.41
C LEU C 785 -5.09 42.54 48.39
N ALA C 786 -4.04 43.35 48.22
CA ALA C 786 -3.79 44.52 49.04
C ALA C 786 -4.91 45.54 48.90
N GLY C 787 -5.42 45.72 47.68
CA GLY C 787 -6.53 46.61 47.38
C GLY C 787 -7.80 46.22 48.13
N LEU C 788 -8.13 44.93 48.15
CA LEU C 788 -9.29 44.41 48.86
C LEU C 788 -9.14 44.63 50.37
N ALA C 789 -7.96 44.36 50.92
CA ALA C 789 -7.68 44.56 52.33
C ALA C 789 -7.85 46.03 52.73
N ALA C 790 -7.33 46.94 51.92
CA ALA C 790 -7.45 48.38 52.13
C ALA C 790 -8.90 48.84 52.05
N ALA C 791 -9.64 48.36 51.04
CA ALA C 791 -11.03 48.70 50.83
C ALA C 791 -11.92 48.26 51.99
N PHE C 792 -11.84 47.00 52.42
CA PHE C 792 -12.65 46.52 53.52
C PHE C 792 -12.28 47.19 54.84
N PHE C 793 -11.00 47.49 55.08
CA PHE C 793 -10.59 48.19 56.28
C PHE C 793 -11.19 49.60 56.31
N ALA C 794 -11.05 50.36 55.21
CA ALA C 794 -11.58 51.70 55.10
C ALA C 794 -13.09 51.72 55.20
N PHE C 795 -13.79 50.76 54.59
CA PHE C 795 -15.24 50.65 54.65
C PHE C 795 -15.70 50.41 56.08
N ARG C 796 -15.09 49.48 56.81
CA ARG C 796 -15.40 49.20 58.20
C ARG C 796 -15.09 50.43 59.06
N TYR C 797 -14.03 51.17 58.76
CA TYR C 797 -13.67 52.37 59.49
C TYR C 797 -14.72 53.47 59.31
N VAL C 798 -15.12 53.80 58.08
CA VAL C 798 -16.15 54.80 57.87
C VAL C 798 -17.49 54.36 58.46
N MET C 799 -17.73 53.05 58.59
CA MET C 799 -18.94 52.54 59.22
C MET C 799 -18.96 52.92 60.69
N ARG C 800 -17.80 53.01 61.36
CA ARG C 800 -17.69 53.47 62.73
C ARG C 800 -18.08 54.93 62.81
N LEU C 801 -17.57 55.75 61.89
CA LEU C 801 -17.85 57.17 61.79
C LEU C 801 -19.33 57.44 61.51
N GLN C 802 -19.96 56.57 60.71
CA GLN C 802 -21.37 56.63 60.40
C GLN C 802 -22.22 56.26 61.60
N SER C 803 -21.75 55.33 62.44
CA SER C 803 -22.40 54.86 63.64
C SER C 803 -22.31 55.86 64.80
N ASN C 804 -21.17 56.52 64.99
CA ASN C 804 -20.93 57.50 66.05
C ASN C 804 -20.08 58.66 65.56
N PRO C 805 -20.41 59.91 65.89
CA PRO C 805 -19.69 61.08 65.43
C PRO C 805 -18.31 61.31 66.04
N MET C 806 -17.86 60.53 67.03
CA MET C 806 -16.58 60.71 67.67
C MET C 806 -15.77 59.43 67.89
N LYS C 807 -16.42 58.35 68.34
CA LYS C 807 -15.81 57.07 68.65
C LYS C 807 -15.36 56.29 67.43
#